data_1DCZ
# 
_entry.id   1DCZ 
# 
_audit_conform.dict_name       mmcif_pdbx.dic 
_audit_conform.dict_version    5.392 
_audit_conform.dict_location   http://mmcif.pdb.org/dictionaries/ascii/mmcif_pdbx.dic 
# 
loop_
_database_2.database_id 
_database_2.database_code 
_database_2.pdbx_database_accession 
_database_2.pdbx_DOI 
PDB   1DCZ         pdb_00001dcz 10.2210/pdb1dcz/pdb 
RCSB  RCSB009980   ?            ?                   
WWPDB D_1000009980 ?            ?                   
# 
loop_
_pdbx_audit_revision_history.ordinal 
_pdbx_audit_revision_history.data_content_type 
_pdbx_audit_revision_history.major_revision 
_pdbx_audit_revision_history.minor_revision 
_pdbx_audit_revision_history.revision_date 
1 'Structure model' 1 0 2000-05-10 
2 'Structure model' 1 1 2008-04-27 
3 'Structure model' 1 2 2011-07-13 
4 'Structure model' 1 3 2022-02-16 
5 'Structure model' 1 4 2024-05-22 
# 
_pdbx_audit_revision_details.ordinal             1 
_pdbx_audit_revision_details.revision_ordinal    1 
_pdbx_audit_revision_details.data_content_type   'Structure model' 
_pdbx_audit_revision_details.provider            repository 
_pdbx_audit_revision_details.type                'Initial release' 
_pdbx_audit_revision_details.description         ? 
_pdbx_audit_revision_details.details             ? 
# 
loop_
_pdbx_audit_revision_group.ordinal 
_pdbx_audit_revision_group.revision_ordinal 
_pdbx_audit_revision_group.data_content_type 
_pdbx_audit_revision_group.group 
1 2 'Structure model' 'Version format compliance' 
2 3 'Structure model' 'Version format compliance' 
3 4 'Structure model' 'Data collection'           
4 4 'Structure model' 'Database references'       
5 4 'Structure model' 'Derived calculations'      
6 5 'Structure model' 'Data collection'           
# 
loop_
_pdbx_audit_revision_category.ordinal 
_pdbx_audit_revision_category.revision_ordinal 
_pdbx_audit_revision_category.data_content_type 
_pdbx_audit_revision_category.category 
1 4 'Structure model' database_2            
2 4 'Structure model' pdbx_nmr_software     
3 4 'Structure model' pdbx_struct_assembly  
4 4 'Structure model' pdbx_struct_oper_list 
5 5 'Structure model' chem_comp_atom        
6 5 'Structure model' chem_comp_bond        
# 
loop_
_pdbx_audit_revision_item.ordinal 
_pdbx_audit_revision_item.revision_ordinal 
_pdbx_audit_revision_item.data_content_type 
_pdbx_audit_revision_item.item 
1 4 'Structure model' '_database_2.pdbx_DOI'                
2 4 'Structure model' '_database_2.pdbx_database_accession' 
3 4 'Structure model' '_pdbx_nmr_software.name'             
# 
_pdbx_database_status.status_code                     REL 
_pdbx_database_status.entry_id                        1DCZ 
_pdbx_database_status.recvd_initial_deposition_date   1999-11-05 
_pdbx_database_status.deposit_site                    RCSB 
_pdbx_database_status.process_site                    RCSB 
_pdbx_database_status.status_code_mr                  REL 
_pdbx_database_status.SG_entry                        . 
_pdbx_database_status.pdb_format_compatible           Y 
_pdbx_database_status.status_code_sf                  ? 
_pdbx_database_status.status_code_cs                  ? 
_pdbx_database_status.status_code_nmr_data            ? 
_pdbx_database_status.methods_development_category    ? 
# 
_pdbx_database_related.db_name        PDB 
_pdbx_database_related.db_id          1DD2 
_pdbx_database_related.details        'ENSEMBLE OF 32 STRUCTURES' 
_pdbx_database_related.content_type   unspecified 
# 
loop_
_audit_author.name 
_audit_author.pdbx_ordinal 
'Reddy, D.V.'      1 
'Shenoy, B.C.'     2 
'Carey, P.R.'      3 
'Sonnichsen, F.D.' 4 
# 
loop_
_citation.id 
_citation.title 
_citation.journal_abbrev 
_citation.journal_volume 
_citation.page_first 
_citation.page_last 
_citation.year 
_citation.journal_id_ASTM 
_citation.country 
_citation.journal_id_ISSN 
_citation.journal_id_CSD 
_citation.book_publisher 
_citation.pdbx_database_id_PubMed 
_citation.pdbx_database_id_DOI 
primary 'High resolution solution structure of the 1.3S subunit of transcarboxylase from Propionibacterium shermanii.' 
Biochemistry   39 2509  2516  2000 BICHAW US 0006-2960 0033 ? 10704200 10.1021/bi9925367 
1       'Structural Characterization of the Entire 1.3S Subunit of Transcarboxylase from Propionibacterium shermanii'  
'Protein Sci.' 7  2156  2163  1998 PRCIEI US 0961-8368 0795 ? ?        ?                 
2       'Absence of Observable Biotin-Protein Interactions in the 1.3S Subunit of Transcarboxylase: An NMR Study'      
Biochemistry   36 14676 14682 1997 BICHAW US 0006-2960 0033 ? ?        10.1021/bi971674y 
# 
loop_
_citation_author.citation_id 
_citation_author.name 
_citation_author.ordinal 
_citation_author.identifier_ORCID 
primary 'Reddy, D.V.'      1  ? 
primary 'Shenoy, B.C.'     2  ? 
primary 'Carey, P.R.'      3  ? 
primary 'Sonnichsen, F.D.' 4  ? 
1       'Reddy, D.V.'      5  ? 
1       'Rothemund, S.'    6  ? 
1       'Shenoy, B.C.'     7  ? 
1       'Carey, P.R.'      8  ? 
1       'Sonnichsen, F.D.' 9  ? 
2       'Reddy, D.V.'      10 ? 
2       'Shenoy, B.C.'     11 ? 
2       'Carey, P.R.'      12 ? 
2       'Sonnichsen, F.D.' 13 ? 
# 
_entity.id                         1 
_entity.type                       polymer 
_entity.src_method                 man 
_entity.pdbx_description           'TRANSCARBOXYLASE 1.3S SUBUNIT' 
_entity.formula_weight             7822.057 
_entity.pdbx_number_of_molecules   1 
_entity.pdbx_ec                    2.1.3.1 
_entity.pdbx_mutation              ? 
_entity.pdbx_fragment              ? 
_entity.details                    ? 
# 
_entity_poly.entity_id                      1 
_entity_poly.type                           'polypeptide(L)' 
_entity_poly.nstd_linkage                   no 
_entity_poly.nstd_monomer                   no 
_entity_poly.pdbx_seq_one_letter_code       AGAGKAGEGEIPAPLAGTVSKILVKEGDTVKAGQTVLVLEAMKMETEINAPTDGKVEKVLVKERDAVQGGQGLIKIG 
_entity_poly.pdbx_seq_one_letter_code_can   AGAGKAGEGEIPAPLAGTVSKILVKEGDTVKAGQTVLVLEAMKMETEINAPTDGKVEKVLVKERDAVQGGQGLIKIG 
_entity_poly.pdbx_strand_id                 A 
_entity_poly.pdbx_target_identifier         ? 
# 
loop_
_entity_poly_seq.entity_id 
_entity_poly_seq.num 
_entity_poly_seq.mon_id 
_entity_poly_seq.hetero 
1 1  ALA n 
1 2  GLY n 
1 3  ALA n 
1 4  GLY n 
1 5  LYS n 
1 6  ALA n 
1 7  GLY n 
1 8  GLU n 
1 9  GLY n 
1 10 GLU n 
1 11 ILE n 
1 12 PRO n 
1 13 ALA n 
1 14 PRO n 
1 15 LEU n 
1 16 ALA n 
1 17 GLY n 
1 18 THR n 
1 19 VAL n 
1 20 SER n 
1 21 LYS n 
1 22 ILE n 
1 23 LEU n 
1 24 VAL n 
1 25 LYS n 
1 26 GLU n 
1 27 GLY n 
1 28 ASP n 
1 29 THR n 
1 30 VAL n 
1 31 LYS n 
1 32 ALA n 
1 33 GLY n 
1 34 GLN n 
1 35 THR n 
1 36 VAL n 
1 37 LEU n 
1 38 VAL n 
1 39 LEU n 
1 40 GLU n 
1 41 ALA n 
1 42 MET n 
1 43 LYS n 
1 44 MET n 
1 45 GLU n 
1 46 THR n 
1 47 GLU n 
1 48 ILE n 
1 49 ASN n 
1 50 ALA n 
1 51 PRO n 
1 52 THR n 
1 53 ASP n 
1 54 GLY n 
1 55 LYS n 
1 56 VAL n 
1 57 GLU n 
1 58 LYS n 
1 59 VAL n 
1 60 LEU n 
1 61 VAL n 
1 62 LYS n 
1 63 GLU n 
1 64 ARG n 
1 65 ASP n 
1 66 ALA n 
1 67 VAL n 
1 68 GLN n 
1 69 GLY n 
1 70 GLY n 
1 71 GLN n 
1 72 GLY n 
1 73 LEU n 
1 74 ILE n 
1 75 LYS n 
1 76 ILE n 
1 77 GLY n 
# 
_entity_src_gen.entity_id                          1 
_entity_src_gen.pdbx_src_id                        1 
_entity_src_gen.pdbx_alt_source_flag               sample 
_entity_src_gen.pdbx_seq_type                      ? 
_entity_src_gen.pdbx_beg_seq_num                   ? 
_entity_src_gen.pdbx_end_seq_num                   ? 
_entity_src_gen.gene_src_common_name               ? 
_entity_src_gen.gene_src_genus                     Propionibacterium 
_entity_src_gen.pdbx_gene_src_gene                 ? 
_entity_src_gen.gene_src_species                   'Propionibacterium freudenreichii' 
_entity_src_gen.gene_src_strain                    'subsp. shermanii' 
_entity_src_gen.gene_src_tissue                    ? 
_entity_src_gen.gene_src_tissue_fraction           ? 
_entity_src_gen.gene_src_details                   ? 
_entity_src_gen.pdbx_gene_src_fragment             ? 
_entity_src_gen.pdbx_gene_src_scientific_name      'Propionibacterium freudenreichii subsp. shermanii' 
_entity_src_gen.pdbx_gene_src_ncbi_taxonomy_id     1752 
_entity_src_gen.pdbx_gene_src_variant              ? 
_entity_src_gen.pdbx_gene_src_cell_line            ? 
_entity_src_gen.pdbx_gene_src_atcc                 ? 
_entity_src_gen.pdbx_gene_src_organ                ? 
_entity_src_gen.pdbx_gene_src_organelle            ? 
_entity_src_gen.pdbx_gene_src_cell                 ? 
_entity_src_gen.pdbx_gene_src_cellular_location    ? 
_entity_src_gen.host_org_common_name               ? 
_entity_src_gen.pdbx_host_org_scientific_name      'Escherichia coli' 
_entity_src_gen.pdbx_host_org_ncbi_taxonomy_id     562 
_entity_src_gen.host_org_genus                     Escherichia 
_entity_src_gen.pdbx_host_org_gene                 ? 
_entity_src_gen.pdbx_host_org_organ                ? 
_entity_src_gen.host_org_species                   ? 
_entity_src_gen.pdbx_host_org_tissue               ? 
_entity_src_gen.pdbx_host_org_tissue_fraction      ? 
_entity_src_gen.pdbx_host_org_strain               HB101 
_entity_src_gen.pdbx_host_org_variant              ? 
_entity_src_gen.pdbx_host_org_cell_line            ? 
_entity_src_gen.pdbx_host_org_atcc                 ? 
_entity_src_gen.pdbx_host_org_culture_collection   ? 
_entity_src_gen.pdbx_host_org_cell                 ? 
_entity_src_gen.pdbx_host_org_organelle            ? 
_entity_src_gen.pdbx_host_org_cellular_location    ? 
_entity_src_gen.pdbx_host_org_vector_type          ? 
_entity_src_gen.pdbx_host_org_vector               PET20B 
_entity_src_gen.host_org_details                   ? 
_entity_src_gen.expression_system_id               ? 
_entity_src_gen.plasmid_name                       ? 
_entity_src_gen.plasmid_details                    ? 
_entity_src_gen.pdbx_description                   ? 
# 
loop_
_chem_comp.id 
_chem_comp.type 
_chem_comp.mon_nstd_flag 
_chem_comp.name 
_chem_comp.pdbx_synonyms 
_chem_comp.formula 
_chem_comp.formula_weight 
ALA 'L-peptide linking' y ALANINE         ? 'C3 H7 N O2'     89.093  
ARG 'L-peptide linking' y ARGININE        ? 'C6 H15 N4 O2 1' 175.209 
ASN 'L-peptide linking' y ASPARAGINE      ? 'C4 H8 N2 O3'    132.118 
ASP 'L-peptide linking' y 'ASPARTIC ACID' ? 'C4 H7 N O4'     133.103 
GLN 'L-peptide linking' y GLUTAMINE       ? 'C5 H10 N2 O3'   146.144 
GLU 'L-peptide linking' y 'GLUTAMIC ACID' ? 'C5 H9 N O4'     147.129 
GLY 'peptide linking'   y GLYCINE         ? 'C2 H5 N O2'     75.067  
ILE 'L-peptide linking' y ISOLEUCINE      ? 'C6 H13 N O2'    131.173 
LEU 'L-peptide linking' y LEUCINE         ? 'C6 H13 N O2'    131.173 
LYS 'L-peptide linking' y LYSINE          ? 'C6 H15 N2 O2 1' 147.195 
MET 'L-peptide linking' y METHIONINE      ? 'C5 H11 N O2 S'  149.211 
PRO 'L-peptide linking' y PROLINE         ? 'C5 H9 N O2'     115.130 
SER 'L-peptide linking' y SERINE          ? 'C3 H7 N O3'     105.093 
THR 'L-peptide linking' y THREONINE       ? 'C4 H9 N O3'     119.119 
VAL 'L-peptide linking' y VALINE          ? 'C5 H11 N O2'    117.146 
# 
loop_
_pdbx_poly_seq_scheme.asym_id 
_pdbx_poly_seq_scheme.entity_id 
_pdbx_poly_seq_scheme.seq_id 
_pdbx_poly_seq_scheme.mon_id 
_pdbx_poly_seq_scheme.ndb_seq_num 
_pdbx_poly_seq_scheme.pdb_seq_num 
_pdbx_poly_seq_scheme.auth_seq_num 
_pdbx_poly_seq_scheme.pdb_mon_id 
_pdbx_poly_seq_scheme.auth_mon_id 
_pdbx_poly_seq_scheme.pdb_strand_id 
_pdbx_poly_seq_scheme.pdb_ins_code 
_pdbx_poly_seq_scheme.hetero 
A 1 1  ALA 1  47  47  ALA ALA A . n 
A 1 2  GLY 2  48  48  GLY GLY A . n 
A 1 3  ALA 3  49  49  ALA ALA A . n 
A 1 4  GLY 4  50  50  GLY GLY A . n 
A 1 5  LYS 5  51  51  LYS LYS A . n 
A 1 6  ALA 6  52  52  ALA ALA A . n 
A 1 7  GLY 7  53  53  GLY GLY A . n 
A 1 8  GLU 8  54  54  GLU GLU A . n 
A 1 9  GLY 9  55  55  GLY GLY A . n 
A 1 10 GLU 10 56  56  GLU GLU A . n 
A 1 11 ILE 11 57  57  ILE ILE A . n 
A 1 12 PRO 12 58  58  PRO PRO A . n 
A 1 13 ALA 13 59  59  ALA ALA A . n 
A 1 14 PRO 14 60  60  PRO PRO A . n 
A 1 15 LEU 15 61  61  LEU LEU A . n 
A 1 16 ALA 16 62  62  ALA ALA A . n 
A 1 17 GLY 17 63  63  GLY GLY A . n 
A 1 18 THR 18 64  64  THR THR A . n 
A 1 19 VAL 19 65  65  VAL VAL A . n 
A 1 20 SER 20 66  66  SER SER A . n 
A 1 21 LYS 21 67  67  LYS LYS A . n 
A 1 22 ILE 22 68  68  ILE ILE A . n 
A 1 23 LEU 23 69  69  LEU LEU A . n 
A 1 24 VAL 24 70  70  VAL VAL A . n 
A 1 25 LYS 25 71  71  LYS LYS A . n 
A 1 26 GLU 26 72  72  GLU GLU A . n 
A 1 27 GLY 27 73  73  GLY GLY A . n 
A 1 28 ASP 28 74  74  ASP ASP A . n 
A 1 29 THR 29 75  75  THR THR A . n 
A 1 30 VAL 30 76  76  VAL VAL A . n 
A 1 31 LYS 31 77  77  LYS LYS A . n 
A 1 32 ALA 32 78  78  ALA ALA A . n 
A 1 33 GLY 33 79  79  GLY GLY A . n 
A 1 34 GLN 34 80  80  GLN GLN A . n 
A 1 35 THR 35 81  81  THR THR A . n 
A 1 36 VAL 36 82  82  VAL VAL A . n 
A 1 37 LEU 37 83  83  LEU LEU A . n 
A 1 38 VAL 38 84  84  VAL VAL A . n 
A 1 39 LEU 39 85  85  LEU LEU A . n 
A 1 40 GLU 40 86  86  GLU GLU A . n 
A 1 41 ALA 41 87  87  ALA ALA A . n 
A 1 42 MET 42 88  88  MET MET A . n 
A 1 43 LYS 43 89  89  LYS LYS A . n 
A 1 44 MET 44 90  90  MET MET A . n 
A 1 45 GLU 45 91  91  GLU GLU A . n 
A 1 46 THR 46 92  92  THR THR A . n 
A 1 47 GLU 47 93  93  GLU GLU A . n 
A 1 48 ILE 48 94  94  ILE ILE A . n 
A 1 49 ASN 49 95  95  ASN ASN A . n 
A 1 50 ALA 50 96  96  ALA ALA A . n 
A 1 51 PRO 51 97  97  PRO PRO A . n 
A 1 52 THR 52 98  98  THR THR A . n 
A 1 53 ASP 53 99  99  ASP ASP A . n 
A 1 54 GLY 54 100 100 GLY GLY A . n 
A 1 55 LYS 55 101 101 LYS LYS A . n 
A 1 56 VAL 56 102 102 VAL VAL A . n 
A 1 57 GLU 57 103 103 GLU GLU A . n 
A 1 58 LYS 58 104 104 LYS LYS A . n 
A 1 59 VAL 59 105 105 VAL VAL A . n 
A 1 60 LEU 60 106 106 LEU LEU A . n 
A 1 61 VAL 61 107 107 VAL VAL A . n 
A 1 62 LYS 62 108 108 LYS LYS A . n 
A 1 63 GLU 63 109 109 GLU GLU A . n 
A 1 64 ARG 64 110 110 ARG ARG A . n 
A 1 65 ASP 65 111 111 ASP ASP A . n 
A 1 66 ALA 66 112 112 ALA ALA A . n 
A 1 67 VAL 67 113 113 VAL VAL A . n 
A 1 68 GLN 68 114 114 GLN GLN A . n 
A 1 69 GLY 69 115 115 GLY GLY A . n 
A 1 70 GLY 70 116 116 GLY GLY A . n 
A 1 71 GLN 71 117 117 GLN GLN A . n 
A 1 72 GLY 72 118 118 GLY GLY A . n 
A 1 73 LEU 73 119 119 LEU LEU A . n 
A 1 74 ILE 74 120 120 ILE ILE A . n 
A 1 75 LYS 75 121 121 LYS LYS A . n 
A 1 76 ILE 76 122 122 ILE ILE A . n 
A 1 77 GLY 77 123 123 GLY GLY A . n 
# 
_cell.entry_id           1DCZ 
_cell.length_a           1.000 
_cell.length_b           1.000 
_cell.length_c           1.000 
_cell.angle_alpha        90.00 
_cell.angle_beta         90.00 
_cell.angle_gamma        90.00 
_cell.Z_PDB              1 
_cell.pdbx_unique_axis   ? 
# 
_symmetry.entry_id                         1DCZ 
_symmetry.space_group_name_H-M             'P 1' 
_symmetry.pdbx_full_space_group_name_H-M   ? 
_symmetry.cell_setting                     ? 
_symmetry.Int_Tables_number                1 
# 
_exptl.entry_id          1DCZ 
_exptl.method            'SOLUTION NMR' 
_exptl.crystals_number   ? 
# 
_struct.entry_id                  1DCZ 
_struct.title                     'BIOTIN CARBOXYL CARRIER DOMAIN OF TRANSCARBOXYLASE (TC 1.3S)' 
_struct.pdbx_model_details        ? 
_struct.pdbx_CASP_flag            ? 
_struct.pdbx_model_type_details   'minimized average' 
# 
_struct_keywords.entry_id        1DCZ 
_struct_keywords.pdbx_keywords   TRANSFERASE 
_struct_keywords.text            'ANTIPARALLEL BETA SHEET, HAMMERHEAD, BIOCYTIN, TRANSFERASE' 
# 
_struct_asym.id                            A 
_struct_asym.pdbx_blank_PDB_chainid_flag   N 
_struct_asym.pdbx_modified                 N 
_struct_asym.entity_id                     1 
_struct_asym.details                       ? 
# 
_struct_ref.id                         1 
_struct_ref.db_name                    UNP 
_struct_ref.db_code                    BCCP_PROFR 
_struct_ref.entity_id                  1 
_struct_ref.pdbx_db_accession          P02904 
_struct_ref.pdbx_align_begin           ? 
_struct_ref.pdbx_seq_one_letter_code   ? 
_struct_ref.pdbx_db_isoform            ? 
# 
_struct_ref_seq.align_id                      1 
_struct_ref_seq.ref_id                        1 
_struct_ref_seq.pdbx_PDB_id_code              1DCZ 
_struct_ref_seq.pdbx_strand_id                A 
_struct_ref_seq.seq_align_beg                 1 
_struct_ref_seq.pdbx_seq_align_beg_ins_code   ? 
_struct_ref_seq.seq_align_end                 77 
_struct_ref_seq.pdbx_seq_align_end_ins_code   ? 
_struct_ref_seq.pdbx_db_accession             P02904 
_struct_ref_seq.db_align_beg                  47 
_struct_ref_seq.pdbx_db_align_beg_ins_code    ? 
_struct_ref_seq.db_align_end                  123 
_struct_ref_seq.pdbx_db_align_end_ins_code    ? 
_struct_ref_seq.pdbx_auth_seq_align_beg       47 
_struct_ref_seq.pdbx_auth_seq_align_end       123 
# 
_pdbx_struct_assembly.id                   1 
_pdbx_struct_assembly.details              author_defined_assembly 
_pdbx_struct_assembly.method_details       ? 
_pdbx_struct_assembly.oligomeric_details   monomeric 
_pdbx_struct_assembly.oligomeric_count     1 
# 
_pdbx_struct_assembly_gen.assembly_id       1 
_pdbx_struct_assembly_gen.oper_expression   1 
_pdbx_struct_assembly_gen.asym_id_list      A 
# 
_pdbx_struct_oper_list.id                   1 
_pdbx_struct_oper_list.type                 'identity operation' 
_pdbx_struct_oper_list.name                 1_555 
_pdbx_struct_oper_list.symmetry_operation   x,y,z 
_pdbx_struct_oper_list.matrix[1][1]         1.0000000000 
_pdbx_struct_oper_list.matrix[1][2]         0.0000000000 
_pdbx_struct_oper_list.matrix[1][3]         0.0000000000 
_pdbx_struct_oper_list.vector[1]            0.0000000000 
_pdbx_struct_oper_list.matrix[2][1]         0.0000000000 
_pdbx_struct_oper_list.matrix[2][2]         1.0000000000 
_pdbx_struct_oper_list.matrix[2][3]         0.0000000000 
_pdbx_struct_oper_list.vector[2]            0.0000000000 
_pdbx_struct_oper_list.matrix[3][1]         0.0000000000 
_pdbx_struct_oper_list.matrix[3][2]         0.0000000000 
_pdbx_struct_oper_list.matrix[3][3]         1.0000000000 
_pdbx_struct_oper_list.vector[3]            0.0000000000 
# 
_struct_biol.id   1 
# 
loop_
_struct_sheet.id 
_struct_sheet.type 
_struct_sheet.number_strands 
_struct_sheet.details 
A ? 4 ? 
B ? 3 ? 
# 
loop_
_struct_sheet_order.sheet_id 
_struct_sheet_order.range_id_1 
_struct_sheet_order.range_id_2 
_struct_sheet_order.offset 
_struct_sheet_order.sense 
A 1 2 ? anti-parallel 
A 2 3 ? anti-parallel 
A 3 4 ? anti-parallel 
B 1 2 ? anti-parallel 
B 2 3 ? anti-parallel 
# 
loop_
_struct_sheet_range.sheet_id 
_struct_sheet_range.id 
_struct_sheet_range.beg_label_comp_id 
_struct_sheet_range.beg_label_asym_id 
_struct_sheet_range.beg_label_seq_id 
_struct_sheet_range.pdbx_beg_PDB_ins_code 
_struct_sheet_range.end_label_comp_id 
_struct_sheet_range.end_label_asym_id 
_struct_sheet_range.end_label_seq_id 
_struct_sheet_range.pdbx_end_PDB_ins_code 
_struct_sheet_range.beg_auth_comp_id 
_struct_sheet_range.beg_auth_asym_id 
_struct_sheet_range.beg_auth_seq_id 
_struct_sheet_range.end_auth_comp_id 
_struct_sheet_range.end_auth_asym_id 
_struct_sheet_range.end_auth_seq_id 
A 1 GLU A 10 ? PRO A 12 ? GLU A 56  PRO A 58  
A 2 GLY A 72 ? ILE A 76 ? GLY A 118 ILE A 122 
A 3 GLY A 54 ? VAL A 59 ? GLY A 100 VAL A 105 
A 4 THR A 29 ? VAL A 30 ? THR A 75  VAL A 76  
B 1 THR A 18 ? ILE A 22 ? THR A 64  ILE A 68  
B 2 THR A 35 ? ALA A 41 ? THR A 81  ALA A 87  
B 3 MET A 44 ? ASN A 49 ? MET A 90  ASN A 95  
# 
loop_
_pdbx_struct_sheet_hbond.sheet_id 
_pdbx_struct_sheet_hbond.range_id_1 
_pdbx_struct_sheet_hbond.range_id_2 
_pdbx_struct_sheet_hbond.range_1_label_atom_id 
_pdbx_struct_sheet_hbond.range_1_label_comp_id 
_pdbx_struct_sheet_hbond.range_1_label_asym_id 
_pdbx_struct_sheet_hbond.range_1_label_seq_id 
_pdbx_struct_sheet_hbond.range_1_PDB_ins_code 
_pdbx_struct_sheet_hbond.range_1_auth_atom_id 
_pdbx_struct_sheet_hbond.range_1_auth_comp_id 
_pdbx_struct_sheet_hbond.range_1_auth_asym_id 
_pdbx_struct_sheet_hbond.range_1_auth_seq_id 
_pdbx_struct_sheet_hbond.range_2_label_atom_id 
_pdbx_struct_sheet_hbond.range_2_label_comp_id 
_pdbx_struct_sheet_hbond.range_2_label_asym_id 
_pdbx_struct_sheet_hbond.range_2_label_seq_id 
_pdbx_struct_sheet_hbond.range_2_PDB_ins_code 
_pdbx_struct_sheet_hbond.range_2_auth_atom_id 
_pdbx_struct_sheet_hbond.range_2_auth_comp_id 
_pdbx_struct_sheet_hbond.range_2_auth_asym_id 
_pdbx_struct_sheet_hbond.range_2_auth_seq_id 
A 1 2 O ILE A 11 ? O ILE A 57  N LEU A 73 ? N LEU A 119 
A 2 3 O LYS A 75 ? O LYS A 121 N GLU A 57 ? N GLU A 103 
A 3 4 O GLY A 54 ? O GLY A 100 N VAL A 30 ? N VAL A 76  
B 1 2 O LYS A 21 ? O LYS A 67  N VAL A 38 ? N VAL A 84  
B 2 3 N ALA A 41 ? N ALA A 87  O MET A 44 ? O MET A 90  
# 
loop_
_pdbx_validate_torsion.id 
_pdbx_validate_torsion.PDB_model_num 
_pdbx_validate_torsion.auth_comp_id 
_pdbx_validate_torsion.auth_asym_id 
_pdbx_validate_torsion.auth_seq_id 
_pdbx_validate_torsion.PDB_ins_code 
_pdbx_validate_torsion.label_alt_id 
_pdbx_validate_torsion.phi 
_pdbx_validate_torsion.psi 
1 1 GLU A 72 ? ? -59.32 101.93 
2 1 ALA A 78 ? ? -60.18 98.35  
# 
_pdbx_validate_planes.id              1 
_pdbx_validate_planes.PDB_model_num   1 
_pdbx_validate_planes.auth_comp_id    ARG 
_pdbx_validate_planes.auth_asym_id    A 
_pdbx_validate_planes.auth_seq_id     110 
_pdbx_validate_planes.PDB_ins_code    ? 
_pdbx_validate_planes.label_alt_id    ? 
_pdbx_validate_planes.rmsd            0.260 
_pdbx_validate_planes.type            'SIDE CHAIN' 
# 
_pdbx_nmr_ensemble.entry_id                                      1DCZ 
_pdbx_nmr_ensemble.conformers_calculated_total_number            50 
_pdbx_nmr_ensemble.conformers_submitted_total_number             1 
_pdbx_nmr_ensemble.conformer_selection_criteria                  'structures with acceptable covalent geometry' 
_pdbx_nmr_ensemble.average_constraints_per_residue               ? 
_pdbx_nmr_ensemble.average_constraint_violations_per_residue     ? 
_pdbx_nmr_ensemble.maximum_distance_constraint_violation         ? 
_pdbx_nmr_ensemble.average_distance_constraint_violation         ? 
_pdbx_nmr_ensemble.maximum_upper_distance_constraint_violation   ? 
_pdbx_nmr_ensemble.maximum_lower_distance_constraint_violation   ? 
_pdbx_nmr_ensemble.distance_constraint_violation_method          ? 
_pdbx_nmr_ensemble.maximum_torsion_angle_constraint_violation    ? 
_pdbx_nmr_ensemble.average_torsion_angle_constraint_violation    ? 
_pdbx_nmr_ensemble.torsion_angle_constraint_violation_method     ? 
# 
_pdbx_nmr_representative.entry_id             1DCZ 
_pdbx_nmr_representative.conformer_id         1 
_pdbx_nmr_representative.selection_criteria   'minimized average structure' 
# 
loop_
_pdbx_nmr_sample_details.solution_id 
_pdbx_nmr_sample_details.contents 
_pdbx_nmr_sample_details.solvent_system 
1 
;2 MM PROTEIN, N15/C13 LABELED TC 1.3S 1-123, BIOTIN (UNLABELED) COVALENTLY 
ATTACHED TO LYS 89
;
? 
2 
;2 MM PROTEIN,N15/C13 LABELED, TC 1.3S 1-123, BIOTIN (UNLABELED) COVALENTLY 
ATTACHED TO LYS 89
;
? 
3 
;2MM PROTEIN, N15 LABELED, TC 1.3S 1-123, BIOTIN (UNLABELED) COVALENTLY 
ATTACHED TO LYS 89
;
? 
# 
_pdbx_nmr_exptl_sample_conditions.conditions_id       1 
_pdbx_nmr_exptl_sample_conditions.temperature         20 
_pdbx_nmr_exptl_sample_conditions.pressure            1 
_pdbx_nmr_exptl_sample_conditions.pH                  6.7 
_pdbx_nmr_exptl_sample_conditions.ionic_strength      0 
_pdbx_nmr_exptl_sample_conditions.pressure_units      atm 
_pdbx_nmr_exptl_sample_conditions.temperature_units   K 
# 
loop_
_pdbx_nmr_exptl.experiment_id 
_pdbx_nmr_exptl.conditions_id 
_pdbx_nmr_exptl.type 
_pdbx_nmr_exptl.solution_id 
1 1 3D_13C-SEPARATED_NOESY 1 
2 1 3D_15N-SEPARATED_NOESY 1 
3 1 HNHA                   1 
4 1 4D_13C-SEPARATED_NOESY 2 
5 1 3D_15N-SEPARATED_NOESY 3 
# 
_pdbx_nmr_details.entry_id   1DCZ 
_pdbx_nmr_details.text       
;BIOTIN ATTACHED TO LYS 89 WAS OMITTED FROM COORDINATES. RESIDUES 1-46 APPEARED 
UNSTRUCTURED, OMITTED FROM CALCULATIONS AND COORDINATES.
;
# 
_pdbx_nmr_refine.entry_id           1DCZ 
_pdbx_nmr_refine.method             'DISTANCE GEOMETRY/SIMULATED ANNEALING HYBRID METHOD' 
_pdbx_nmr_refine.details            'DG_SUB_EMBED, DGSA, REFINE WITH DIRECT J-REFINEMENT' 
_pdbx_nmr_refine.software_ordinal   1 
# 
loop_
_pdbx_nmr_software.classification 
_pdbx_nmr_software.name 
_pdbx_nmr_software.version 
_pdbx_nmr_software.authors 
_pdbx_nmr_software.ordinal 
processing           NMRPipe SGI6X.M4 DELAGLIO 1 
'data analysis'      PIPP    3.7.3    GARRET   2 
'structure solution' X-PLOR  3.81     BRUNGER  3 
refinement           X-PLOR  3.81     BRUNGER  4 
# 
loop_
_chem_comp_atom.comp_id 
_chem_comp_atom.atom_id 
_chem_comp_atom.type_symbol 
_chem_comp_atom.pdbx_aromatic_flag 
_chem_comp_atom.pdbx_stereo_config 
_chem_comp_atom.pdbx_ordinal 
ALA N    N N N 1   
ALA CA   C N S 2   
ALA C    C N N 3   
ALA O    O N N 4   
ALA CB   C N N 5   
ALA OXT  O N N 6   
ALA H    H N N 7   
ALA H2   H N N 8   
ALA HA   H N N 9   
ALA HB1  H N N 10  
ALA HB2  H N N 11  
ALA HB3  H N N 12  
ALA HXT  H N N 13  
ARG N    N N N 14  
ARG CA   C N S 15  
ARG C    C N N 16  
ARG O    O N N 17  
ARG CB   C N N 18  
ARG CG   C N N 19  
ARG CD   C N N 20  
ARG NE   N N N 21  
ARG CZ   C N N 22  
ARG NH1  N N N 23  
ARG NH2  N N N 24  
ARG OXT  O N N 25  
ARG H    H N N 26  
ARG H2   H N N 27  
ARG HA   H N N 28  
ARG HB2  H N N 29  
ARG HB3  H N N 30  
ARG HG2  H N N 31  
ARG HG3  H N N 32  
ARG HD2  H N N 33  
ARG HD3  H N N 34  
ARG HE   H N N 35  
ARG HH11 H N N 36  
ARG HH12 H N N 37  
ARG HH21 H N N 38  
ARG HH22 H N N 39  
ARG HXT  H N N 40  
ASN N    N N N 41  
ASN CA   C N S 42  
ASN C    C N N 43  
ASN O    O N N 44  
ASN CB   C N N 45  
ASN CG   C N N 46  
ASN OD1  O N N 47  
ASN ND2  N N N 48  
ASN OXT  O N N 49  
ASN H    H N N 50  
ASN H2   H N N 51  
ASN HA   H N N 52  
ASN HB2  H N N 53  
ASN HB3  H N N 54  
ASN HD21 H N N 55  
ASN HD22 H N N 56  
ASN HXT  H N N 57  
ASP N    N N N 58  
ASP CA   C N S 59  
ASP C    C N N 60  
ASP O    O N N 61  
ASP CB   C N N 62  
ASP CG   C N N 63  
ASP OD1  O N N 64  
ASP OD2  O N N 65  
ASP OXT  O N N 66  
ASP H    H N N 67  
ASP H2   H N N 68  
ASP HA   H N N 69  
ASP HB2  H N N 70  
ASP HB3  H N N 71  
ASP HD2  H N N 72  
ASP HXT  H N N 73  
GLN N    N N N 74  
GLN CA   C N S 75  
GLN C    C N N 76  
GLN O    O N N 77  
GLN CB   C N N 78  
GLN CG   C N N 79  
GLN CD   C N N 80  
GLN OE1  O N N 81  
GLN NE2  N N N 82  
GLN OXT  O N N 83  
GLN H    H N N 84  
GLN H2   H N N 85  
GLN HA   H N N 86  
GLN HB2  H N N 87  
GLN HB3  H N N 88  
GLN HG2  H N N 89  
GLN HG3  H N N 90  
GLN HE21 H N N 91  
GLN HE22 H N N 92  
GLN HXT  H N N 93  
GLU N    N N N 94  
GLU CA   C N S 95  
GLU C    C N N 96  
GLU O    O N N 97  
GLU CB   C N N 98  
GLU CG   C N N 99  
GLU CD   C N N 100 
GLU OE1  O N N 101 
GLU OE2  O N N 102 
GLU OXT  O N N 103 
GLU H    H N N 104 
GLU H2   H N N 105 
GLU HA   H N N 106 
GLU HB2  H N N 107 
GLU HB3  H N N 108 
GLU HG2  H N N 109 
GLU HG3  H N N 110 
GLU HE2  H N N 111 
GLU HXT  H N N 112 
GLY N    N N N 113 
GLY CA   C N N 114 
GLY C    C N N 115 
GLY O    O N N 116 
GLY OXT  O N N 117 
GLY H    H N N 118 
GLY H2   H N N 119 
GLY HA2  H N N 120 
GLY HA3  H N N 121 
GLY HXT  H N N 122 
ILE N    N N N 123 
ILE CA   C N S 124 
ILE C    C N N 125 
ILE O    O N N 126 
ILE CB   C N S 127 
ILE CG1  C N N 128 
ILE CG2  C N N 129 
ILE CD1  C N N 130 
ILE OXT  O N N 131 
ILE H    H N N 132 
ILE H2   H N N 133 
ILE HA   H N N 134 
ILE HB   H N N 135 
ILE HG12 H N N 136 
ILE HG13 H N N 137 
ILE HG21 H N N 138 
ILE HG22 H N N 139 
ILE HG23 H N N 140 
ILE HD11 H N N 141 
ILE HD12 H N N 142 
ILE HD13 H N N 143 
ILE HXT  H N N 144 
LEU N    N N N 145 
LEU CA   C N S 146 
LEU C    C N N 147 
LEU O    O N N 148 
LEU CB   C N N 149 
LEU CG   C N N 150 
LEU CD1  C N N 151 
LEU CD2  C N N 152 
LEU OXT  O N N 153 
LEU H    H N N 154 
LEU H2   H N N 155 
LEU HA   H N N 156 
LEU HB2  H N N 157 
LEU HB3  H N N 158 
LEU HG   H N N 159 
LEU HD11 H N N 160 
LEU HD12 H N N 161 
LEU HD13 H N N 162 
LEU HD21 H N N 163 
LEU HD22 H N N 164 
LEU HD23 H N N 165 
LEU HXT  H N N 166 
LYS N    N N N 167 
LYS CA   C N S 168 
LYS C    C N N 169 
LYS O    O N N 170 
LYS CB   C N N 171 
LYS CG   C N N 172 
LYS CD   C N N 173 
LYS CE   C N N 174 
LYS NZ   N N N 175 
LYS OXT  O N N 176 
LYS H    H N N 177 
LYS H2   H N N 178 
LYS HA   H N N 179 
LYS HB2  H N N 180 
LYS HB3  H N N 181 
LYS HG2  H N N 182 
LYS HG3  H N N 183 
LYS HD2  H N N 184 
LYS HD3  H N N 185 
LYS HE2  H N N 186 
LYS HE3  H N N 187 
LYS HZ1  H N N 188 
LYS HZ2  H N N 189 
LYS HZ3  H N N 190 
LYS HXT  H N N 191 
MET N    N N N 192 
MET CA   C N S 193 
MET C    C N N 194 
MET O    O N N 195 
MET CB   C N N 196 
MET CG   C N N 197 
MET SD   S N N 198 
MET CE   C N N 199 
MET OXT  O N N 200 
MET H    H N N 201 
MET H2   H N N 202 
MET HA   H N N 203 
MET HB2  H N N 204 
MET HB3  H N N 205 
MET HG2  H N N 206 
MET HG3  H N N 207 
MET HE1  H N N 208 
MET HE2  H N N 209 
MET HE3  H N N 210 
MET HXT  H N N 211 
PRO N    N N N 212 
PRO CA   C N S 213 
PRO C    C N N 214 
PRO O    O N N 215 
PRO CB   C N N 216 
PRO CG   C N N 217 
PRO CD   C N N 218 
PRO OXT  O N N 219 
PRO H    H N N 220 
PRO HA   H N N 221 
PRO HB2  H N N 222 
PRO HB3  H N N 223 
PRO HG2  H N N 224 
PRO HG3  H N N 225 
PRO HD2  H N N 226 
PRO HD3  H N N 227 
PRO HXT  H N N 228 
SER N    N N N 229 
SER CA   C N S 230 
SER C    C N N 231 
SER O    O N N 232 
SER CB   C N N 233 
SER OG   O N N 234 
SER OXT  O N N 235 
SER H    H N N 236 
SER H2   H N N 237 
SER HA   H N N 238 
SER HB2  H N N 239 
SER HB3  H N N 240 
SER HG   H N N 241 
SER HXT  H N N 242 
THR N    N N N 243 
THR CA   C N S 244 
THR C    C N N 245 
THR O    O N N 246 
THR CB   C N R 247 
THR OG1  O N N 248 
THR CG2  C N N 249 
THR OXT  O N N 250 
THR H    H N N 251 
THR H2   H N N 252 
THR HA   H N N 253 
THR HB   H N N 254 
THR HG1  H N N 255 
THR HG21 H N N 256 
THR HG22 H N N 257 
THR HG23 H N N 258 
THR HXT  H N N 259 
VAL N    N N N 260 
VAL CA   C N S 261 
VAL C    C N N 262 
VAL O    O N N 263 
VAL CB   C N N 264 
VAL CG1  C N N 265 
VAL CG2  C N N 266 
VAL OXT  O N N 267 
VAL H    H N N 268 
VAL H2   H N N 269 
VAL HA   H N N 270 
VAL HB   H N N 271 
VAL HG11 H N N 272 
VAL HG12 H N N 273 
VAL HG13 H N N 274 
VAL HG21 H N N 275 
VAL HG22 H N N 276 
VAL HG23 H N N 277 
VAL HXT  H N N 278 
# 
loop_
_chem_comp_bond.comp_id 
_chem_comp_bond.atom_id_1 
_chem_comp_bond.atom_id_2 
_chem_comp_bond.value_order 
_chem_comp_bond.pdbx_aromatic_flag 
_chem_comp_bond.pdbx_stereo_config 
_chem_comp_bond.pdbx_ordinal 
ALA N   CA   sing N N 1   
ALA N   H    sing N N 2   
ALA N   H2   sing N N 3   
ALA CA  C    sing N N 4   
ALA CA  CB   sing N N 5   
ALA CA  HA   sing N N 6   
ALA C   O    doub N N 7   
ALA C   OXT  sing N N 8   
ALA CB  HB1  sing N N 9   
ALA CB  HB2  sing N N 10  
ALA CB  HB3  sing N N 11  
ALA OXT HXT  sing N N 12  
ARG N   CA   sing N N 13  
ARG N   H    sing N N 14  
ARG N   H2   sing N N 15  
ARG CA  C    sing N N 16  
ARG CA  CB   sing N N 17  
ARG CA  HA   sing N N 18  
ARG C   O    doub N N 19  
ARG C   OXT  sing N N 20  
ARG CB  CG   sing N N 21  
ARG CB  HB2  sing N N 22  
ARG CB  HB3  sing N N 23  
ARG CG  CD   sing N N 24  
ARG CG  HG2  sing N N 25  
ARG CG  HG3  sing N N 26  
ARG CD  NE   sing N N 27  
ARG CD  HD2  sing N N 28  
ARG CD  HD3  sing N N 29  
ARG NE  CZ   sing N N 30  
ARG NE  HE   sing N N 31  
ARG CZ  NH1  sing N N 32  
ARG CZ  NH2  doub N N 33  
ARG NH1 HH11 sing N N 34  
ARG NH1 HH12 sing N N 35  
ARG NH2 HH21 sing N N 36  
ARG NH2 HH22 sing N N 37  
ARG OXT HXT  sing N N 38  
ASN N   CA   sing N N 39  
ASN N   H    sing N N 40  
ASN N   H2   sing N N 41  
ASN CA  C    sing N N 42  
ASN CA  CB   sing N N 43  
ASN CA  HA   sing N N 44  
ASN C   O    doub N N 45  
ASN C   OXT  sing N N 46  
ASN CB  CG   sing N N 47  
ASN CB  HB2  sing N N 48  
ASN CB  HB3  sing N N 49  
ASN CG  OD1  doub N N 50  
ASN CG  ND2  sing N N 51  
ASN ND2 HD21 sing N N 52  
ASN ND2 HD22 sing N N 53  
ASN OXT HXT  sing N N 54  
ASP N   CA   sing N N 55  
ASP N   H    sing N N 56  
ASP N   H2   sing N N 57  
ASP CA  C    sing N N 58  
ASP CA  CB   sing N N 59  
ASP CA  HA   sing N N 60  
ASP C   O    doub N N 61  
ASP C   OXT  sing N N 62  
ASP CB  CG   sing N N 63  
ASP CB  HB2  sing N N 64  
ASP CB  HB3  sing N N 65  
ASP CG  OD1  doub N N 66  
ASP CG  OD2  sing N N 67  
ASP OD2 HD2  sing N N 68  
ASP OXT HXT  sing N N 69  
GLN N   CA   sing N N 70  
GLN N   H    sing N N 71  
GLN N   H2   sing N N 72  
GLN CA  C    sing N N 73  
GLN CA  CB   sing N N 74  
GLN CA  HA   sing N N 75  
GLN C   O    doub N N 76  
GLN C   OXT  sing N N 77  
GLN CB  CG   sing N N 78  
GLN CB  HB2  sing N N 79  
GLN CB  HB3  sing N N 80  
GLN CG  CD   sing N N 81  
GLN CG  HG2  sing N N 82  
GLN CG  HG3  sing N N 83  
GLN CD  OE1  doub N N 84  
GLN CD  NE2  sing N N 85  
GLN NE2 HE21 sing N N 86  
GLN NE2 HE22 sing N N 87  
GLN OXT HXT  sing N N 88  
GLU N   CA   sing N N 89  
GLU N   H    sing N N 90  
GLU N   H2   sing N N 91  
GLU CA  C    sing N N 92  
GLU CA  CB   sing N N 93  
GLU CA  HA   sing N N 94  
GLU C   O    doub N N 95  
GLU C   OXT  sing N N 96  
GLU CB  CG   sing N N 97  
GLU CB  HB2  sing N N 98  
GLU CB  HB3  sing N N 99  
GLU CG  CD   sing N N 100 
GLU CG  HG2  sing N N 101 
GLU CG  HG3  sing N N 102 
GLU CD  OE1  doub N N 103 
GLU CD  OE2  sing N N 104 
GLU OE2 HE2  sing N N 105 
GLU OXT HXT  sing N N 106 
GLY N   CA   sing N N 107 
GLY N   H    sing N N 108 
GLY N   H2   sing N N 109 
GLY CA  C    sing N N 110 
GLY CA  HA2  sing N N 111 
GLY CA  HA3  sing N N 112 
GLY C   O    doub N N 113 
GLY C   OXT  sing N N 114 
GLY OXT HXT  sing N N 115 
ILE N   CA   sing N N 116 
ILE N   H    sing N N 117 
ILE N   H2   sing N N 118 
ILE CA  C    sing N N 119 
ILE CA  CB   sing N N 120 
ILE CA  HA   sing N N 121 
ILE C   O    doub N N 122 
ILE C   OXT  sing N N 123 
ILE CB  CG1  sing N N 124 
ILE CB  CG2  sing N N 125 
ILE CB  HB   sing N N 126 
ILE CG1 CD1  sing N N 127 
ILE CG1 HG12 sing N N 128 
ILE CG1 HG13 sing N N 129 
ILE CG2 HG21 sing N N 130 
ILE CG2 HG22 sing N N 131 
ILE CG2 HG23 sing N N 132 
ILE CD1 HD11 sing N N 133 
ILE CD1 HD12 sing N N 134 
ILE CD1 HD13 sing N N 135 
ILE OXT HXT  sing N N 136 
LEU N   CA   sing N N 137 
LEU N   H    sing N N 138 
LEU N   H2   sing N N 139 
LEU CA  C    sing N N 140 
LEU CA  CB   sing N N 141 
LEU CA  HA   sing N N 142 
LEU C   O    doub N N 143 
LEU C   OXT  sing N N 144 
LEU CB  CG   sing N N 145 
LEU CB  HB2  sing N N 146 
LEU CB  HB3  sing N N 147 
LEU CG  CD1  sing N N 148 
LEU CG  CD2  sing N N 149 
LEU CG  HG   sing N N 150 
LEU CD1 HD11 sing N N 151 
LEU CD1 HD12 sing N N 152 
LEU CD1 HD13 sing N N 153 
LEU CD2 HD21 sing N N 154 
LEU CD2 HD22 sing N N 155 
LEU CD2 HD23 sing N N 156 
LEU OXT HXT  sing N N 157 
LYS N   CA   sing N N 158 
LYS N   H    sing N N 159 
LYS N   H2   sing N N 160 
LYS CA  C    sing N N 161 
LYS CA  CB   sing N N 162 
LYS CA  HA   sing N N 163 
LYS C   O    doub N N 164 
LYS C   OXT  sing N N 165 
LYS CB  CG   sing N N 166 
LYS CB  HB2  sing N N 167 
LYS CB  HB3  sing N N 168 
LYS CG  CD   sing N N 169 
LYS CG  HG2  sing N N 170 
LYS CG  HG3  sing N N 171 
LYS CD  CE   sing N N 172 
LYS CD  HD2  sing N N 173 
LYS CD  HD3  sing N N 174 
LYS CE  NZ   sing N N 175 
LYS CE  HE2  sing N N 176 
LYS CE  HE3  sing N N 177 
LYS NZ  HZ1  sing N N 178 
LYS NZ  HZ2  sing N N 179 
LYS NZ  HZ3  sing N N 180 
LYS OXT HXT  sing N N 181 
MET N   CA   sing N N 182 
MET N   H    sing N N 183 
MET N   H2   sing N N 184 
MET CA  C    sing N N 185 
MET CA  CB   sing N N 186 
MET CA  HA   sing N N 187 
MET C   O    doub N N 188 
MET C   OXT  sing N N 189 
MET CB  CG   sing N N 190 
MET CB  HB2  sing N N 191 
MET CB  HB3  sing N N 192 
MET CG  SD   sing N N 193 
MET CG  HG2  sing N N 194 
MET CG  HG3  sing N N 195 
MET SD  CE   sing N N 196 
MET CE  HE1  sing N N 197 
MET CE  HE2  sing N N 198 
MET CE  HE3  sing N N 199 
MET OXT HXT  sing N N 200 
PRO N   CA   sing N N 201 
PRO N   CD   sing N N 202 
PRO N   H    sing N N 203 
PRO CA  C    sing N N 204 
PRO CA  CB   sing N N 205 
PRO CA  HA   sing N N 206 
PRO C   O    doub N N 207 
PRO C   OXT  sing N N 208 
PRO CB  CG   sing N N 209 
PRO CB  HB2  sing N N 210 
PRO CB  HB3  sing N N 211 
PRO CG  CD   sing N N 212 
PRO CG  HG2  sing N N 213 
PRO CG  HG3  sing N N 214 
PRO CD  HD2  sing N N 215 
PRO CD  HD3  sing N N 216 
PRO OXT HXT  sing N N 217 
SER N   CA   sing N N 218 
SER N   H    sing N N 219 
SER N   H2   sing N N 220 
SER CA  C    sing N N 221 
SER CA  CB   sing N N 222 
SER CA  HA   sing N N 223 
SER C   O    doub N N 224 
SER C   OXT  sing N N 225 
SER CB  OG   sing N N 226 
SER CB  HB2  sing N N 227 
SER CB  HB3  sing N N 228 
SER OG  HG   sing N N 229 
SER OXT HXT  sing N N 230 
THR N   CA   sing N N 231 
THR N   H    sing N N 232 
THR N   H2   sing N N 233 
THR CA  C    sing N N 234 
THR CA  CB   sing N N 235 
THR CA  HA   sing N N 236 
THR C   O    doub N N 237 
THR C   OXT  sing N N 238 
THR CB  OG1  sing N N 239 
THR CB  CG2  sing N N 240 
THR CB  HB   sing N N 241 
THR OG1 HG1  sing N N 242 
THR CG2 HG21 sing N N 243 
THR CG2 HG22 sing N N 244 
THR CG2 HG23 sing N N 245 
THR OXT HXT  sing N N 246 
VAL N   CA   sing N N 247 
VAL N   H    sing N N 248 
VAL N   H2   sing N N 249 
VAL CA  C    sing N N 250 
VAL CA  CB   sing N N 251 
VAL CA  HA   sing N N 252 
VAL C   O    doub N N 253 
VAL C   OXT  sing N N 254 
VAL CB  CG1  sing N N 255 
VAL CB  CG2  sing N N 256 
VAL CB  HB   sing N N 257 
VAL CG1 HG11 sing N N 258 
VAL CG1 HG12 sing N N 259 
VAL CG1 HG13 sing N N 260 
VAL CG2 HG21 sing N N 261 
VAL CG2 HG22 sing N N 262 
VAL CG2 HG23 sing N N 263 
VAL OXT HXT  sing N N 264 
# 
loop_
_pdbx_nmr_spectrometer.spectrometer_id 
_pdbx_nmr_spectrometer.model 
_pdbx_nmr_spectrometer.manufacturer 
_pdbx_nmr_spectrometer.field_strength 
_pdbx_nmr_spectrometer.type 
1 INOVA Varian 600 ? 
2 INOVA Varian 500 ? 
# 
_atom_sites.entry_id                    1DCZ 
_atom_sites.fract_transf_matrix[1][1]   1.000000 
_atom_sites.fract_transf_matrix[1][2]   0.000000 
_atom_sites.fract_transf_matrix[1][3]   0.000000 
_atom_sites.fract_transf_matrix[2][1]   0.000000 
_atom_sites.fract_transf_matrix[2][2]   1.000000 
_atom_sites.fract_transf_matrix[2][3]   0.000000 
_atom_sites.fract_transf_matrix[3][1]   0.000000 
_atom_sites.fract_transf_matrix[3][2]   0.000000 
_atom_sites.fract_transf_matrix[3][3]   1.000000 
_atom_sites.fract_transf_vector[1]      0.00000 
_atom_sites.fract_transf_vector[2]      0.00000 
_atom_sites.fract_transf_vector[3]      0.00000 
# 
loop_
_atom_type.symbol 
C 
H 
N 
O 
S 
# 
loop_
_atom_site.group_PDB 
_atom_site.id 
_atom_site.type_symbol 
_atom_site.label_atom_id 
_atom_site.label_alt_id 
_atom_site.label_comp_id 
_atom_site.label_asym_id 
_atom_site.label_entity_id 
_atom_site.label_seq_id 
_atom_site.pdbx_PDB_ins_code 
_atom_site.Cartn_x 
_atom_site.Cartn_y 
_atom_site.Cartn_z 
_atom_site.occupancy 
_atom_site.B_iso_or_equiv 
_atom_site.pdbx_formal_charge 
_atom_site.auth_seq_id 
_atom_site.auth_comp_id 
_atom_site.auth_asym_id 
_atom_site.auth_atom_id 
_atom_site.pdbx_PDB_model_num 
ATOM 1    N N    . ALA A 1 1  ? 13.754  -4.245  -15.387 1.00 32.00 ? 47  ALA A N    1 
ATOM 2    C CA   . ALA A 1 1  ? 12.756  -4.947  -16.241 1.00 32.00 ? 47  ALA A CA   1 
ATOM 3    C C    . ALA A 1 1  ? 11.405  -4.952  -15.532 1.00 32.00 ? 47  ALA A C    1 
ATOM 4    O O    . ALA A 1 1  ? 10.633  -5.904  -15.639 1.00 32.00 ? 47  ALA A O    1 
ATOM 5    C CB   . ALA A 1 1  ? 13.179  -6.391  -16.519 1.00 32.00 ? 47  ALA A CB   1 
ATOM 6    H H1   . ALA A 1 1  ? 14.713  -4.520  -15.677 1.00 0.00  ? 47  ALA A H1   1 
ATOM 7    H H2   . ALA A 1 1  ? 13.603  -4.507  -14.391 1.00 0.00  ? 47  ALA A H2   1 
ATOM 8    H H3   . ALA A 1 1  ? 13.642  -3.218  -15.496 1.00 0.00  ? 47  ALA A H3   1 
ATOM 9    H HA   . ALA A 1 1  ? 12.660  -4.418  -17.179 1.00 0.00  ? 47  ALA A HA   1 
ATOM 10   H HB1  . ALA A 1 1  ? 12.530  -6.818  -17.270 1.00 0.00  ? 47  ALA A HB1  1 
ATOM 11   H HB2  . ALA A 1 1  ? 13.107  -6.970  -15.610 1.00 0.00  ? 47  ALA A HB2  1 
ATOM 12   H HB3  . ALA A 1 1  ? 14.198  -6.406  -16.875 1.00 0.00  ? 47  ALA A HB3  1 
ATOM 13   N N    . GLY A 1 2  ? 11.129  -3.872  -14.805 1.00 32.00 ? 48  GLY A N    1 
ATOM 14   C CA   . GLY A 1 2  ? 9.867   -3.757  -14.078 1.00 32.00 ? 48  GLY A CA   1 
ATOM 15   C C    . GLY A 1 2  ? 9.596   -2.308  -13.689 1.00 32.00 ? 48  GLY A C    1 
ATOM 16   O O    . GLY A 1 2  ? 10.462  -1.625  -13.142 1.00 32.00 ? 48  GLY A O    1 
ATOM 17   H H    . GLY A 1 2  ? 11.781  -3.143  -14.756 1.00 0.00  ? 48  GLY A H    1 
ATOM 18   H HA2  . GLY A 1 2  ? 9.062   -4.113  -14.706 1.00 0.00  ? 48  GLY A HA2  1 
ATOM 19   H HA3  . GLY A 1 2  ? 9.915   -4.360  -13.185 1.00 0.00  ? 48  GLY A HA3  1 
ATOM 20   N N    . ALA A 1 3  ? 8.383   -1.847  -13.976 1.00 32.00 ? 49  ALA A N    1 
ATOM 21   C CA   . ALA A 1 3  ? 8.003   -0.474  -13.651 1.00 32.00 ? 49  ALA A CA   1 
ATOM 22   C C    . ALA A 1 3  ? 7.734   -0.337  -12.156 1.00 32.00 ? 49  ALA A C    1 
ATOM 23   O O    . ALA A 1 3  ? 8.012   0.699   -11.553 1.00 32.00 ? 49  ALA A O    1 
ATOM 24   C CB   . ALA A 1 3  ? 6.746   -0.070  -14.423 1.00 32.00 ? 49  ALA A CB   1 
ATOM 25   H H    . ALA A 1 3  ? 7.734   -2.437  -14.412 1.00 0.00  ? 49  ALA A H    1 
ATOM 26   H HA   . ALA A 1 3  ? 8.810   0.188   -13.926 1.00 0.00  ? 49  ALA A HA   1 
ATOM 27   H HB1  . ALA A 1 3  ? 6.844   -0.373  -15.455 1.00 0.00  ? 49  ALA A HB1  1 
ATOM 28   H HB2  . ALA A 1 3  ? 6.622   1.002   -14.373 1.00 0.00  ? 49  ALA A HB2  1 
ATOM 29   H HB3  . ALA A 1 3  ? 5.884   -0.552  -13.986 1.00 0.00  ? 49  ALA A HB3  1 
ATOM 30   N N    . GLY A 1 4  ? 7.188   -1.397  -11.566 1.00 32.00 ? 50  GLY A N    1 
ATOM 31   C CA   . GLY A 1 4  ? 6.883   -1.390  -10.138 1.00 32.00 ? 50  GLY A CA   1 
ATOM 32   C C    . GLY A 1 4  ? 6.071   -2.622  -9.753  1.00 32.00 ? 50  GLY A C    1 
ATOM 33   O O    . GLY A 1 4  ? 5.004   -2.879  -10.310 1.00 32.00 ? 50  GLY A O    1 
ATOM 34   H H    . GLY A 1 4  ? 6.989   -2.196  -12.098 1.00 0.00  ? 50  GLY A H    1 
ATOM 35   H HA2  . GLY A 1 4  ? 7.807   -1.381  -9.578  1.00 0.00  ? 50  GLY A HA2  1 
ATOM 36   H HA3  . GLY A 1 4  ? 6.314   -0.503  -9.901  1.00 0.00  ? 50  GLY A HA3  1 
ATOM 37   N N    . LYS A 1 5  ? 6.591   -3.381  -8.793  1.00 32.00 ? 51  LYS A N    1 
ATOM 38   C CA   . LYS A 1 5  ? 5.907   -4.588  -8.336  1.00 32.00 ? 51  LYS A CA   1 
ATOM 39   C C    . LYS A 1 5  ? 6.260   -4.884  -6.881  1.00 32.00 ? 51  LYS A C    1 
ATOM 40   O O    . LYS A 1 5  ? 7.178   -4.289  -6.317  1.00 32.00 ? 51  LYS A O    1 
ATOM 41   C CB   . LYS A 1 5  ? 6.303   -5.789  -9.199  1.00 32.00 ? 51  LYS A CB   1 
ATOM 42   C CG   . LYS A 1 5  ? 7.828   -5.899  -9.256  1.00 32.00 ? 51  LYS A CG   1 
ATOM 43   C CD   . LYS A 1 5  ? 8.222   -7.261  -9.833  1.00 32.00 ? 51  LYS A CD   1 
ATOM 44   C CE   . LYS A 1 5  ? 7.780   -7.345  -11.295 1.00 32.00 ? 51  LYS A CE   1 
ATOM 45   N NZ   . LYS A 1 5  ? 8.408   -8.506  -11.987 1.00 32.00 ? 51  LYS A NZ   1 
ATOM 46   H H    . LYS A 1 5  ? 7.445   -3.126  -8.385  1.00 0.00  ? 51  LYS A H    1 
ATOM 47   H HA   . LYS A 1 5  ? 4.841   -4.438  -8.416  1.00 0.00  ? 51  LYS A HA   1 
ATOM 48   H HB2  . LYS A 1 5  ? 5.891   -6.691  -8.770  1.00 0.00  ? 51  LYS A HB2  1 
ATOM 49   H HB3  . LYS A 1 5  ? 5.916   -5.656  -10.199 1.00 0.00  ? 51  LYS A HB3  1 
ATOM 50   H HG2  . LYS A 1 5  ? 8.221   -5.113  -9.885  1.00 0.00  ? 51  LYS A HG2  1 
ATOM 51   H HG3  . LYS A 1 5  ? 8.233   -5.801  -8.261  1.00 0.00  ? 51  LYS A HG3  1 
ATOM 52   H HD2  . LYS A 1 5  ? 9.293   -7.380  -9.772  1.00 0.00  ? 51  LYS A HD2  1 
ATOM 53   H HD3  . LYS A 1 5  ? 7.738   -8.044  -9.268  1.00 0.00  ? 51  LYS A HD3  1 
ATOM 54   H HE2  . LYS A 1 5  ? 6.707   -7.451  -11.335 1.00 0.00  ? 51  LYS A HE2  1 
ATOM 55   H HE3  . LYS A 1 5  ? 8.063   -6.434  -11.801 1.00 0.00  ? 51  LYS A HE3  1 
ATOM 56   H HZ1  . LYS A 1 5  ? 8.229   -8.440  -13.009 1.00 0.00  ? 51  LYS A HZ1  1 
ATOM 57   H HZ2  . LYS A 1 5  ? 7.999   -9.390  -11.620 1.00 0.00  ? 51  LYS A HZ2  1 
ATOM 58   H HZ3  . LYS A 1 5  ? 9.433   -8.499  -11.816 1.00 0.00  ? 51  LYS A HZ3  1 
ATOM 59   N N    . ALA A 1 6  ? 5.517   -5.809  -6.282  1.00 32.00 ? 52  ALA A N    1 
ATOM 60   C CA   . ALA A 1 6  ? 5.752   -6.180  -4.890  1.00 32.00 ? 52  ALA A CA   1 
ATOM 61   C C    . ALA A 1 6  ? 5.659   -7.694  -4.721  1.00 32.00 ? 52  ALA A C    1 
ATOM 62   O O    . ALA A 1 6  ? 5.390   -8.424  -5.676  1.00 32.00 ? 52  ALA A O    1 
ATOM 63   C CB   . ALA A 1 6  ? 4.724   -5.506  -3.976  1.00 32.00 ? 52  ALA A CB   1 
ATOM 64   H H    . ALA A 1 6  ? 4.797   -6.248  -6.783  1.00 0.00  ? 52  ALA A H    1 
ATOM 65   H HA   . ALA A 1 6  ? 6.742   -5.856  -4.602  1.00 0.00  ? 52  ALA A HA   1 
ATOM 66   H HB1  . ALA A 1 6  ? 4.268   -4.679  -4.499  1.00 0.00  ? 52  ALA A HB1  1 
ATOM 67   H HB2  . ALA A 1 6  ? 5.218   -5.141  -3.087  1.00 0.00  ? 52  ALA A HB2  1 
ATOM 68   H HB3  . ALA A 1 6  ? 3.961   -6.218  -3.696  1.00 0.00  ? 52  ALA A HB3  1 
ATOM 69   N N    . GLY A 1 7  ? 5.883   -8.159  -3.495  1.00 32.00 ? 53  GLY A N    1 
ATOM 70   C CA   . GLY A 1 7  ? 5.818   -9.590  -3.213  1.00 32.00 ? 53  GLY A CA   1 
ATOM 71   C C    . GLY A 1 7  ? 6.573   -9.931  -1.932  1.00 32.00 ? 53  GLY A C    1 
ATOM 72   O O    . GLY A 1 7  ? 6.012   -10.511 -1.001  1.00 32.00 ? 53  GLY A O    1 
ATOM 73   H H    . GLY A 1 7  ? 6.092   -7.532  -2.771  1.00 0.00  ? 53  GLY A H    1 
ATOM 74   H HA2  . GLY A 1 7  ? 4.783   -9.883  -3.105  1.00 0.00  ? 53  GLY A HA2  1 
ATOM 75   H HA3  . GLY A 1 7  ? 6.257   -10.133 -4.036  1.00 0.00  ? 53  GLY A HA3  1 
ATOM 76   N N    . GLU A 1 8  ? 7.853   -9.571  -1.896  1.00 32.00 ? 54  GLU A N    1 
ATOM 77   C CA   . GLU A 1 8  ? 8.679   -9.851  -0.725  1.00 32.00 ? 54  GLU A CA   1 
ATOM 78   C C    . GLU A 1 8  ? 8.806   -8.613  0.157   1.00 32.00 ? 54  GLU A C    1 
ATOM 79   O O    . GLU A 1 8  ? 9.631   -7.735  -0.095  1.00 32.00 ? 54  GLU A O    1 
ATOM 80   C CB   . GLU A 1 8  ? 10.076  -10.304 -1.152  1.00 32.00 ? 54  GLU A CB   1 
ATOM 81   C CG   . GLU A 1 8  ? 10.091  -11.824 -1.328  1.00 32.00 ? 54  GLU A CG   1 
ATOM 82   C CD   . GLU A 1 8  ? 11.532  -12.316 -1.386  1.00 32.00 ? 54  GLU A CD   1 
ATOM 83   O OE1  . GLU A 1 8  ? 12.252  -12.097 -0.426  1.00 32.00 ? 54  GLU A OE1  1 
ATOM 84   O OE2  . GLU A 1 8  ? 11.896  -12.905 -2.391  1.00 32.00 ? 54  GLU A OE2  1 
ATOM 85   H H    . GLU A 1 8  ? 8.248   -9.116  -2.669  1.00 0.00  ? 54  GLU A H    1 
ATOM 86   H HA   . GLU A 1 8  ? 8.217   -10.643 -0.153  1.00 0.00  ? 54  GLU A HA   1 
ATOM 87   H HB2  . GLU A 1 8  ? 10.337  -9.830  -2.088  1.00 0.00  ? 54  GLU A HB2  1 
ATOM 88   H HB3  . GLU A 1 8  ? 10.793  -10.024 -0.395  1.00 0.00  ? 54  GLU A HB3  1 
ATOM 89   H HG2  . GLU A 1 8  ? 9.585   -12.286 -0.492  1.00 0.00  ? 54  GLU A HG2  1 
ATOM 90   H HG3  . GLU A 1 8  ? 9.585   -12.085 -2.244  1.00 0.00  ? 54  GLU A HG3  1 
ATOM 91   N N    . GLY A 1 9  ? 7.981   -8.558  1.199   1.00 32.00 ? 55  GLY A N    1 
ATOM 92   C CA   . GLY A 1 9  ? 8.008   -7.427  2.123   1.00 32.00 ? 55  GLY A CA   1 
ATOM 93   C C    . GLY A 1 9  ? 7.037   -6.339  1.680   1.00 32.00 ? 55  GLY A C    1 
ATOM 94   O O    . GLY A 1 9  ? 6.171   -5.910  2.442   1.00 32.00 ? 55  GLY A O    1 
ATOM 95   H H    . GLY A 1 9  ? 7.347   -9.289  1.351   1.00 0.00  ? 55  GLY A H    1 
ATOM 96   H HA2  . GLY A 1 9  ? 7.733   -7.769  3.111   1.00 0.00  ? 55  GLY A HA2  1 
ATOM 97   H HA3  . GLY A 1 9  ? 9.006   -7.017  2.154   1.00 0.00  ? 55  GLY A HA3  1 
ATOM 98   N N    . GLU A 1 10 ? 7.193   -5.897  0.437   1.00 32.00 ? 56  GLU A N    1 
ATOM 99   C CA   . GLU A 1 10 ? 6.327   -4.854  -0.105  1.00 32.00 ? 56  GLU A CA   1 
ATOM 100  C C    . GLU A 1 10 ? 4.997   -5.446  -0.559  1.00 32.00 ? 56  GLU A C    1 
ATOM 101  O O    . GLU A 1 10 ? 4.958   -6.445  -1.277  1.00 32.00 ? 56  GLU A O    1 
ATOM 102  C CB   . GLU A 1 10 ? 6.998   -4.171  -1.297  1.00 32.00 ? 56  GLU A CB   1 
ATOM 103  C CG   . GLU A 1 10 ? 8.383   -3.668  -0.887  1.00 32.00 ? 56  GLU A CG   1 
ATOM 104  C CD   . GLU A 1 10 ? 9.177   -3.291  -2.132  1.00 32.00 ? 56  GLU A CD   1 
ATOM 105  O OE1  . GLU A 1 10 ? 8.764   -2.372  -2.819  1.00 32.00 ? 56  GLU A OE1  1 
ATOM 106  O OE2  . GLU A 1 10 ? 10.188  -3.927  -2.381  1.00 32.00 ? 56  GLU A OE2  1 
ATOM 107  H H    . GLU A 1 10 ? 7.901   -6.275  -0.125  1.00 0.00  ? 56  GLU A H    1 
ATOM 108  H HA   . GLU A 1 10 ? 6.142   -4.116  0.661   1.00 0.00  ? 56  GLU A HA   1 
ATOM 109  H HB2  . GLU A 1 10 ? 7.096   -4.880  -2.107  1.00 0.00  ? 56  GLU A HB2  1 
ATOM 110  H HB3  . GLU A 1 10 ? 6.394   -3.336  -1.621  1.00 0.00  ? 56  GLU A HB3  1 
ATOM 111  H HG2  . GLU A 1 10 ? 8.276   -2.801  -0.250  1.00 0.00  ? 56  GLU A HG2  1 
ATOM 112  H HG3  . GLU A 1 10 ? 8.904   -4.446  -0.351  1.00 0.00  ? 56  GLU A HG3  1 
ATOM 113  N N    . ILE A 1 11 ? 3.907   -4.815  -0.133  1.00 32.00 ? 57  ILE A N    1 
ATOM 114  C CA   . ILE A 1 11 ? 2.575   -5.285  -0.506  1.00 32.00 ? 57  ILE A CA   1 
ATOM 115  C C    . ILE A 1 11 ? 2.212   -4.778  -1.907  1.00 32.00 ? 57  ILE A C    1 
ATOM 116  O O    . ILE A 1 11 ? 2.336   -3.586  -2.187  1.00 32.00 ? 57  ILE A O    1 
ATOM 117  C CB   . ILE A 1 11 ? 1.529   -4.780  0.492   1.00 32.00 ? 57  ILE A CB   1 
ATOM 118  C CG1  . ILE A 1 11 ? 1.959   -5.150  1.915   1.00 32.00 ? 57  ILE A CG1  1 
ATOM 119  C CG2  . ILE A 1 11 ? 0.176   -5.426  0.188   1.00 32.00 ? 57  ILE A CG2  1 
ATOM 120  C CD1  . ILE A 1 11 ? 1.063   -4.427  2.922   1.00 32.00 ? 57  ILE A CD1  1 
ATOM 121  H H    . ILE A 1 11 ? 3.997   -4.022  0.434   1.00 0.00  ? 57  ILE A H    1 
ATOM 122  H HA   . ILE A 1 11 ? 2.573   -6.363  -0.500  1.00 0.00  ? 57  ILE A HA   1 
ATOM 123  H HB   . ILE A 1 11 ? 1.441   -3.706  0.408   1.00 0.00  ? 57  ILE A HB   1 
ATOM 124  H HG12 . ILE A 1 11 ? 1.869   -6.218  2.052   1.00 0.00  ? 57  ILE A HG12 1 
ATOM 125  H HG13 . ILE A 1 11 ? 2.984   -4.851  2.071   1.00 0.00  ? 57  ILE A HG13 1 
ATOM 126  H HG21 . ILE A 1 11 ? -0.038  -5.335  -0.867  1.00 0.00  ? 57  ILE A HG21 1 
ATOM 127  H HG22 . ILE A 1 11 ? -0.596  -4.928  0.755   1.00 0.00  ? 57  ILE A HG22 1 
ATOM 128  H HG23 . ILE A 1 11 ? 0.207   -6.471  0.460   1.00 0.00  ? 57  ILE A HG23 1 
ATOM 129  H HD11 . ILE A 1 11 ? 0.057   -4.369  2.532   1.00 0.00  ? 57  ILE A HD11 1 
ATOM 130  H HD12 . ILE A 1 11 ? 1.441   -3.430  3.091   1.00 0.00  ? 57  ILE A HD12 1 
ATOM 131  H HD13 . ILE A 1 11 ? 1.056   -4.973  3.855   1.00 0.00  ? 57  ILE A HD13 1 
ATOM 132  N N    . PRO A 1 12 ? 1.762   -5.667  -2.807  1.00 32.00 ? 58  PRO A N    1 
ATOM 133  C CA   . PRO A 1 12 ? 1.392   -5.273  -4.173  1.00 32.00 ? 58  PRO A CA   1 
ATOM 134  C C    . PRO A 1 12 ? 0.062   -4.524  -4.219  1.00 32.00 ? 58  PRO A C    1 
ATOM 135  O O    . PRO A 1 12 ? -0.892  -4.880  -3.527  1.00 32.00 ? 58  PRO A O    1 
ATOM 136  C CB   . PRO A 1 12 ? 1.281   -6.596  -4.923  1.00 32.00 ? 58  PRO A CB   1 
ATOM 137  C CG   . PRO A 1 12 ? 0.977   -7.613  -3.878  1.00 32.00 ? 58  PRO A CG   1 
ATOM 138  C CD   . PRO A 1 12 ? 1.571   -7.115  -2.592  1.00 32.00 ? 58  PRO A CD   1 
ATOM 139  H HA   . PRO A 1 12 ? 2.173   -4.674  -4.614  1.00 0.00  ? 58  PRO A HA   1 
ATOM 140  H HB2  . PRO A 1 12 ? 0.481   -6.547  -5.650  1.00 0.00  ? 58  PRO A HB2  1 
ATOM 141  H HB3  . PRO A 1 12 ? 2.216   -6.833  -5.407  1.00 0.00  ? 58  PRO A HB3  1 
ATOM 142  H HG2  . PRO A 1 12 ? -0.094  -7.725  -3.774  1.00 0.00  ? 58  PRO A HG2  1 
ATOM 143  H HG3  . PRO A 1 12 ? 1.423   -8.559  -4.142  1.00 0.00  ? 58  PRO A HG3  1 
ATOM 144  H HD2  . PRO A 1 12 ? 0.890   -7.291  -1.770  1.00 0.00  ? 58  PRO A HD2  1 
ATOM 145  H HD3  . PRO A 1 12 ? 2.522   -7.589  -2.405  1.00 0.00  ? 58  PRO A HD3  1 
ATOM 146  N N    . ALA A 1 13 ? 0.010   -3.482  -5.044  1.00 32.00 ? 59  ALA A N    1 
ATOM 147  C CA   . ALA A 1 13 ? -1.207  -2.687  -5.176  1.00 32.00 ? 59  ALA A CA   1 
ATOM 148  C C    . ALA A 1 13 ? -2.240  -3.433  -6.024  1.00 32.00 ? 59  ALA A C    1 
ATOM 149  O O    . ALA A 1 13 ? -1.882  -4.188  -6.927  1.00 32.00 ? 59  ALA A O    1 
ATOM 150  C CB   . ALA A 1 13 ? -0.899  -1.341  -5.834  1.00 32.00 ? 59  ALA A CB   1 
ATOM 151  H H    . ALA A 1 13 ? 0.802   -3.245  -5.572  1.00 0.00  ? 59  ALA A H    1 
ATOM 152  H HA   . ALA A 1 13 ? -1.620  -2.511  -4.194  1.00 0.00  ? 59  ALA A HA   1 
ATOM 153  H HB1  . ALA A 1 13 ? -0.038  -1.444  -6.477  1.00 0.00  ? 59  ALA A HB1  1 
ATOM 154  H HB2  . ALA A 1 13 ? -0.691  -0.606  -5.069  1.00 0.00  ? 59  ALA A HB2  1 
ATOM 155  H HB3  . ALA A 1 13 ? -1.750  -1.021  -6.419  1.00 0.00  ? 59  ALA A HB3  1 
ATOM 156  N N    . PRO A 1 14 ? -3.536  -3.233  -5.743  1.00 32.00 ? 60  PRO A N    1 
ATOM 157  C CA   . PRO A 1 14 ? -4.613  -3.898  -6.492  1.00 32.00 ? 60  PRO A CA   1 
ATOM 158  C C    . PRO A 1 14 ? -4.776  -3.331  -7.900  1.00 32.00 ? 60  PRO A C    1 
ATOM 159  O O    . PRO A 1 14 ? -5.194  -4.031  -8.822  1.00 32.00 ? 60  PRO A O    1 
ATOM 160  C CB   . PRO A 1 14 ? -5.862  -3.624  -5.659  1.00 32.00 ? 60  PRO A CB   1 
ATOM 161  C CG   . PRO A 1 14 ? -5.559  -2.380  -4.899  1.00 32.00 ? 60  PRO A CG   1 
ATOM 162  C CD   . PRO A 1 14 ? -4.072  -2.354  -4.687  1.00 32.00 ? 60  PRO A CD   1 
ATOM 163  H HA   . PRO A 1 14 ? -4.437  -4.961  -6.535  1.00 0.00  ? 60  PRO A HA   1 
ATOM 164  H HB2  . PRO A 1 14 ? -6.717  -3.474  -6.305  1.00 0.00  ? 60  PRO A HB2  1 
ATOM 165  H HB3  . PRO A 1 14 ? -6.046  -4.439  -4.976  1.00 0.00  ? 60  PRO A HB3  1 
ATOM 166  H HG2  . PRO A 1 14 ? -5.869  -1.514  -5.469  1.00 0.00  ? 60  PRO A HG2  1 
ATOM 167  H HG3  . PRO A 1 14 ? -6.062  -2.396  -3.945  1.00 0.00  ? 60  PRO A HG3  1 
ATOM 168  H HD2  . PRO A 1 14 ? -3.694  -1.347  -4.799  1.00 0.00  ? 60  PRO A HD2  1 
ATOM 169  H HD3  . PRO A 1 14 ? -3.821  -2.747  -3.714  1.00 0.00  ? 60  PRO A HD3  1 
ATOM 170  N N    . LEU A 1 15 ? -4.440  -2.054  -8.054  1.00 32.00 ? 61  LEU A N    1 
ATOM 171  C CA   . LEU A 1 15 ? -4.553  -1.398  -9.354  1.00 32.00 ? 61  LEU A CA   1 
ATOM 172  C C    . LEU A 1 15 ? -3.762  -0.094  -9.362  1.00 32.00 ? 61  LEU A C    1 
ATOM 173  O O    . LEU A 1 15 ? -3.452  0.469   -8.312  1.00 32.00 ? 61  LEU A O    1 
ATOM 174  C CB   . LEU A 1 15 ? -6.016  -1.095  -9.677  1.00 32.00 ? 61  LEU A CB   1 
ATOM 175  C CG   . LEU A 1 15 ? -6.820  -0.453  -8.542  1.00 32.00 ? 61  LEU A CG   1 
ATOM 176  C CD1  . LEU A 1 15 ? -6.719  1.070   -8.644  1.00 32.00 ? 61  LEU A CD1  1 
ATOM 177  C CD2  . LEU A 1 15 ? -8.287  -0.875  -8.654  1.00 32.00 ? 61  LEU A CD2  1 
ATOM 178  H H    . LEU A 1 15 ? -4.113  -1.545  -7.283  1.00 0.00  ? 61  LEU A H    1 
ATOM 179  H HA   . LEU A 1 15 ? -4.156  -2.054  -10.114 1.00 0.00  ? 61  LEU A HA   1 
ATOM 180  H HB2  . LEU A 1 15 ? -6.046  -0.430  -10.525 1.00 0.00  ? 61  LEU A HB2  1 
ATOM 181  H HB3  . LEU A 1 15 ? -6.497  -2.022  -9.958  1.00 0.00  ? 61  LEU A HB3  1 
ATOM 182  H HG   . LEU A 1 15 ? -6.421  -0.777  -7.591  1.00 0.00  ? 61  LEU A HG   1 
ATOM 183  H HD11 . LEU A 1 15 ? -5.798  1.338   -9.138  1.00 0.00  ? 61  LEU A HD11 1 
ATOM 184  H HD12 . LEU A 1 15 ? -6.734  1.498   -7.652  1.00 0.00  ? 61  LEU A HD12 1 
ATOM 185  H HD13 . LEU A 1 15 ? -7.557  1.449   -9.211  1.00 0.00  ? 61  LEU A HD13 1 
ATOM 186  H HD21 . LEU A 1 15 ? -8.749  -0.355  -9.481  1.00 0.00  ? 61  LEU A HD21 1 
ATOM 187  H HD22 . LEU A 1 15 ? -8.804  -0.627  -7.739  1.00 0.00  ? 61  LEU A HD22 1 
ATOM 188  H HD23 . LEU A 1 15 ? -8.344  -1.939  -8.822  1.00 0.00  ? 61  LEU A HD23 1 
ATOM 189  N N    . ALA A 1 16 ? -3.440  0.380   -10.563 1.00 32.00 ? 62  ALA A N    1 
ATOM 190  C CA   . ALA A 1 16 ? -2.684  1.621   -10.703 1.00 32.00 ? 62  ALA A CA   1 
ATOM 191  C C    . ALA A 1 16 ? -3.594  2.826   -10.486 1.00 32.00 ? 62  ALA A C    1 
ATOM 192  O O    . ALA A 1 16 ? -4.268  3.288   -11.406 1.00 32.00 ? 62  ALA A O    1 
ATOM 193  C CB   . ALA A 1 16 ? -2.058  1.714   -12.096 1.00 32.00 ? 62  ALA A CB   1 
ATOM 194  H H    . ALA A 1 16 ? -3.713  -0.111  -11.365 1.00 0.00  ? 62  ALA A H    1 
ATOM 195  H HA   . ALA A 1 16 ? -1.896  1.638   -9.964  1.00 0.00  ? 62  ALA A HA   1 
ATOM 196  H HB1  . ALA A 1 16 ? -1.765  0.728   -12.425 1.00 0.00  ? 62  ALA A HB1  1 
ATOM 197  H HB2  . ALA A 1 16 ? -1.189  2.355   -12.058 1.00 0.00  ? 62  ALA A HB2  1 
ATOM 198  H HB3  . ALA A 1 16 ? -2.778  2.125   -12.787 1.00 0.00  ? 62  ALA A HB3  1 
ATOM 199  N N    . GLY A 1 17 ? -3.605  3.329   -9.254  1.00 32.00 ? 63  GLY A N    1 
ATOM 200  C CA   . GLY A 1 17 ? -4.436  4.483   -8.921  1.00 32.00 ? 63  GLY A CA   1 
ATOM 201  C C    . GLY A 1 17 ? -3.595  5.599   -8.313  1.00 32.00 ? 63  GLY A C    1 
ATOM 202  O O    . GLY A 1 17 ? -2.460  5.837   -8.729  1.00 32.00 ? 63  GLY A O    1 
ATOM 203  H H    . GLY A 1 17 ? -3.048  2.920   -8.560  1.00 0.00  ? 63  GLY A H    1 
ATOM 204  H HA2  . GLY A 1 17 ? -4.916  4.846   -9.819  1.00 0.00  ? 63  GLY A HA2  1 
ATOM 205  H HA3  . GLY A 1 17 ? -5.192  4.183   -8.210  1.00 0.00  ? 63  GLY A HA3  1 
ATOM 206  N N    . THR A 1 18 ? -4.163  6.281   -7.324  1.00 32.00 ? 64  THR A N    1 
ATOM 207  C CA   . THR A 1 18 ? -3.457  7.375   -6.662  1.00 32.00 ? 64  THR A CA   1 
ATOM 208  C C    . THR A 1 18 ? -3.664  7.307   -5.153  1.00 32.00 ? 64  THR A C    1 
ATOM 209  O O    . THR A 1 18 ? -4.758  7.010   -4.674  1.00 32.00 ? 64  THR A O    1 
ATOM 210  C CB   . THR A 1 18 ? -3.962  8.726   -7.174  1.00 32.00 ? 64  THR A CB   1 
ATOM 211  O OG1  . THR A 1 18 ? -3.979  8.717   -8.594  1.00 32.00 ? 64  THR A OG1  1 
ATOM 212  C CG2  . THR A 1 18 ? -3.037  9.839   -6.680  1.00 32.00 ? 64  THR A CG2  1 
ATOM 213  H H    . THR A 1 18 ? -5.071  6.047   -7.035  1.00 0.00  ? 64  THR A H    1 
ATOM 214  H HA   . THR A 1 18 ? -2.402  7.292   -6.877  1.00 0.00  ? 64  THR A HA   1 
ATOM 215  H HB   . THR A 1 18 ? -4.960  8.902   -6.803  1.00 0.00  ? 64  THR A HB   1 
ATOM 216  H HG1  . THR A 1 18 ? -4.869  8.494   -8.879  1.00 0.00  ? 64  THR A HG1  1 
ATOM 217  H HG21 . THR A 1 18 ? -2.021  9.475   -6.647  1.00 0.00  ? 64  THR A HG21 1 
ATOM 218  H HG22 . THR A 1 18 ? -3.341  10.148  -5.691  1.00 0.00  ? 64  THR A HG22 1 
ATOM 219  H HG23 . THR A 1 18 ? -3.096  10.682  -7.354  1.00 0.00  ? 64  THR A HG23 1 
ATOM 220  N N    . VAL A 1 19 ? -2.598  7.588   -4.408  1.00 32.00 ? 65  VAL A N    1 
ATOM 221  C CA   . VAL A 1 19 ? -2.670  7.557   -2.949  1.00 32.00 ? 65  VAL A CA   1 
ATOM 222  C C    . VAL A 1 19 ? -3.499  8.731   -2.436  1.00 32.00 ? 65  VAL A C    1 
ATOM 223  O O    . VAL A 1 19 ? -3.242  9.886   -2.774  1.00 32.00 ? 65  VAL A O    1 
ATOM 224  C CB   . VAL A 1 19 ? -1.268  7.631   -2.338  1.00 32.00 ? 65  VAL A CB   1 
ATOM 225  C CG1  . VAL A 1 19 ? -1.354  7.398   -0.829  1.00 32.00 ? 65  VAL A CG1  1 
ATOM 226  C CG2  . VAL A 1 19 ? -0.378  6.556   -2.967  1.00 32.00 ? 65  VAL A CG2  1 
ATOM 227  H H    . VAL A 1 19 ? -1.752  7.819   -4.845  1.00 0.00  ? 65  VAL A H    1 
ATOM 228  H HA   . VAL A 1 19 ? -3.137  6.634   -2.640  1.00 0.00  ? 65  VAL A HA   1 
ATOM 229  H HB   . VAL A 1 19 ? -0.844  8.607   -2.528  1.00 0.00  ? 65  VAL A HB   1 
ATOM 230  H HG11 . VAL A 1 19 ? -2.225  6.800   -0.605  1.00 0.00  ? 65  VAL A HG11 1 
ATOM 231  H HG12 . VAL A 1 19 ? -1.431  8.349   -0.321  1.00 0.00  ? 65  VAL A HG12 1 
ATOM 232  H HG13 . VAL A 1 19 ? -0.466  6.883   -0.492  1.00 0.00  ? 65  VAL A HG13 1 
ATOM 233  H HG21 . VAL A 1 19 ? 0.156   6.976   -3.807  1.00 0.00  ? 65  VAL A HG21 1 
ATOM 234  H HG22 . VAL A 1 19 ? -0.992  5.733   -3.306  1.00 0.00  ? 65  VAL A HG22 1 
ATOM 235  H HG23 . VAL A 1 19 ? 0.329   6.198   -2.233  1.00 0.00  ? 65  VAL A HG23 1 
ATOM 236  N N    . SER A 1 20 ? -4.500  8.419   -1.617  1.00 32.00 ? 66  SER A N    1 
ATOM 237  C CA   . SER A 1 20 ? -5.366  9.455   -1.062  1.00 32.00 ? 66  SER A CA   1 
ATOM 238  C C    . SER A 1 20 ? -4.940  9.803   0.361   1.00 32.00 ? 66  SER A C    1 
ATOM 239  O O    . SER A 1 20 ? -4.707  10.967  0.688   1.00 32.00 ? 66  SER A O    1 
ATOM 240  C CB   . SER A 1 20 ? -6.820  8.986   -1.045  1.00 32.00 ? 66  SER A CB   1 
ATOM 241  O OG   . SER A 1 20 ? -7.678  10.107  -1.216  1.00 32.00 ? 66  SER A OG   1 
ATOM 242  H H    . SER A 1 20 ? -4.659  7.481   -1.384  1.00 0.00  ? 66  SER A H    1 
ATOM 243  H HA   . SER A 1 20 ? -5.292  10.341  -1.675  1.00 0.00  ? 66  SER A HA   1 
ATOM 244  H HB2  . SER A 1 20 ? -6.985  8.288   -1.848  1.00 0.00  ? 66  SER A HB2  1 
ATOM 245  H HB3  . SER A 1 20 ? -7.030  8.499   -0.101  1.00 0.00  ? 66  SER A HB3  1 
ATOM 246  H HG   . SER A 1 20 ? -7.527  10.710  -0.484  1.00 0.00  ? 66  SER A HG   1 
ATOM 247  N N    . LYS A 1 21 ? -4.843  8.778   1.205   1.00 32.00 ? 67  LYS A N    1 
ATOM 248  C CA   . LYS A 1 21 ? -4.447  8.986   2.595   1.00 32.00 ? 67  LYS A CA   1 
ATOM 249  C C    . LYS A 1 21 ? -3.763  7.739   3.148   1.00 32.00 ? 67  LYS A C    1 
ATOM 250  O O    . LYS A 1 21 ? -4.079  6.614   2.759   1.00 32.00 ? 67  LYS A O    1 
ATOM 251  C CB   . LYS A 1 21 ? -5.671  9.309   3.456   1.00 32.00 ? 67  LYS A CB   1 
ATOM 252  C CG   . LYS A 1 21 ? -5.220  9.698   4.866   1.00 32.00 ? 67  LYS A CG   1 
ATOM 253  C CD   . LYS A 1 21 ? -6.185  10.737  5.442   1.00 32.00 ? 67  LYS A CD   1 
ATOM 254  C CE   . LYS A 1 21 ? -6.287  10.553  6.957   1.00 32.00 ? 67  LYS A CE   1 
ATOM 255  N NZ   . LYS A 1 21 ? -7.371  11.398  7.536   1.00 32.00 ? 67  LYS A NZ   1 
ATOM 256  H H    . LYS A 1 21 ? -5.043  7.873   0.889   1.00 0.00  ? 67  LYS A H    1 
ATOM 257  H HA   . LYS A 1 21 ? -3.756  9.815   2.643   1.00 0.00  ? 67  LYS A HA   1 
ATOM 258  H HB2  . LYS A 1 21 ? -6.216  10.130  3.012   1.00 0.00  ? 67  LYS A HB2  1 
ATOM 259  H HB3  . LYS A 1 21 ? -6.310  8.441   3.513   1.00 0.00  ? 67  LYS A HB3  1 
ATOM 260  H HG2  . LYS A 1 21 ? -5.214  8.821   5.496   1.00 0.00  ? 67  LYS A HG2  1 
ATOM 261  H HG3  . LYS A 1 21 ? -4.226  10.118  4.823   1.00 0.00  ? 67  LYS A HG3  1 
ATOM 262  H HD2  . LYS A 1 21 ? -5.818  11.730  5.223   1.00 0.00  ? 67  LYS A HD2  1 
ATOM 263  H HD3  . LYS A 1 21 ? -7.160  10.608  5.000   1.00 0.00  ? 67  LYS A HD3  1 
ATOM 264  H HE2  . LYS A 1 21 ? -6.496  9.517   7.175   1.00 0.00  ? 67  LYS A HE2  1 
ATOM 265  H HE3  . LYS A 1 21 ? -5.345  10.825  7.410   1.00 0.00  ? 67  LYS A HE3  1 
ATOM 266  H HZ1  . LYS A 1 21 ? -7.451  12.280  6.993   1.00 0.00  ? 67  LYS A HZ1  1 
ATOM 267  H HZ2  . LYS A 1 21 ? -7.145  11.619  8.527   1.00 0.00  ? 67  LYS A HZ2  1 
ATOM 268  H HZ3  . LYS A 1 21 ? -8.273  10.883  7.492   1.00 0.00  ? 67  LYS A HZ3  1 
ATOM 269  N N    . ILE A 1 22 ? -2.822  7.954   4.064   1.00 32.00 ? 68  ILE A N    1 
ATOM 270  C CA   . ILE A 1 22 ? -2.095  6.844   4.674   1.00 32.00 ? 68  ILE A CA   1 
ATOM 271  C C    . ILE A 1 22 ? -2.680  6.526   6.048   1.00 32.00 ? 68  ILE A C    1 
ATOM 272  O O    . ILE A 1 22 ? -2.893  7.419   6.868   1.00 32.00 ? 68  ILE A O    1 
ATOM 273  C CB   . ILE A 1 22 ? -0.613  7.191   4.828   1.00 32.00 ? 68  ILE A CB   1 
ATOM 274  C CG1  . ILE A 1 22 ? -0.051  7.658   3.482   1.00 32.00 ? 68  ILE A CG1  1 
ATOM 275  C CG2  . ILE A 1 22 ? 0.159   5.955   5.295   1.00 32.00 ? 68  ILE A CG2  1 
ATOM 276  C CD1  . ILE A 1 22 ? 1.240   8.443   3.712   1.00 32.00 ? 68  ILE A CD1  1 
ATOM 277  H H    . ILE A 1 22 ? -2.616  8.873   4.335   1.00 0.00  ? 68  ILE A H    1 
ATOM 278  H HA   . ILE A 1 22 ? -2.188  5.973   4.042   1.00 0.00  ? 68  ILE A HA   1 
ATOM 279  H HB   . ILE A 1 22 ? -0.502  7.980   5.559   1.00 0.00  ? 68  ILE A HB   1 
ATOM 280  H HG12 . ILE A 1 22 ? 0.155   6.798   2.861   1.00 0.00  ? 68  ILE A HG12 1 
ATOM 281  H HG13 . ILE A 1 22 ? -0.773  8.292   2.990   1.00 0.00  ? 68  ILE A HG13 1 
ATOM 282  H HG21 . ILE A 1 22 ? 0.482   5.386   4.435   1.00 0.00  ? 68  ILE A HG21 1 
ATOM 283  H HG22 . ILE A 1 22 ? -0.483  5.342   5.912   1.00 0.00  ? 68  ILE A HG22 1 
ATOM 284  H HG23 . ILE A 1 22 ? 1.021   6.263   5.868   1.00 0.00  ? 68  ILE A HG23 1 
ATOM 285  H HD11 . ILE A 1 22 ? 1.891   8.323   2.858   1.00 0.00  ? 68  ILE A HD11 1 
ATOM 286  H HD12 . ILE A 1 22 ? 1.736   8.071   4.596   1.00 0.00  ? 68  ILE A HD12 1 
ATOM 287  H HD13 . ILE A 1 22 ? 1.008   9.489   3.843   1.00 0.00  ? 68  ILE A HD13 1 
ATOM 288  N N    . LEU A 1 23 ? -2.939  5.244   6.288   1.00 32.00 ? 69  LEU A N    1 
ATOM 289  C CA   . LEU A 1 23 ? -3.504  4.820   7.567   1.00 32.00 ? 69  LEU A CA   1 
ATOM 290  C C    . LEU A 1 23 ? -2.412  4.277   8.483   1.00 32.00 ? 69  LEU A C    1 
ATOM 291  O O    . LEU A 1 23 ? -2.468  4.443   9.702   1.00 32.00 ? 69  LEU A O    1 
ATOM 292  C CB   . LEU A 1 23 ? -4.558  3.732   7.354   1.00 32.00 ? 69  LEU A CB   1 
ATOM 293  C CG   . LEU A 1 23 ? -5.944  4.233   6.938   1.00 32.00 ? 69  LEU A CG   1 
ATOM 294  C CD1  . LEU A 1 23 ? -6.682  3.125   6.186   1.00 32.00 ? 69  LEU A CD1  1 
ATOM 295  C CD2  . LEU A 1 23 ? -6.740  4.620   8.187   1.00 32.00 ? 69  LEU A CD2  1 
ATOM 296  H H    . LEU A 1 23 ? -2.752  4.575   5.597   1.00 0.00  ? 69  LEU A H    1 
ATOM 297  H HA   . LEU A 1 23 ? -3.971  5.669   8.042   1.00 0.00  ? 69  LEU A HA   1 
ATOM 298  H HB2  . LEU A 1 23 ? -4.202  3.062   6.588   1.00 0.00  ? 69  LEU A HB2  1 
ATOM 299  H HB3  . LEU A 1 23 ? -4.656  3.173   8.274   1.00 0.00  ? 69  LEU A HB3  1 
ATOM 300  H HG   . LEU A 1 23 ? -5.837  5.095   6.295   1.00 0.00  ? 69  LEU A HG   1 
ATOM 301  H HD11 . LEU A 1 23 ? -7.364  3.566   5.474   1.00 0.00  ? 69  LEU A HD11 1 
ATOM 302  H HD12 . LEU A 1 23 ? -7.238  2.522   6.890   1.00 0.00  ? 69  LEU A HD12 1 
ATOM 303  H HD13 . LEU A 1 23 ? -5.969  2.505   5.665   1.00 0.00  ? 69  LEU A HD13 1 
ATOM 304  H HD21 . LEU A 1 23 ? -7.673  5.077   7.891   1.00 0.00  ? 69  LEU A HD21 1 
ATOM 305  H HD22 . LEU A 1 23 ? -6.168  5.321   8.776   1.00 0.00  ? 69  LEU A HD22 1 
ATOM 306  H HD23 . LEU A 1 23 ? -6.942  3.736   8.773   1.00 0.00  ? 69  LEU A HD23 1 
ATOM 307  N N    . VAL A 1 24 ? -1.418  3.626   7.887   1.00 32.00 ? 70  VAL A N    1 
ATOM 308  C CA   . VAL A 1 24 ? -0.319  3.061   8.665   1.00 32.00 ? 70  VAL A CA   1 
ATOM 309  C C    . VAL A 1 24 ? 0.966   3.850   8.438   1.00 32.00 ? 70  VAL A C    1 
ATOM 310  O O    . VAL A 1 24 ? 1.208   4.376   7.351   1.00 32.00 ? 70  VAL A O    1 
ATOM 311  C CB   . VAL A 1 24 ? -0.085  1.597   8.283   1.00 32.00 ? 70  VAL A CB   1 
ATOM 312  C CG1  . VAL A 1 24 ? -1.329  0.777   8.623   1.00 32.00 ? 70  VAL A CG1  1 
ATOM 313  C CG2  . VAL A 1 24 ? 0.194   1.493   6.779   1.00 32.00 ? 70  VAL A CG2  1 
ATOM 314  H H    . VAL A 1 24 ? -1.425  3.522   6.912   1.00 0.00  ? 70  VAL A H    1 
ATOM 315  H HA   . VAL A 1 24 ? -0.574  3.108   9.713   1.00 0.00  ? 70  VAL A HA   1 
ATOM 316  H HB   . VAL A 1 24 ? 0.761   1.214   8.837   1.00 0.00  ? 70  VAL A HB   1 
ATOM 317  H HG11 . VAL A 1 24 ? -1.332  -0.132  8.042   1.00 0.00  ? 70  VAL A HG11 1 
ATOM 318  H HG12 . VAL A 1 24 ? -2.214  1.353   8.394   1.00 0.00  ? 70  VAL A HG12 1 
ATOM 319  H HG13 . VAL A 1 24 ? -1.323  0.533   9.675   1.00 0.00  ? 70  VAL A HG13 1 
ATOM 320  H HG21 . VAL A 1 24 ? -0.739  1.510   6.238   1.00 0.00  ? 70  VAL A HG21 1 
ATOM 321  H HG22 . VAL A 1 24 ? 0.714   0.570   6.574   1.00 0.00  ? 70  VAL A HG22 1 
ATOM 322  H HG23 . VAL A 1 24 ? 0.806   2.327   6.468   1.00 0.00  ? 70  VAL A HG23 1 
ATOM 323  N N    . LYS A 1 25 ? 1.788   3.921   9.480   1.00 32.00 ? 71  LYS A N    1 
ATOM 324  C CA   . LYS A 1 25 ? 3.054   4.642   9.393   1.00 32.00 ? 71  LYS A CA   1 
ATOM 325  C C    . LYS A 1 25 ? 4.169   3.822   10.032  1.00 32.00 ? 71  LYS A C    1 
ATOM 326  O O    . LYS A 1 25 ? 3.914   2.898   10.804  1.00 32.00 ? 71  LYS A O    1 
ATOM 327  C CB   . LYS A 1 25 ? 2.954   5.991   10.108  1.00 32.00 ? 71  LYS A CB   1 
ATOM 328  C CG   . LYS A 1 25 ? 2.448   5.778   11.536  1.00 32.00 ? 71  LYS A CG   1 
ATOM 329  C CD   . LYS A 1 25 ? 2.650   7.060   12.347  1.00 32.00 ? 71  LYS A CD   1 
ATOM 330  C CE   . LYS A 1 25 ? 1.509   7.215   13.354  1.00 32.00 ? 71  LYS A CE   1 
ATOM 331  N NZ   . LYS A 1 25 ? 1.526   8.560   13.994  1.00 32.00 ? 71  LYS A NZ   1 
ATOM 332  H H    . LYS A 1 25 ? 1.541   3.479   10.318  1.00 0.00  ? 71  LYS A H    1 
ATOM 333  H HA   . LYS A 1 25 ? 3.292   4.812   8.355   1.00 0.00  ? 71  LYS A HA   1 
ATOM 334  H HB2  . LYS A 1 25 ? 3.929   6.457   10.137  1.00 0.00  ? 71  LYS A HB2  1 
ATOM 335  H HB3  . LYS A 1 25 ? 2.266   6.630   9.576   1.00 0.00  ? 71  LYS A HB3  1 
ATOM 336  H HG2  . LYS A 1 25 ? 1.397   5.530   11.511  1.00 0.00  ? 71  LYS A HG2  1 
ATOM 337  H HG3  . LYS A 1 25 ? 2.998   4.973   11.997  1.00 0.00  ? 71  LYS A HG3  1 
ATOM 338  H HD2  . LYS A 1 25 ? 3.592   7.008   12.874  1.00 0.00  ? 71  LYS A HD2  1 
ATOM 339  H HD3  . LYS A 1 25 ? 2.657   7.911   11.681  1.00 0.00  ? 71  LYS A HD3  1 
ATOM 340  H HE2  . LYS A 1 25 ? 0.567   7.080   12.844  1.00 0.00  ? 71  LYS A HE2  1 
ATOM 341  H HE3  . LYS A 1 25 ? 1.607   6.456   14.117  1.00 0.00  ? 71  LYS A HE3  1 
ATOM 342  H HZ1  . LYS A 1 25 ? 1.878   9.263   13.315  1.00 0.00  ? 71  LYS A HZ1  1 
ATOM 343  H HZ2  . LYS A 1 25 ? 2.149   8.539   14.828  1.00 0.00  ? 71  LYS A HZ2  1 
ATOM 344  H HZ3  . LYS A 1 25 ? 0.563   8.817   14.288  1.00 0.00  ? 71  LYS A HZ3  1 
ATOM 345  N N    . GLU A 1 26 ? 5.410   4.167   9.700   1.00 32.00 ? 72  GLU A N    1 
ATOM 346  C CA   . GLU A 1 26 ? 6.563   3.454   10.247  1.00 32.00 ? 72  GLU A CA   1 
ATOM 347  C C    . GLU A 1 26 ? 6.575   3.540   11.771  1.00 32.00 ? 72  GLU A C    1 
ATOM 348  O O    . GLU A 1 26 ? 6.955   4.558   12.348  1.00 32.00 ? 72  GLU A O    1 
ATOM 349  C CB   . GLU A 1 26 ? 7.866   4.046   9.705   1.00 32.00 ? 72  GLU A CB   1 
ATOM 350  C CG   . GLU A 1 26 ? 7.925   3.849   8.189   1.00 32.00 ? 72  GLU A CG   1 
ATOM 351  C CD   . GLU A 1 26 ? 9.043   4.707   7.608   1.00 32.00 ? 72  GLU A CD   1 
ATOM 352  O OE1  . GLU A 1 26 ? 10.195  4.377   7.834   1.00 32.00 ? 72  GLU A OE1  1 
ATOM 353  O OE2  . GLU A 1 26 ? 8.731   5.682   6.944   1.00 32.00 ? 72  GLU A OE2  1 
ATOM 354  H H    . GLU A 1 26 ? 5.554   4.911   9.078   1.00 0.00  ? 72  GLU A H    1 
ATOM 355  H HA   . GLU A 1 26 ? 6.504   2.416   9.955   1.00 0.00  ? 72  GLU A HA   1 
ATOM 356  H HB2  . GLU A 1 26 ? 7.903   5.101   9.935   1.00 0.00  ? 72  GLU A HB2  1 
ATOM 357  H HB3  . GLU A 1 26 ? 8.706   3.547   10.164  1.00 0.00  ? 72  GLU A HB3  1 
ATOM 358  H HG2  . GLU A 1 26 ? 8.116   2.809   7.969   1.00 0.00  ? 72  GLU A HG2  1 
ATOM 359  H HG3  . GLU A 1 26 ? 6.983   4.142   7.751   1.00 0.00  ? 72  GLU A HG3  1 
ATOM 360  N N    . GLY A 1 27 ? 6.151   2.456   12.414  1.00 32.00 ? 73  GLY A N    1 
ATOM 361  C CA   . GLY A 1 27 ? 6.113   2.415   13.874  1.00 32.00 ? 73  GLY A CA   1 
ATOM 362  C C    . GLY A 1 27 ? 4.855   1.703   14.366  1.00 32.00 ? 73  GLY A C    1 
ATOM 363  O O    . GLY A 1 27 ? 4.855   1.076   15.424  1.00 32.00 ? 73  GLY A O    1 
ATOM 364  H H    . GLY A 1 27 ? 5.858   1.673   11.902  1.00 0.00  ? 73  GLY A H    1 
ATOM 365  H HA2  . GLY A 1 27 ? 6.985   1.888   14.236  1.00 0.00  ? 73  GLY A HA2  1 
ATOM 366  H HA3  . GLY A 1 27 ? 6.120   3.423   14.258  1.00 0.00  ? 73  GLY A HA3  1 
ATOM 367  N N    . ASP A 1 28 ? 3.783   1.810   13.585  1.00 32.00 ? 74  ASP A N    1 
ATOM 368  C CA   . ASP A 1 28 ? 2.521   1.172   13.953  1.00 32.00 ? 74  ASP A CA   1 
ATOM 369  C C    . ASP A 1 28 ? 2.442   -0.233  13.364  1.00 32.00 ? 74  ASP A C    1 
ATOM 370  O O    . ASP A 1 28 ? 3.005   -0.510  12.305  1.00 32.00 ? 74  ASP A O    1 
ATOM 371  C CB   . ASP A 1 28 ? 1.336   1.994   13.440  1.00 32.00 ? 74  ASP A CB   1 
ATOM 372  C CG   . ASP A 1 28 ? 1.191   3.257   14.281  1.00 32.00 ? 74  ASP A CG   1 
ATOM 373  O OD1  . ASP A 1 28 ? 2.111   4.060   14.272  1.00 32.00 ? 74  ASP A OD1  1 
ATOM 374  O OD2  . ASP A 1 28 ? 0.164   3.406   14.921  1.00 32.00 ? 74  ASP A OD2  1 
ATOM 375  H H    . ASP A 1 28 ? 3.838   2.323   12.751  1.00 0.00  ? 74  ASP A H    1 
ATOM 376  H HA   . ASP A 1 28 ? 2.461   1.107   15.028  1.00 0.00  ? 74  ASP A HA   1 
ATOM 377  H HB2  . ASP A 1 28 ? 1.505   2.265   12.408  1.00 0.00  ? 74  ASP A HB2  1 
ATOM 378  H HB3  . ASP A 1 28 ? 0.433   1.408   13.517  1.00 0.00  ? 74  ASP A HB3  1 
ATOM 379  N N    . THR A 1 29 ? 1.735   -1.115  14.063  1.00 32.00 ? 75  THR A N    1 
ATOM 380  C CA   . THR A 1 29 ? 1.584   -2.493  13.603  1.00 32.00 ? 75  THR A CA   1 
ATOM 381  C C    . THR A 1 29 ? 0.253   -2.668  12.879  1.00 32.00 ? 75  THR A C    1 
ATOM 382  O O    . THR A 1 29 ? -0.729  -1.990  13.183  1.00 32.00 ? 75  THR A O    1 
ATOM 383  C CB   . THR A 1 29 ? 1.641   -3.463  14.785  1.00 32.00 ? 75  THR A CB   1 
ATOM 384  O OG1  . THR A 1 29 ? 2.548   -2.966  15.760  1.00 32.00 ? 75  THR A OG1  1 
ATOM 385  C CG2  . THR A 1 29 ? 2.112   -4.835  14.300  1.00 32.00 ? 75  THR A CG2  1 
ATOM 386  H H    . THR A 1 29 ? 1.307   -0.837  14.900  1.00 0.00  ? 75  THR A H    1 
ATOM 387  H HA   . THR A 1 29 ? 2.389   -2.725  12.921  1.00 0.00  ? 75  THR A HA   1 
ATOM 388  H HB   . THR A 1 29 ? 0.659   -3.558  15.222  1.00 0.00  ? 75  THR A HB   1 
ATOM 389  H HG1  . THR A 1 29 ? 2.326   -3.367  16.603  1.00 0.00  ? 75  THR A HG1  1 
ATOM 390  H HG21 . THR A 1 29 ? 2.962   -4.713  13.644  1.00 0.00  ? 75  THR A HG21 1 
ATOM 391  H HG22 . THR A 1 29 ? 1.310   -5.321  13.763  1.00 0.00  ? 75  THR A HG22 1 
ATOM 392  H HG23 . THR A 1 29 ? 2.396   -5.439  15.148  1.00 0.00  ? 75  THR A HG23 1 
ATOM 393  N N    . VAL A 1 30 ? 0.232   -3.586  11.918  1.00 32.00 ? 76  VAL A N    1 
ATOM 394  C CA   . VAL A 1 30 ? -0.984  -3.844  11.152  1.00 32.00 ? 76  VAL A CA   1 
ATOM 395  C C    . VAL A 1 30 ? -1.373  -5.316  11.246  1.00 32.00 ? 76  VAL A C    1 
ATOM 396  O O    . VAL A 1 30 ? -0.604  -6.147  11.730  1.00 32.00 ? 76  VAL A O    1 
ATOM 397  C CB   . VAL A 1 30 ? -0.780  -3.477  9.681   1.00 32.00 ? 76  VAL A CB   1 
ATOM 398  C CG1  . VAL A 1 30 ? -0.568  -1.967  9.557   1.00 32.00 ? 76  VAL A CG1  1 
ATOM 399  C CG2  . VAL A 1 30 ? 0.449   -4.210  9.139   1.00 32.00 ? 76  VAL A CG2  1 
ATOM 400  H H    . VAL A 1 30 ? 1.045   -4.096  11.719  1.00 0.00  ? 76  VAL A H    1 
ATOM 401  H HA   . VAL A 1 30 ? -1.786  -3.243  11.554  1.00 0.00  ? 76  VAL A HA   1 
ATOM 402  H HB   . VAL A 1 30 ? -1.653  -3.766  9.115   1.00 0.00  ? 76  VAL A HB   1 
ATOM 403  H HG11 . VAL A 1 30 ? -0.222  -1.733  8.562   1.00 0.00  ? 76  VAL A HG11 1 
ATOM 404  H HG12 . VAL A 1 30 ? 0.168   -1.647  10.279  1.00 0.00  ? 76  VAL A HG12 1 
ATOM 405  H HG13 . VAL A 1 30 ? -1.502  -1.457  9.743   1.00 0.00  ? 76  VAL A HG13 1 
ATOM 406  H HG21 . VAL A 1 30 ? 0.280   -5.276  9.180   1.00 0.00  ? 76  VAL A HG21 1 
ATOM 407  H HG22 . VAL A 1 30 ? 1.311   -3.960  9.741   1.00 0.00  ? 76  VAL A HG22 1 
ATOM 408  H HG23 . VAL A 1 30 ? 0.625   -3.911  8.117   1.00 0.00  ? 76  VAL A HG23 1 
ATOM 409  N N    . LYS A 1 31 ? -2.577  -5.628  10.776  1.00 32.00 ? 77  LYS A N    1 
ATOM 410  C CA   . LYS A 1 31 ? -3.065  -7.002  10.807  1.00 32.00 ? 77  LYS A CA   1 
ATOM 411  C C    . LYS A 1 31 ? -3.567  -7.418  9.429   1.00 32.00 ? 77  LYS A C    1 
ATOM 412  O O    . LYS A 1 31 ? -4.053  -6.593  8.654   1.00 32.00 ? 77  LYS A O    1 
ATOM 413  C CB   . LYS A 1 31 ? -4.205  -7.145  11.818  1.00 32.00 ? 77  LYS A CB   1 
ATOM 414  C CG   . LYS A 1 31 ? -3.626  -7.450  13.200  1.00 32.00 ? 77  LYS A CG   1 
ATOM 415  C CD   . LYS A 1 31 ? -4.741  -7.940  14.125  1.00 32.00 ? 77  LYS A CD   1 
ATOM 416  C CE   . LYS A 1 31 ? -4.129  -8.507  15.408  1.00 32.00 ? 77  LYS A CE   1 
ATOM 417  N NZ   . LYS A 1 31 ? -5.030  -8.300  16.577  1.00 32.00 ? 77  LYS A NZ   1 
ATOM 418  H H    . LYS A 1 31 ? -3.145  -4.922  10.401  1.00 0.00  ? 77  LYS A H    1 
ATOM 419  H HA   . LYS A 1 31 ? -2.256  -7.655  11.098  1.00 0.00  ? 77  LYS A HA   1 
ATOM 420  H HB2  . LYS A 1 31 ? -4.768  -6.223  11.857  1.00 0.00  ? 77  LYS A HB2  1 
ATOM 421  H HB3  . LYS A 1 31 ? -4.855  -7.951  11.515  1.00 0.00  ? 77  LYS A HB3  1 
ATOM 422  H HG2  . LYS A 1 31 ? -2.867  -8.214  13.112  1.00 0.00  ? 77  LYS A HG2  1 
ATOM 423  H HG3  . LYS A 1 31 ? -3.188  -6.553  13.613  1.00 0.00  ? 77  LYS A HG3  1 
ATOM 424  H HD2  . LYS A 1 31 ? -5.395  -7.116  14.370  1.00 0.00  ? 77  LYS A HD2  1 
ATOM 425  H HD3  . LYS A 1 31 ? -5.308  -8.713  13.628  1.00 0.00  ? 77  LYS A HD3  1 
ATOM 426  H HE2  . LYS A 1 31 ? -3.958  -9.564  15.280  1.00 0.00  ? 77  LYS A HE2  1 
ATOM 427  H HE3  . LYS A 1 31 ? -3.185  -8.016  15.595  1.00 0.00  ? 77  LYS A HE3  1 
ATOM 428  H HZ1  . LYS A 1 31 ? -5.661  -9.119  16.679  1.00 0.00  ? 77  LYS A HZ1  1 
ATOM 429  H HZ2  . LYS A 1 31 ? -5.597  -7.440  16.430  1.00 0.00  ? 77  LYS A HZ2  1 
ATOM 430  H HZ3  . LYS A 1 31 ? -4.460  -8.196  17.440  1.00 0.00  ? 77  LYS A HZ3  1 
ATOM 431  N N    . ALA A 1 32 ? -3.441  -8.708  9.131   1.00 32.00 ? 78  ALA A N    1 
ATOM 432  C CA   . ALA A 1 32 ? -3.883  -9.231  7.838   1.00 32.00 ? 78  ALA A CA   1 
ATOM 433  C C    . ALA A 1 32 ? -5.378  -8.990  7.644   1.00 32.00 ? 78  ALA A C    1 
ATOM 434  O O    . ALA A 1 32 ? -6.213  -9.746  8.140   1.00 32.00 ? 78  ALA A O    1 
ATOM 435  C CB   . ALA A 1 32 ? -3.606  -10.732 7.747   1.00 32.00 ? 78  ALA A CB   1 
ATOM 436  H H    . ALA A 1 32 ? -3.044  -9.317  9.787   1.00 0.00  ? 78  ALA A H    1 
ATOM 437  H HA   . ALA A 1 32 ? -3.341  -8.727  7.052   1.00 0.00  ? 78  ALA A HA   1 
ATOM 438  H HB1  . ALA A 1 32 ? -3.428  -11.003 6.717   1.00 0.00  ? 78  ALA A HB1  1 
ATOM 439  H HB2  . ALA A 1 32 ? -4.458  -11.279 8.122   1.00 0.00  ? 78  ALA A HB2  1 
ATOM 440  H HB3  . ALA A 1 32 ? -2.734  -10.974 8.338   1.00 0.00  ? 78  ALA A HB3  1 
ATOM 441  N N    . GLY A 1 33 ? -5.704  -7.929  6.911   1.00 32.00 ? 79  GLY A N    1 
ATOM 442  C CA   . GLY A 1 33 ? -7.102  -7.596  6.651   1.00 32.00 ? 79  GLY A CA   1 
ATOM 443  C C    . GLY A 1 33 ? -7.374  -6.124  6.943   1.00 32.00 ? 79  GLY A C    1 
ATOM 444  O O    . GLY A 1 33 ? -8.158  -5.473  6.251   1.00 32.00 ? 79  GLY A O    1 
ATOM 445  H H    . GLY A 1 33 ? -4.996  -7.363  6.539   1.00 0.00  ? 79  GLY A H    1 
ATOM 446  H HA2  . GLY A 1 33 ? -7.330  -7.802  5.615   1.00 0.00  ? 79  GLY A HA2  1 
ATOM 447  H HA3  . GLY A 1 33 ? -7.735  -8.202  7.282   1.00 0.00  ? 79  GLY A HA3  1 
ATOM 448  N N    . GLN A 1 34 ? -6.720  -5.606  7.978   1.00 32.00 ? 80  GLN A N    1 
ATOM 449  C CA   . GLN A 1 34 ? -6.897  -4.207  8.359   1.00 32.00 ? 80  GLN A CA   1 
ATOM 450  C C    . GLN A 1 34 ? -6.414  -3.284  7.244   1.00 32.00 ? 80  GLN A C    1 
ATOM 451  O O    . GLN A 1 34 ? -5.418  -3.562  6.575   1.00 32.00 ? 80  GLN A O    1 
ATOM 452  C CB   . GLN A 1 34 ? -6.117  -3.896  9.636   1.00 32.00 ? 80  GLN A CB   1 
ATOM 453  C CG   . GLN A 1 34 ? -6.596  -2.565  10.218  1.00 32.00 ? 80  GLN A CG   1 
ATOM 454  C CD   . GLN A 1 34 ? -5.843  -2.274  11.510  1.00 32.00 ? 80  GLN A CD   1 
ATOM 455  O OE1  . GLN A 1 34 ? -5.936  -3.032  12.476  1.00 32.00 ? 80  GLN A OE1  1 
ATOM 456  N NE2  . GLN A 1 34 ? -5.092  -1.208  11.589  1.00 32.00 ? 80  GLN A NE2  1 
ATOM 457  H H    . GLN A 1 34 ? -6.108  -6.172  8.494   1.00 0.00  ? 80  GLN A H    1 
ATOM 458  H HA   . GLN A 1 34 ? -7.946  -4.023  8.537   1.00 0.00  ? 80  GLN A HA   1 
ATOM 459  H HB2  . GLN A 1 34 ? -6.278  -4.684  10.357  1.00 0.00  ? 80  GLN A HB2  1 
ATOM 460  H HB3  . GLN A 1 34 ? -5.064  -3.828  9.407   1.00 0.00  ? 80  GLN A HB3  1 
ATOM 461  H HG2  . GLN A 1 34 ? -6.410  -1.774  9.505   1.00 0.00  ? 80  GLN A HG2  1 
ATOM 462  H HG3  . GLN A 1 34 ? -7.654  -2.622  10.424  1.00 0.00  ? 80  GLN A HG3  1 
ATOM 463  H HE21 . GLN A 1 34 ? -5.017  -0.604  10.821  1.00 0.00  ? 80  GLN A HE21 1 
ATOM 464  H HE22 . GLN A 1 34 ? -4.604  -1.012  12.416  1.00 0.00  ? 80  GLN A HE22 1 
ATOM 465  N N    . THR A 1 35 ? -7.131  -2.179  7.054   1.00 32.00 ? 81  THR A N    1 
ATOM 466  C CA   . THR A 1 35 ? -6.768  -1.215  6.019   1.00 32.00 ? 81  THR A CA   1 
ATOM 467  C C    . THR A 1 35 ? -5.437  -0.551  6.357   1.00 32.00 ? 81  THR A C    1 
ATOM 468  O O    . THR A 1 35 ? -5.175  -0.203  7.509   1.00 32.00 ? 81  THR A O    1 
ATOM 469  C CB   . THR A 1 35 ? -7.845  -0.136  5.888   1.00 32.00 ? 81  THR A CB   1 
ATOM 470  O OG1  . THR A 1 35 ? -9.124  -0.753  5.820   1.00 32.00 ? 81  THR A OG1  1 
ATOM 471  C CG2  . THR A 1 35 ? -7.601  0.679   4.616   1.00 32.00 ? 81  THR A CG2  1 
ATOM 472  H H    . THR A 1 35 ? -7.914  -2.010  7.618   1.00 0.00  ? 81  THR A H    1 
ATOM 473  H HA   . THR A 1 35 ? -6.672  -1.732  5.076   1.00 0.00  ? 81  THR A HA   1 
ATOM 474  H HB   . THR A 1 35 ? -7.806  0.520   6.743   1.00 0.00  ? 81  THR A HB   1 
ATOM 475  H HG1  . THR A 1 35 ? -9.573  -0.596  6.653   1.00 0.00  ? 81  THR A HG1  1 
ATOM 476  H HG21 . THR A 1 35 ? -6.543  0.870   4.508   1.00 0.00  ? 81  THR A HG21 1 
ATOM 477  H HG22 . THR A 1 35 ? -8.132  1.617   4.683   1.00 0.00  ? 81  THR A HG22 1 
ATOM 478  H HG23 . THR A 1 35 ? -7.956  0.124   3.759   1.00 0.00  ? 81  THR A HG23 1 
ATOM 479  N N    . VAL A 1 36 ? -4.596  -0.386  5.340   1.00 32.00 ? 82  VAL A N    1 
ATOM 480  C CA   . VAL A 1 36 ? -3.287  0.234   5.539   1.00 32.00 ? 82  VAL A CA   1 
ATOM 481  C C    . VAL A 1 36 ? -3.199  1.578   4.812   1.00 32.00 ? 82  VAL A C    1 
ATOM 482  O O    . VAL A 1 36 ? -2.498  2.489   5.251   1.00 32.00 ? 82  VAL A O    1 
ATOM 483  C CB   . VAL A 1 36 ? -2.169  -0.693  5.041   1.00 32.00 ? 82  VAL A CB   1 
ATOM 484  C CG1  . VAL A 1 36 ? -2.258  -2.032  5.777   1.00 32.00 ? 82  VAL A CG1  1 
ATOM 485  C CG2  . VAL A 1 36 ? -2.311  -0.935  3.529   1.00 32.00 ? 82  VAL A CG2  1 
ATOM 486  H H    . VAL A 1 36 ? -4.858  -0.688  4.447   1.00 0.00  ? 82  VAL A H    1 
ATOM 487  H HA   . VAL A 1 36 ? -3.145  0.405   6.596   1.00 0.00  ? 82  VAL A HA   1 
ATOM 488  H HB   . VAL A 1 36 ? -1.210  -0.238  5.246   1.00 0.00  ? 82  VAL A HB   1 
ATOM 489  H HG11 . VAL A 1 36 ? -2.926  -2.692  5.243   1.00 0.00  ? 82  VAL A HG11 1 
ATOM 490  H HG12 . VAL A 1 36 ? -2.634  -1.870  6.776   1.00 0.00  ? 82  VAL A HG12 1 
ATOM 491  H HG13 . VAL A 1 36 ? -1.277  -2.480  5.831   1.00 0.00  ? 82  VAL A HG13 1 
ATOM 492  H HG21 . VAL A 1 36 ? -1.624  -0.292  2.998   1.00 0.00  ? 82  VAL A HG21 1 
ATOM 493  H HG22 . VAL A 1 36 ? -3.320  -0.713  3.220   1.00 0.00  ? 82  VAL A HG22 1 
ATOM 494  H HG23 . VAL A 1 36 ? -2.084  -1.967  3.303   1.00 0.00  ? 82  VAL A HG23 1 
ATOM 495  N N    . LEU A 1 37 ? -3.910  1.688   3.693   1.00 32.00 ? 83  LEU A N    1 
ATOM 496  C CA   . LEU A 1 37 ? -3.893  2.924   2.916   1.00 32.00 ? 83  LEU A CA   1 
ATOM 497  C C    . LEU A 1 37 ? -5.082  2.976   1.961   1.00 32.00 ? 83  LEU A C    1 
ATOM 498  O O    . LEU A 1 37 ? -5.568  1.946   1.492   1.00 32.00 ? 83  LEU A O    1 
ATOM 499  C CB   . LEU A 1 37 ? -2.595  3.020   2.110   1.00 32.00 ? 83  LEU A CB   1 
ATOM 500  C CG   . LEU A 1 37 ? -2.493  4.213   1.151   1.00 32.00 ? 83  LEU A CG   1 
ATOM 501  C CD1  . LEU A 1 37 ? -1.041  4.691   1.072   1.00 32.00 ? 83  LEU A CD1  1 
ATOM 502  C CD2  . LEU A 1 37 ? -2.965  3.785   -0.242  1.00 32.00 ? 83  LEU A CD2  1 
ATOM 503  H H    . LEU A 1 37 ? -4.448  0.931   3.384   1.00 0.00  ? 83  LEU A H    1 
ATOM 504  H HA   . LEU A 1 37 ? -3.948  3.764   3.591   1.00 0.00  ? 83  LEU A HA   1 
ATOM 505  H HB2  . LEU A 1 37 ? -1.772  3.079   2.806   1.00 0.00  ? 83  LEU A HB2  1 
ATOM 506  H HB3  . LEU A 1 37 ? -2.486  2.108   1.539   1.00 0.00  ? 83  LEU A HB3  1 
ATOM 507  H HG   . LEU A 1 37 ? -3.117  5.018   1.512   1.00 0.00  ? 83  LEU A HG   1 
ATOM 508  H HD11 . LEU A 1 37 ? -0.813  4.992   0.060   1.00 0.00  ? 83  LEU A HD11 1 
ATOM 509  H HD12 . LEU A 1 37 ? -0.381  3.888   1.367   1.00 0.00  ? 83  LEU A HD12 1 
ATOM 510  H HD13 . LEU A 1 37 ? -0.903  5.532   1.736   1.00 0.00  ? 83  LEU A HD13 1 
ATOM 511  H HD21 . LEU A 1 37 ? -2.760  4.574   -0.950  1.00 0.00  ? 83  LEU A HD21 1 
ATOM 512  H HD22 . LEU A 1 37 ? -4.027  3.589   -0.218  1.00 0.00  ? 83  LEU A HD22 1 
ATOM 513  H HD23 . LEU A 1 37 ? -2.441  2.889   -0.541  1.00 0.00  ? 83  LEU A HD23 1 
ATOM 514  N N    . VAL A 1 38 ? -5.541  4.192   1.674   1.00 32.00 ? 84  VAL A N    1 
ATOM 515  C CA   . VAL A 1 38 ? -6.672  4.378   0.769   1.00 32.00 ? 84  VAL A CA   1 
ATOM 516  C C    . VAL A 1 38 ? -6.176  4.798   -0.611  1.00 32.00 ? 84  VAL A C    1 
ATOM 517  O O    . VAL A 1 38 ? -5.271  5.624   -0.736  1.00 32.00 ? 84  VAL A O    1 
ATOM 518  C CB   . VAL A 1 38 ? -7.622  5.452   1.307   1.00 32.00 ? 84  VAL A CB   1 
ATOM 519  C CG1  . VAL A 1 38 ? -8.889  5.493   0.451   1.00 32.00 ? 84  VAL A CG1  1 
ATOM 520  C CG2  . VAL A 1 38 ? -7.999  5.122   2.754   1.00 32.00 ? 84  VAL A CG2  1 
ATOM 521  H H    . VAL A 1 38 ? -5.110  4.976   2.077   1.00 0.00  ? 84  VAL A H    1 
ATOM 522  H HA   . VAL A 1 38 ? -7.210  3.447   0.681   1.00 0.00  ? 84  VAL A HA   1 
ATOM 523  H HB   . VAL A 1 38 ? -7.133  6.415   1.271   1.00 0.00  ? 84  VAL A HB   1 
ATOM 524  H HG11 . VAL A 1 38 ? -8.624  5.366   -0.589  1.00 0.00  ? 84  VAL A HG11 1 
ATOM 525  H HG12 . VAL A 1 38 ? -9.382  6.444   0.583   1.00 0.00  ? 84  VAL A HG12 1 
ATOM 526  H HG13 . VAL A 1 38 ? -9.552  4.697   0.753   1.00 0.00  ? 84  VAL A HG13 1 
ATOM 527  H HG21 . VAL A 1 38 ? -8.174  4.061   2.847   1.00 0.00  ? 84  VAL A HG21 1 
ATOM 528  H HG22 . VAL A 1 38 ? -8.896  5.660   3.023   1.00 0.00  ? 84  VAL A HG22 1 
ATOM 529  H HG23 . VAL A 1 38 ? -7.194  5.413   3.412   1.00 0.00  ? 84  VAL A HG23 1 
ATOM 530  N N    . LEU A 1 39 ? -6.775  4.219   -1.648  1.00 32.00 ? 85  LEU A N    1 
ATOM 531  C CA   . LEU A 1 39 ? -6.384  4.540   -3.018  1.00 32.00 ? 85  LEU A CA   1 
ATOM 532  C C    . LEU A 1 39 ? -7.526  5.233   -3.753  1.00 32.00 ? 85  LEU A C    1 
ATOM 533  O O    . LEU A 1 39 ? -8.683  5.170   -3.337  1.00 32.00 ? 85  LEU A O    1 
ATOM 534  C CB   . LEU A 1 39 ? -6.000  3.267   -3.776  1.00 32.00 ? 85  LEU A CB   1 
ATOM 535  C CG   . LEU A 1 39 ? -4.549  2.811   -3.601  1.00 32.00 ? 85  LEU A CG   1 
ATOM 536  C CD1  . LEU A 1 39 ? -4.305  1.552   -4.435  1.00 32.00 ? 85  LEU A CD1  1 
ATOM 537  C CD2  . LEU A 1 39 ? -3.607  3.922   -4.070  1.00 32.00 ? 85  LEU A CD2  1 
ATOM 538  H H    . LEU A 1 39 ? -7.491  3.567   -1.489  1.00 0.00  ? 85  LEU A H    1 
ATOM 539  H HA   . LEU A 1 39 ? -5.530  5.200   -2.992  1.00 0.00  ? 85  LEU A HA   1 
ATOM 540  H HB2  . LEU A 1 39 ? -6.643  2.468   -3.445  1.00 0.00  ? 85  LEU A HB2  1 
ATOM 541  H HB3  . LEU A 1 39 ? -6.183  3.433   -4.830  1.00 0.00  ? 85  LEU A HB3  1 
ATOM 542  H HG   . LEU A 1 39 ? -4.364  2.594   -2.560  1.00 0.00  ? 85  LEU A HG   1 
ATOM 543  H HD11 . LEU A 1 39 ? -3.936  1.832   -5.411  1.00 0.00  ? 85  LEU A HD11 1 
ATOM 544  H HD12 . LEU A 1 39 ? -5.231  1.008   -4.544  1.00 0.00  ? 85  LEU A HD12 1 
ATOM 545  H HD13 . LEU A 1 39 ? -3.577  0.928   -3.940  1.00 0.00  ? 85  LEU A HD13 1 
ATOM 546  H HD21 . LEU A 1 39 ? -4.059  4.454   -4.893  1.00 0.00  ? 85  LEU A HD21 1 
ATOM 547  H HD22 . LEU A 1 39 ? -2.672  3.489   -4.392  1.00 0.00  ? 85  LEU A HD22 1 
ATOM 548  H HD23 . LEU A 1 39 ? -3.425  4.606   -3.255  1.00 0.00  ? 85  LEU A HD23 1 
ATOM 549  N N    . GLU A 1 40 ? -7.187  5.898   -4.854  1.00 32.00 ? 86  GLU A N    1 
ATOM 550  C CA   . GLU A 1 40 ? -8.188  6.604   -5.647  1.00 32.00 ? 86  GLU A CA   1 
ATOM 551  C C    . GLU A 1 40 ? -7.962  6.353   -7.135  1.00 32.00 ? 86  GLU A C    1 
ATOM 552  O O    . GLU A 1 40 ? -6.963  6.786   -7.708  1.00 32.00 ? 86  GLU A O    1 
ATOM 553  C CB   . GLU A 1 40 ? -8.120  8.109   -5.380  1.00 32.00 ? 86  GLU A CB   1 
ATOM 554  C CG   . GLU A 1 40 ? -9.034  8.461   -4.204  1.00 32.00 ? 86  GLU A CG   1 
ATOM 555  C CD   . GLU A 1 40 ? -9.494  9.908   -4.334  1.00 32.00 ? 86  GLU A CD   1 
ATOM 556  O OE1  . GLU A 1 40 ? -10.324 10.171  -5.189  1.00 32.00 ? 86  GLU A OE1  1 
ATOM 557  O OE2  . GLU A 1 40 ? -9.010  10.734  -3.577  1.00 32.00 ? 86  GLU A OE2  1 
ATOM 558  H H    . GLU A 1 40 ? -6.248  5.914   -5.137  1.00 0.00  ? 86  GLU A H    1 
ATOM 559  H HA   . GLU A 1 40 ? -9.169  6.245   -5.375  1.00 0.00  ? 86  GLU A HA   1 
ATOM 560  H HB2  . GLU A 1 40 ? -7.102  8.386   -5.143  1.00 0.00  ? 86  GLU A HB2  1 
ATOM 561  H HB3  . GLU A 1 40 ? -8.444  8.646   -6.259  1.00 0.00  ? 86  GLU A HB3  1 
ATOM 562  H HG2  . GLU A 1 40 ? -9.893  7.806   -4.209  1.00 0.00  ? 86  GLU A HG2  1 
ATOM 563  H HG3  . GLU A 1 40 ? -8.493  8.339   -3.279  1.00 0.00  ? 86  GLU A HG3  1 
ATOM 564  N N    . ALA A 1 41 ? -8.905  5.647   -7.753  1.00 32.00 ? 87  ALA A N    1 
ATOM 565  C CA   . ALA A 1 41 ? -8.803  5.340   -9.177  1.00 32.00 ? 87  ALA A CA   1 
ATOM 566  C C    . ALA A 1 41 ? -10.191 5.234   -9.799  1.00 32.00 ? 87  ALA A C    1 
ATOM 567  O O    . ALA A 1 41 ? -11.110 4.665   -9.210  1.00 32.00 ? 87  ALA A O    1 
ATOM 568  C CB   . ALA A 1 41 ? -8.059  4.021   -9.390  1.00 32.00 ? 87  ALA A CB   1 
ATOM 569  H H    . ALA A 1 41 ? -9.679  5.327   -7.245  1.00 0.00  ? 87  ALA A H    1 
ATOM 570  H HA   . ALA A 1 41 ? -8.257  6.132   -9.669  1.00 0.00  ? 87  ALA A HA   1 
ATOM 571  H HB1  . ALA A 1 41 ? -7.586  4.028   -10.361 1.00 0.00  ? 87  ALA A HB1  1 
ATOM 572  H HB2  . ALA A 1 41 ? -8.758  3.201   -9.336  1.00 0.00  ? 87  ALA A HB2  1 
ATOM 573  H HB3  . ALA A 1 41 ? -7.307  3.904   -8.624  1.00 0.00  ? 87  ALA A HB3  1 
ATOM 574  N N    . MET A 1 42 ? -10.333 5.791   -11.000 1.00 32.00 ? 88  MET A N    1 
ATOM 575  C CA   . MET A 1 42 ? -11.615 5.757   -11.702 1.00 32.00 ? 88  MET A CA   1 
ATOM 576  C C    . MET A 1 42 ? -12.691 6.469   -10.888 1.00 32.00 ? 88  MET A C    1 
ATOM 577  O O    . MET A 1 42 ? -13.866 6.103   -10.930 1.00 32.00 ? 88  MET A O    1 
ATOM 578  C CB   . MET A 1 42 ? -12.053 4.312   -11.953 1.00 32.00 ? 88  MET A CB   1 
ATOM 579  C CG   . MET A 1 42 ? -10.998 3.599   -12.801 1.00 32.00 ? 88  MET A CG   1 
ATOM 580  S SD   . MET A 1 42 ? -11.737 2.142   -13.581 1.00 32.00 ? 88  MET A SD   1 
ATOM 581  C CE   . MET A 1 42 ? -10.245 1.554   -14.421 1.00 32.00 ? 88  MET A CE   1 
ATOM 582  H H    . MET A 1 42 ? -9.565  6.231   -11.420 1.00 0.00  ? 88  MET A H    1 
ATOM 583  H HA   . MET A 1 42 ? -11.506 6.258   -12.653 1.00 0.00  ? 88  MET A HA   1 
ATOM 584  H HB2  . MET A 1 42 ? -12.163 3.800   -11.008 1.00 0.00  ? 88  MET A HB2  1 
ATOM 585  H HB3  . MET A 1 42 ? -12.997 4.307   -12.477 1.00 0.00  ? 88  MET A HB3  1 
ATOM 586  H HG2  . MET A 1 42 ? -10.635 4.271   -13.564 1.00 0.00  ? 88  MET A HG2  1 
ATOM 587  H HG3  . MET A 1 42 ? -10.177 3.292   -12.171 1.00 0.00  ? 88  MET A HG3  1 
ATOM 588  H HE1  . MET A 1 42 ? -10.029 2.199   -15.262 1.00 0.00  ? 88  MET A HE1  1 
ATOM 589  H HE2  . MET A 1 42 ? -10.401 0.548   -14.773 1.00 0.00  ? 88  MET A HE2  1 
ATOM 590  H HE3  . MET A 1 42 ? -9.415  1.567   -13.729 1.00 0.00  ? 88  MET A HE3  1 
ATOM 591  N N    . LYS A 1 43 ? -12.275 7.493   -10.146 1.00 32.00 ? 89  LYS A N    1 
ATOM 592  C CA   . LYS A 1 43 ? -13.210 8.258   -9.322  1.00 32.00 ? 89  LYS A CA   1 
ATOM 593  C C    . LYS A 1 43 ? -13.873 7.353   -8.286  1.00 32.00 ? 89  LYS A C    1 
ATOM 594  O O    . LYS A 1 43 ? -15.033 7.547   -7.922  1.00 32.00 ? 89  LYS A O    1 
ATOM 595  C CB   . LYS A 1 43 ? -14.293 8.900   -10.191 1.00 32.00 ? 89  LYS A CB   1 
ATOM 596  C CG   . LYS A 1 43 ? -13.647 9.873   -11.178 1.00 32.00 ? 89  LYS A CG   1 
ATOM 597  C CD   . LYS A 1 43 ? -14.733 10.707  -11.861 1.00 32.00 ? 89  LYS A CD   1 
ATOM 598  C CE   . LYS A 1 43 ? -14.082 11.823  -12.678 1.00 32.00 ? 89  LYS A CE   1 
ATOM 599  N NZ   . LYS A 1 43 ? -15.054 12.447  -13.620 1.00 32.00 ? 89  LYS A NZ   1 
ATOM 600  H H    . LYS A 1 43 ? -11.327 7.740   -10.154 1.00 0.00  ? 89  LYS A H    1 
ATOM 601  H HA   . LYS A 1 43 ? -12.668 9.038   -8.809  1.00 0.00  ? 89  LYS A HA   1 
ATOM 602  H HB2  . LYS A 1 43 ? -14.821 8.130   -10.735 1.00 0.00  ? 89  LYS A HB2  1 
ATOM 603  H HB3  . LYS A 1 43 ? -14.989 9.437   -9.563  1.00 0.00  ? 89  LYS A HB3  1 
ATOM 604  H HG2  . LYS A 1 43 ? -12.969 10.526  -10.648 1.00 0.00  ? 89  LYS A HG2  1 
ATOM 605  H HG3  . LYS A 1 43 ? -13.100 9.317   -11.925 1.00 0.00  ? 89  LYS A HG3  1 
ATOM 606  H HD2  . LYS A 1 43 ? -15.314 10.073  -12.515 1.00 0.00  ? 89  LYS A HD2  1 
ATOM 607  H HD3  . LYS A 1 43 ? -15.378 11.141  -11.112 1.00 0.00  ? 89  LYS A HD3  1 
ATOM 608  H HE2  . LYS A 1 43 ? -13.709 12.581  -12.006 1.00 0.00  ? 89  LYS A HE2  1 
ATOM 609  H HE3  . LYS A 1 43 ? -13.255 11.413  -13.241 1.00 0.00  ? 89  LYS A HE3  1 
ATOM 610  H HZ1  . LYS A 1 43 ? -15.094 11.889  -14.497 1.00 0.00  ? 89  LYS A HZ1  1 
ATOM 611  H HZ2  . LYS A 1 43 ? -14.750 13.418  -13.838 1.00 0.00  ? 89  LYS A HZ2  1 
ATOM 612  H HZ3  . LYS A 1 43 ? -15.996 12.468  -13.182 1.00 0.00  ? 89  LYS A HZ3  1 
ATOM 613  N N    . MET A 1 44 ? -13.121 6.362   -7.815  1.00 32.00 ? 90  MET A N    1 
ATOM 614  C CA   . MET A 1 44 ? -13.644 5.430   -6.820  1.00 32.00 ? 90  MET A CA   1 
ATOM 615  C C    . MET A 1 44 ? -12.591 5.141   -5.755  1.00 32.00 ? 90  MET A C    1 
ATOM 616  O O    . MET A 1 44 ? -11.494 4.672   -6.057  1.00 32.00 ? 90  MET A O    1 
ATOM 617  C CB   . MET A 1 44 ? -14.054 4.114   -7.483  1.00 32.00 ? 90  MET A CB   1 
ATOM 618  C CG   . MET A 1 44 ? -15.201 3.479   -6.694  1.00 32.00 ? 90  MET A CG   1 
ATOM 619  S SD   . MET A 1 44 ? -15.488 1.795   -7.292  1.00 32.00 ? 90  MET A SD   1 
ATOM 620  C CE   . MET A 1 44 ? -17.217 2.018   -7.777  1.00 32.00 ? 90  MET A CE   1 
ATOM 621  H H    . MET A 1 44 ? -12.203 6.256   -8.142  1.00 0.00  ? 90  MET A H    1 
ATOM 622  H HA   . MET A 1 44 ? -14.510 5.868   -6.348  1.00 0.00  ? 90  MET A HA   1 
ATOM 623  H HB2  . MET A 1 44 ? -14.378 4.307   -8.496  1.00 0.00  ? 90  MET A HB2  1 
ATOM 624  H HB3  . MET A 1 44 ? -13.212 3.438   -7.496  1.00 0.00  ? 90  MET A HB3  1 
ATOM 625  H HG2  . MET A 1 44 ? -14.943 3.450   -5.645  1.00 0.00  ? 90  MET A HG2  1 
ATOM 626  H HG3  . MET A 1 44 ? -16.098 4.066   -6.827  1.00 0.00  ? 90  MET A HG3  1 
ATOM 627  H HE1  . MET A 1 44 ? -17.484 1.269   -8.508  1.00 0.00  ? 90  MET A HE1  1 
ATOM 628  H HE2  . MET A 1 44 ? -17.349 2.998   -8.205  1.00 0.00  ? 90  MET A HE2  1 
ATOM 629  H HE3  . MET A 1 44 ? -17.849 1.921   -6.905  1.00 0.00  ? 90  MET A HE3  1 
ATOM 630  N N    . GLU A 1 45 ? -12.938 5.428   -4.504  1.00 32.00 ? 91  GLU A N    1 
ATOM 631  C CA   . GLU A 1 45 ? -12.018 5.197   -3.394  1.00 32.00 ? 91  GLU A CA   1 
ATOM 632  C C    . GLU A 1 45 ? -11.889 3.703   -3.112  1.00 32.00 ? 91  GLU A C    1 
ATOM 633  O O    . GLU A 1 45 ? -12.884 3.008   -2.903  1.00 32.00 ? 91  GLU A O    1 
ATOM 634  C CB   . GLU A 1 45 ? -12.514 5.900   -2.130  1.00 32.00 ? 91  GLU A CB   1 
ATOM 635  C CG   . GLU A 1 45 ? -12.169 7.389   -2.204  1.00 32.00 ? 91  GLU A CG   1 
ATOM 636  C CD   . GLU A 1 45 ? -12.825 8.123   -1.040  1.00 32.00 ? 91  GLU A CD   1 
ATOM 637  O OE1  . GLU A 1 45 ? -14.035 8.026   -0.912  1.00 32.00 ? 91  GLU A OE1  1 
ATOM 638  O OE2  . GLU A 1 45 ? -12.110 8.772   -0.296  1.00 32.00 ? 91  GLU A OE2  1 
ATOM 639  H H    . GLU A 1 45 ? -13.827 5.800   -4.323  1.00 0.00  ? 91  GLU A H    1 
ATOM 640  H HA   . GLU A 1 45 ? -11.046 5.589   -3.654  1.00 0.00  ? 91  GLU A HA   1 
ATOM 641  H HB2  . GLU A 1 45 ? -13.585 5.782   -2.049  1.00 0.00  ? 91  GLU A HB2  1 
ATOM 642  H HB3  . GLU A 1 45 ? -12.037 5.466   -1.264  1.00 0.00  ? 91  GLU A HB3  1 
ATOM 643  H HG2  . GLU A 1 45 ? -11.096 7.512   -2.149  1.00 0.00  ? 91  GLU A HG2  1 
ATOM 644  H HG3  . GLU A 1 45 ? -12.531 7.797   -3.136  1.00 0.00  ? 91  GLU A HG3  1 
ATOM 645  N N    . THR A 1 46 ? -10.651 3.217   -3.109  1.00 32.00 ? 92  THR A N    1 
ATOM 646  C CA   . THR A 1 46 ? -10.398 1.802   -2.853  1.00 32.00 ? 92  THR A CA   1 
ATOM 647  C C    . THR A 1 46 ? -9.522  1.635   -1.616  1.00 32.00 ? 92  THR A C    1 
ATOM 648  O O    . THR A 1 46 ? -8.454  2.237   -1.507  1.00 32.00 ? 92  THR A O    1 
ATOM 649  C CB   . THR A 1 46 ? -9.698  1.157   -4.051  1.00 32.00 ? 92  THR A CB   1 
ATOM 650  O OG1  . THR A 1 46 ? -10.258 1.666   -5.254  1.00 32.00 ? 92  THR A OG1  1 
ATOM 651  C CG2  . THR A 1 46 ? -9.889  -0.360  -4.000  1.00 32.00 ? 92  THR A CG2  1 
ATOM 652  H H    . THR A 1 46 ? -9.898  3.819   -3.283  1.00 0.00  ? 92  THR A H    1 
ATOM 653  H HA   . THR A 1 46 ? -11.340 1.302   -2.687  1.00 0.00  ? 92  THR A HA   1 
ATOM 654  H HB   . THR A 1 46 ? -8.645  1.385   -4.018  1.00 0.00  ? 92  THR A HB   1 
ATOM 655  H HG1  . THR A 1 46 ? -11.194 1.455   -5.258  1.00 0.00  ? 92  THR A HG1  1 
ATOM 656  H HG21 . THR A 1 46 ? -10.847 -0.617  -4.426  1.00 0.00  ? 92  THR A HG21 1 
ATOM 657  H HG22 . THR A 1 46 ? -9.851  -0.693  -2.973  1.00 0.00  ? 92  THR A HG22 1 
ATOM 658  H HG23 . THR A 1 46 ? -9.104  -0.841  -4.563  1.00 0.00  ? 92  THR A HG23 1 
ATOM 659  N N    . GLU A 1 47 ? -9.988  0.808   -0.684  1.00 32.00 ? 93  GLU A N    1 
ATOM 660  C CA   . GLU A 1 47 ? -9.240  0.565   0.547   1.00 32.00 ? 93  GLU A CA   1 
ATOM 661  C C    . GLU A 1 47 ? -8.209  -0.538  0.336   1.00 32.00 ? 93  GLU A C    1 
ATOM 662  O O    . GLU A 1 47 ? -8.468  -1.528  -0.348  1.00 32.00 ? 93  GLU A O    1 
ATOM 663  C CB   . GLU A 1 47 ? -10.187 0.150   1.676   1.00 32.00 ? 93  GLU A CB   1 
ATOM 664  C CG   . GLU A 1 47 ? -11.200 1.268   1.931   1.00 32.00 ? 93  GLU A CG   1 
ATOM 665  C CD   . GLU A 1 47 ? -12.269 0.774   2.900   1.00 32.00 ? 93  GLU A CD   1 
ATOM 666  O OE1  . GLU A 1 47 ? -12.652 -0.379  2.791   1.00 32.00 ? 93  GLU A OE1  1 
ATOM 667  O OE2  . GLU A 1 47 ? -12.690 1.556   3.737   1.00 32.00 ? 93  GLU A OE2  1 
ATOM 668  H H    . GLU A 1 47 ? -10.846 0.356   -0.825  1.00 0.00  ? 93  GLU A H    1 
ATOM 669  H HA   . GLU A 1 47 ? -8.732  1.472   0.835   1.00 0.00  ? 93  GLU A HA   1 
ATOM 670  H HB2  . GLU A 1 47 ? -10.710 -0.753  1.393   1.00 0.00  ? 93  GLU A HB2  1 
ATOM 671  H HB3  . GLU A 1 47 ? -9.618  -0.031  2.575   1.00 0.00  ? 93  GLU A HB3  1 
ATOM 672  H HG2  . GLU A 1 47 ? -10.693 2.121   2.357   1.00 0.00  ? 93  GLU A HG2  1 
ATOM 673  H HG3  . GLU A 1 47 ? -11.665 1.552   1.000   1.00 0.00  ? 93  GLU A HG3  1 
ATOM 674  N N    . ILE A 1 48 ? -7.035  -0.355  0.932   1.00 32.00 ? 94  ILE A N    1 
ATOM 675  C CA   . ILE A 1 48 ? -5.966  -1.341  0.807   1.00 32.00 ? 94  ILE A CA   1 
ATOM 676  C C    . ILE A 1 48 ? -5.767  -2.077  2.129   1.00 32.00 ? 94  ILE A C    1 
ATOM 677  O O    . ILE A 1 48 ? -5.433  -1.474  3.147   1.00 32.00 ? 94  ILE A O    1 
ATOM 678  C CB   . ILE A 1 48 ? -4.650  -0.661  0.410   1.00 32.00 ? 94  ILE A CB   1 
ATOM 679  C CG1  . ILE A 1 48 ? -4.874  0.221   -0.831  1.00 32.00 ? 94  ILE A CG1  1 
ATOM 680  C CG2  . ILE A 1 48 ? -3.592  -1.726  0.101   1.00 32.00 ? 94  ILE A CG2  1 
ATOM 681  C CD1  . ILE A 1 48 ? -5.374  -0.624  -2.010  1.00 32.00 ? 94  ILE A CD1  1 
ATOM 682  H H    . ILE A 1 48 ? -6.886  0.453   1.467   1.00 0.00  ? 94  ILE A H    1 
ATOM 683  H HA   . ILE A 1 48 ? -6.234  -2.056  0.045   1.00 0.00  ? 94  ILE A HA   1 
ATOM 684  H HB   . ILE A 1 48 ? -4.305  -0.047  1.230   1.00 0.00  ? 94  ILE A HB   1 
ATOM 685  H HG12 . ILE A 1 48 ? -5.607  0.980   -0.599  1.00 0.00  ? 94  ILE A HG12 1 
ATOM 686  H HG13 . ILE A 1 48 ? -3.943  0.696   -1.102  1.00 0.00  ? 94  ILE A HG13 1 
ATOM 687  H HG21 . ILE A 1 48 ? -3.939  -2.354  -0.707  1.00 0.00  ? 94  ILE A HG21 1 
ATOM 688  H HG22 . ILE A 1 48 ? -3.425  -2.332  0.980   1.00 0.00  ? 94  ILE A HG22 1 
ATOM 689  H HG23 . ILE A 1 48 ? -2.669  -1.245  -0.186  1.00 0.00  ? 94  ILE A HG23 1 
ATOM 690  H HD11 . ILE A 1 48 ? -4.832  -0.350  -2.904  1.00 0.00  ? 94  ILE A HD11 1 
ATOM 691  H HD12 . ILE A 1 48 ? -6.428  -0.445  -2.160  1.00 0.00  ? 94  ILE A HD12 1 
ATOM 692  H HD13 . ILE A 1 48 ? -5.213  -1.671  -1.799  1.00 0.00  ? 94  ILE A HD13 1 
ATOM 693  N N    . ASN A 1 49 ? -5.980  -3.390  2.100   1.00 32.00 ? 95  ASN A N    1 
ATOM 694  C CA   . ASN A 1 49 ? -5.823  -4.203  3.301   1.00 32.00 ? 95  ASN A CA   1 
ATOM 695  C C    . ASN A 1 49 ? -4.508  -4.973  3.254   1.00 32.00 ? 95  ASN A C    1 
ATOM 696  O O    . ASN A 1 49 ? -4.106  -5.483  2.209   1.00 32.00 ? 95  ASN A O    1 
ATOM 697  C CB   . ASN A 1 49 ? -6.979  -5.199  3.428   1.00 32.00 ? 95  ASN A CB   1 
ATOM 698  C CG   . ASN A 1 49 ? -8.288  -4.437  3.608   1.00 32.00 ? 95  ASN A CG   1 
ATOM 699  O OD1  . ASN A 1 49 ? -8.341  -3.444  4.334   1.00 32.00 ? 95  ASN A OD1  1 
ATOM 700  N ND2  . ASN A 1 49 ? -9.358  -4.848  2.984   1.00 32.00 ? 95  ASN A ND2  1 
ATOM 701  H H    . ASN A 1 49 ? -6.246  -3.816  1.258   1.00 0.00  ? 95  ASN A H    1 
ATOM 702  H HA   . ASN A 1 49 ? -5.822  -3.558  4.166   1.00 0.00  ? 95  ASN A HA   1 
ATOM 703  H HB2  . ASN A 1 49 ? -7.033  -5.803  2.535   1.00 0.00  ? 95  ASN A HB2  1 
ATOM 704  H HB3  . ASN A 1 49 ? -6.813  -5.835  4.285   1.00 0.00  ? 95  ASN A HB3  1 
ATOM 705  H HD21 . ASN A 1 49 ? -9.315  -5.638  2.406   1.00 0.00  ? 95  ASN A HD21 1 
ATOM 706  H HD22 . ASN A 1 49 ? -10.204 -4.365  3.094   1.00 0.00  ? 95  ASN A HD22 1 
ATOM 707  N N    . ALA A 1 50 ? -3.839  -5.049  4.403   1.00 32.00 ? 96  ALA A N    1 
ATOM 708  C CA   . ALA A 1 50 ? -2.565  -5.759  4.484   1.00 32.00 ? 96  ALA A CA   1 
ATOM 709  C C    . ALA A 1 50 ? -2.753  -7.239  4.134   1.00 32.00 ? 96  ALA A C    1 
ATOM 710  O O    . ALA A 1 50 ? -3.781  -7.832  4.460   1.00 32.00 ? 96  ALA A O    1 
ATOM 711  C CB   . ALA A 1 50 ? -1.983  -5.652  5.896   1.00 32.00 ? 96  ALA A CB   1 
ATOM 712  H H    . ALA A 1 50 ? -4.207  -4.623  5.204   1.00 0.00  ? 96  ALA A H    1 
ATOM 713  H HA   . ALA A 1 50 ? -1.873  -5.316  3.786   1.00 0.00  ? 96  ALA A HA   1 
ATOM 714  H HB1  . ALA A 1 50 ? -1.367  -6.515  6.097   1.00 0.00  ? 96  ALA A HB1  1 
ATOM 715  H HB2  . ALA A 1 50 ? -2.789  -5.609  6.615   1.00 0.00  ? 96  ALA A HB2  1 
ATOM 716  H HB3  . ALA A 1 50 ? -1.385  -4.756  5.972   1.00 0.00  ? 96  ALA A HB3  1 
ATOM 717  N N    . PRO A 1 51 ? -1.766  -7.852  3.466   1.00 32.00 ? 97  PRO A N    1 
ATOM 718  C CA   . PRO A 1 51 ? -1.844  -9.268  3.080   1.00 32.00 ? 97  PRO A CA   1 
ATOM 719  C C    . PRO A 1 51 ? -1.673  -10.203 4.276   1.00 32.00 ? 97  PRO A C    1 
ATOM 720  O O    . PRO A 1 51 ? -2.318  -11.249 4.362   1.00 32.00 ? 97  PRO A O    1 
ATOM 721  C CB   . PRO A 1 51 ? -0.689  -9.446  2.096   1.00 32.00 ? 97  PRO A CB   1 
ATOM 722  C CG   . PRO A 1 51 ? 0.290   -8.380  2.448   1.00 32.00 ? 97  PRO A CG   1 
ATOM 723  C CD   . PRO A 1 51 ? -0.497  -7.239  3.027   1.00 32.00 ? 97  PRO A CD   1 
ATOM 724  H HA   . PRO A 1 51 ? -2.776  -9.469  2.578   1.00 0.00  ? 97  PRO A HA   1 
ATOM 725  H HB2  . PRO A 1 51 ? -0.244  -10.425 2.216   1.00 0.00  ? 97  PRO A HB2  1 
ATOM 726  H HB3  . PRO A 1 51 ? -1.035  -9.311  1.084   1.00 0.00  ? 97  PRO A HB3  1 
ATOM 727  H HG2  . PRO A 1 51 ? 0.996   -8.754  3.177   1.00 0.00  ? 97  PRO A HG2  1 
ATOM 728  H HG3  . PRO A 1 51 ? 0.811   -8.050  1.563   1.00 0.00  ? 97  PRO A HG3  1 
ATOM 729  H HD2  . PRO A 1 51 ? 0.029   -6.808  3.868   1.00 0.00  ? 97  PRO A HD2  1 
ATOM 730  H HD3  . PRO A 1 51 ? -0.688  -6.490  2.274   1.00 0.00  ? 97  PRO A HD3  1 
ATOM 731  N N    . THR A 1 52 ? -0.797  -9.811  5.196   1.00 32.00 ? 98  THR A N    1 
ATOM 732  C CA   . THR A 1 52 ? -0.546  -10.618 6.387   1.00 32.00 ? 98  THR A CA   1 
ATOM 733  C C    . THR A 1 52 ? -0.224  -9.720  7.576   1.00 32.00 ? 98  THR A C    1 
ATOM 734  O O    . THR A 1 52 ? 0.077   -8.537  7.416   1.00 32.00 ? 98  THR A O    1 
ATOM 735  C CB   . THR A 1 52 ? 0.627   -11.572 6.150   1.00 32.00 ? 98  THR A CB   1 
ATOM 736  O OG1  . THR A 1 52 ? 1.674   -10.878 5.489   1.00 32.00 ? 98  THR A OG1  1 
ATOM 737  C CG2  . THR A 1 52 ? 0.165   -12.747 5.286   1.00 32.00 ? 98  THR A CG2  1 
ATOM 738  H H    . THR A 1 52 ? -0.314  -8.968  5.073   1.00 0.00  ? 98  THR A H    1 
ATOM 739  H HA   . THR A 1 52 ? -1.429  -11.197 6.612   1.00 0.00  ? 98  THR A HA   1 
ATOM 740  H HB   . THR A 1 52 ? 0.983   -11.946 7.098   1.00 0.00  ? 98  THR A HB   1 
ATOM 741  H HG1  . THR A 1 52 ? 2.075   -10.275 6.120   1.00 0.00  ? 98  THR A HG1  1 
ATOM 742  H HG21 . THR A 1 52 ? 0.113   -12.435 4.254   1.00 0.00  ? 98  THR A HG21 1 
ATOM 743  H HG22 . THR A 1 52 ? -0.811  -13.073 5.614   1.00 0.00  ? 98  THR A HG22 1 
ATOM 744  H HG23 . THR A 1 52 ? 0.867   -13.562 5.382   1.00 0.00  ? 98  THR A HG23 1 
ATOM 745  N N    . ASP A 1 53 ? -0.290  -10.296 8.773   1.00 32.00 ? 99  ASP A N    1 
ATOM 746  C CA   . ASP A 1 53 ? -0.003  -9.539  9.989   1.00 32.00 ? 99  ASP A CA   1 
ATOM 747  C C    . ASP A 1 53 ? 1.469   -9.144  10.035  1.00 32.00 ? 99  ASP A C    1 
ATOM 748  O O    . ASP A 1 53 ? 2.346   -9.909  9.630   1.00 32.00 ? 99  ASP A O    1 
ATOM 749  C CB   . ASP A 1 53 ? -0.336  -10.368 11.232  1.00 32.00 ? 99  ASP A CB   1 
ATOM 750  C CG   . ASP A 1 53 ? 0.369   -11.718 11.148  1.00 32.00 ? 99  ASP A CG   1 
ATOM 751  O OD1  . ASP A 1 53 ? -0.206  -12.629 10.574  1.00 32.00 ? 99  ASP A OD1  1 
ATOM 752  O OD2  . ASP A 1 53 ? 1.471   -11.821 11.660  1.00 32.00 ? 99  ASP A OD2  1 
ATOM 753  H H    . ASP A 1 53 ? -0.534  -11.242 8.840   1.00 0.00  ? 99  ASP A H    1 
ATOM 754  H HA   . ASP A 1 53 ? -0.606  -8.644  9.995   1.00 0.00  ? 99  ASP A HA   1 
ATOM 755  H HB2  . ASP A 1 53 ? -0.003  -9.841  12.114  1.00 0.00  ? 99  ASP A HB2  1 
ATOM 756  H HB3  . ASP A 1 53 ? -1.403  -10.523 11.285  1.00 0.00  ? 99  ASP A HB3  1 
ATOM 757  N N    . GLY A 1 54 ? 1.730   -7.940  10.535  1.00 32.00 ? 100 GLY A N    1 
ATOM 758  C CA   . GLY A 1 54 ? 3.101   -7.448  10.632  1.00 32.00 ? 100 GLY A CA   1 
ATOM 759  C C    . GLY A 1 54 ? 3.124   -5.986  11.065  1.00 32.00 ? 100 GLY A C    1 
ATOM 760  O O    . GLY A 1 54 ? 2.151   -5.471  11.617  1.00 32.00 ? 100 GLY A O    1 
ATOM 761  H H    . GLY A 1 54 ? 0.990   -7.376  10.842  1.00 0.00  ? 100 GLY A H    1 
ATOM 762  H HA2  . GLY A 1 54 ? 3.642   -8.042  11.355  1.00 0.00  ? 100 GLY A HA2  1 
ATOM 763  H HA3  . GLY A 1 54 ? 3.581   -7.537  9.668   1.00 0.00  ? 100 GLY A HA3  1 
ATOM 764  N N    . LYS A 1 55 ? 4.249   -5.323  10.809  1.00 32.00 ? 101 LYS A N    1 
ATOM 765  C CA   . LYS A 1 55 ? 4.395   -3.917  11.177  1.00 32.00 ? 101 LYS A CA   1 
ATOM 766  C C    . LYS A 1 55 ? 5.020   -3.128  10.030  1.00 32.00 ? 101 LYS A C    1 
ATOM 767  O O    . LYS A 1 55 ? 5.854   -3.644  9.284   1.00 32.00 ? 101 LYS A O    1 
ATOM 768  C CB   . LYS A 1 55 ? 5.279   -3.779  12.417  1.00 32.00 ? 101 LYS A CB   1 
ATOM 769  C CG   . LYS A 1 55 ? 5.192   -2.348  12.952  1.00 32.00 ? 101 LYS A CG   1 
ATOM 770  C CD   . LYS A 1 55 ? 6.328   -2.102  13.947  1.00 32.00 ? 101 LYS A CD   1 
ATOM 771  C CE   . LYS A 1 55 ? 6.113   -2.963  15.192  1.00 32.00 ? 101 LYS A CE   1 
ATOM 772  N NZ   . LYS A 1 55 ? 7.293   -2.910  16.102  1.00 32.00 ? 101 LYS A NZ   1 
ATOM 773  H H    . LYS A 1 55 ? 4.991   -5.786  10.367  1.00 0.00  ? 101 LYS A H    1 
ATOM 774  H HA   . LYS A 1 55 ? 3.421   -3.507  11.394  1.00 0.00  ? 101 LYS A HA   1 
ATOM 775  H HB2  . LYS A 1 55 ? 4.944   -4.469  13.178  1.00 0.00  ? 101 LYS A HB2  1 
ATOM 776  H HB3  . LYS A 1 55 ? 6.303   -4.001  12.156  1.00 0.00  ? 101 LYS A HB3  1 
ATOM 777  H HG2  . LYS A 1 55 ? 5.275   -1.650  12.132  1.00 0.00  ? 101 LYS A HG2  1 
ATOM 778  H HG3  . LYS A 1 55 ? 4.244   -2.207  13.451  1.00 0.00  ? 101 LYS A HG3  1 
ATOM 779  H HD2  . LYS A 1 55 ? 7.271   -2.363  13.487  1.00 0.00  ? 101 LYS A HD2  1 
ATOM 780  H HD3  . LYS A 1 55 ? 6.341   -1.060  14.230  1.00 0.00  ? 101 LYS A HD3  1 
ATOM 781  H HE2  . LYS A 1 55 ? 5.244   -2.604  15.724  1.00 0.00  ? 101 LYS A HE2  1 
ATOM 782  H HE3  . LYS A 1 55 ? 5.943   -3.986  14.889  1.00 0.00  ? 101 LYS A HE3  1 
ATOM 783  H HZ1  . LYS A 1 55 ? 7.207   -3.650  16.826  1.00 0.00  ? 101 LYS A HZ1  1 
ATOM 784  H HZ2  . LYS A 1 55 ? 7.335   -1.977  16.560  1.00 0.00  ? 101 LYS A HZ2  1 
ATOM 785  H HZ3  . LYS A 1 55 ? 8.161   -3.066  15.552  1.00 0.00  ? 101 LYS A HZ3  1 
ATOM 786  N N    . VAL A 1 56 ? 4.608   -1.870  9.898   1.00 32.00 ? 102 VAL A N    1 
ATOM 787  C CA   . VAL A 1 56 ? 5.134   -1.011  8.841   1.00 32.00 ? 102 VAL A CA   1 
ATOM 788  C C    . VAL A 1 56 ? 6.553   -0.566  9.180   1.00 32.00 ? 102 VAL A C    1 
ATOM 789  O O    . VAL A 1 56 ? 6.772   0.195   10.122  1.00 32.00 ? 102 VAL A O    1 
ATOM 790  C CB   . VAL A 1 56 ? 4.247   0.226   8.668   1.00 32.00 ? 102 VAL A CB   1 
ATOM 791  C CG1  . VAL A 1 56 ? 4.703   1.020   7.443   1.00 32.00 ? 102 VAL A CG1  1 
ATOM 792  C CG2  . VAL A 1 56 ? 2.792   -0.212  8.474   1.00 32.00 ? 102 VAL A CG2  1 
ATOM 793  H H    . VAL A 1 56 ? 3.943   -1.513  10.524  1.00 0.00  ? 102 VAL A H    1 
ATOM 794  H HA   . VAL A 1 56 ? 5.150   -1.564  7.914   1.00 0.00  ? 102 VAL A HA   1 
ATOM 795  H HB   . VAL A 1 56 ? 4.322   0.848   9.548   1.00 0.00  ? 102 VAL A HB   1 
ATOM 796  H HG11 . VAL A 1 56 ? 4.856   0.347   6.612   1.00 0.00  ? 102 VAL A HG11 1 
ATOM 797  H HG12 . VAL A 1 56 ? 5.629   1.530   7.668   1.00 0.00  ? 102 VAL A HG12 1 
ATOM 798  H HG13 . VAL A 1 56 ? 3.946   1.746   7.183   1.00 0.00  ? 102 VAL A HG13 1 
ATOM 799  H HG21 . VAL A 1 56 ? 2.769   -1.209  8.057   1.00 0.00  ? 102 VAL A HG21 1 
ATOM 800  H HG22 . VAL A 1 56 ? 2.297   0.471   7.801   1.00 0.00  ? 102 VAL A HG22 1 
ATOM 801  H HG23 . VAL A 1 56 ? 2.285   -0.210  9.427   1.00 0.00  ? 102 VAL A HG23 1 
ATOM 802  N N    . GLU A 1 57 ? 7.516   -1.055  8.403   1.00 32.00 ? 103 GLU A N    1 
ATOM 803  C CA   . GLU A 1 57 ? 8.915   -0.705  8.631   1.00 32.00 ? 103 GLU A CA   1 
ATOM 804  C C    . GLU A 1 57 ? 9.326   0.478   7.758   1.00 32.00 ? 103 GLU A C    1 
ATOM 805  O O    . GLU A 1 57 ? 10.203  1.261   8.124   1.00 32.00 ? 103 GLU A O    1 
ATOM 806  C CB   . GLU A 1 57 ? 9.826   -1.896  8.320   1.00 32.00 ? 103 GLU A CB   1 
ATOM 807  C CG   . GLU A 1 57 ? 9.557   -2.394  6.898   1.00 32.00 ? 103 GLU A CG   1 
ATOM 808  C CD   . GLU A 1 57 ? 10.674  -3.339  6.471   1.00 32.00 ? 103 GLU A CD   1 
ATOM 809  O OE1  . GLU A 1 57 ? 11.812  -2.902  6.433   1.00 32.00 ? 103 GLU A OE1  1 
ATOM 810  O OE2  . GLU A 1 57 ? 10.375  -4.489  6.187   1.00 32.00 ? 103 GLU A OE2  1 
ATOM 811  H H    . GLU A 1 57 ? 7.283   -1.660  7.669   1.00 0.00  ? 103 GLU A H    1 
ATOM 812  H HA   . GLU A 1 57 ? 9.042   -0.433  9.668   1.00 0.00  ? 103 GLU A HA   1 
ATOM 813  H HB2  . GLU A 1 57 ? 10.860  -1.590  8.405   1.00 0.00  ? 103 GLU A HB2  1 
ATOM 814  H HB3  . GLU A 1 57 ? 9.628   -2.692  9.021   1.00 0.00  ? 103 GLU A HB3  1 
ATOM 815  H HG2  . GLU A 1 57 ? 8.612   -2.917  6.872   1.00 0.00  ? 103 GLU A HG2  1 
ATOM 816  H HG3  . GLU A 1 57 ? 9.522   -1.554  6.222   1.00 0.00  ? 103 GLU A HG3  1 
ATOM 817  N N    . LYS A 1 58 ? 8.684   0.603   6.598   1.00 32.00 ? 104 LYS A N    1 
ATOM 818  C CA   . LYS A 1 58 ? 8.995   1.698   5.683   1.00 32.00 ? 104 LYS A CA   1 
ATOM 819  C C    . LYS A 1 58 ? 7.868   1.887   4.673   1.00 32.00 ? 104 LYS A C    1 
ATOM 820  O O    . LYS A 1 58 ? 7.451   0.941   4.002   1.00 32.00 ? 104 LYS A O    1 
ATOM 821  C CB   . LYS A 1 58 ? 10.296  1.413   4.930   1.00 32.00 ? 104 LYS A CB   1 
ATOM 822  C CG   . LYS A 1 58 ? 10.874  2.726   4.395   1.00 32.00 ? 104 LYS A CG   1 
ATOM 823  C CD   . LYS A 1 58 ? 12.290  2.484   3.867   1.00 32.00 ? 104 LYS A CD   1 
ATOM 824  C CE   . LYS A 1 58 ? 12.609  3.505   2.775   1.00 32.00 ? 104 LYS A CE   1 
ATOM 825  N NZ   . LYS A 1 58 ? 13.769  3.071   1.946   1.00 32.00 ? 104 LYS A NZ   1 
ATOM 826  H H    . LYS A 1 58 ? 7.994   -0.048  6.354   1.00 0.00  ? 104 LYS A H    1 
ATOM 827  H HA   . LYS A 1 58 ? 9.113   2.608   6.252   1.00 0.00  ? 104 LYS A HA   1 
ATOM 828  H HB2  . LYS A 1 58 ? 11.008  0.954   5.601   1.00 0.00  ? 104 LYS A HB2  1 
ATOM 829  H HB3  . LYS A 1 58 ? 10.097  0.747   4.105   1.00 0.00  ? 104 LYS A HB3  1 
ATOM 830  H HG2  . LYS A 1 58 ? 10.249  3.093   3.594   1.00 0.00  ? 104 LYS A HG2  1 
ATOM 831  H HG3  . LYS A 1 58 ? 10.907  3.455   5.189   1.00 0.00  ? 104 LYS A HG3  1 
ATOM 832  H HD2  . LYS A 1 58 ? 12.997  2.587   4.678   1.00 0.00  ? 104 LYS A HD2  1 
ATOM 833  H HD3  . LYS A 1 58 ? 12.356  1.488   3.456   1.00 0.00  ? 104 LYS A HD3  1 
ATOM 834  H HE2  . LYS A 1 58 ? 11.747  3.624   2.138   1.00 0.00  ? 104 LYS A HE2  1 
ATOM 835  H HE3  . LYS A 1 58 ? 12.839  4.456   3.238   1.00 0.00  ? 104 LYS A HE3  1 
ATOM 836  H HZ1  . LYS A 1 58 ? 13.795  3.628   1.068   1.00 0.00  ? 104 LYS A HZ1  1 
ATOM 837  H HZ2  . LYS A 1 58 ? 13.670  2.061   1.715   1.00 0.00  ? 104 LYS A HZ2  1 
ATOM 838  H HZ3  . LYS A 1 58 ? 14.651  3.221   2.476   1.00 0.00  ? 104 LYS A HZ3  1 
ATOM 839  N N    . VAL A 1 59 ? 7.381   3.120   4.571   1.00 32.00 ? 105 VAL A N    1 
ATOM 840  C CA   . VAL A 1 59 ? 6.300   3.427   3.637   1.00 32.00 ? 105 VAL A CA   1 
ATOM 841  C C    . VAL A 1 59 ? 6.853   4.132   2.402   1.00 32.00 ? 105 VAL A C    1 
ATOM 842  O O    . VAL A 1 59 ? 7.290   5.281   2.468   1.00 32.00 ? 105 VAL A O    1 
ATOM 843  C CB   . VAL A 1 59 ? 5.253   4.327   4.299   1.00 32.00 ? 105 VAL A CB   1 
ATOM 844  C CG1  . VAL A 1 59 ? 4.043   4.473   3.373   1.00 32.00 ? 105 VAL A CG1  1 
ATOM 845  C CG2  . VAL A 1 59 ? 4.806   3.702   5.623   1.00 32.00 ? 105 VAL A CG2  1 
ATOM 846  H H    . VAL A 1 59 ? 7.753   3.834   5.130   1.00 0.00  ? 105 VAL A H    1 
ATOM 847  H HA   . VAL A 1 59 ? 5.827   2.506   3.333   1.00 0.00  ? 105 VAL A HA   1 
ATOM 848  H HB   . VAL A 1 59 ? 5.682   5.301   4.485   1.00 0.00  ? 105 VAL A HB   1 
ATOM 849  H HG11 . VAL A 1 59 ? 4.354   4.332   2.348   1.00 0.00  ? 105 VAL A HG11 1 
ATOM 850  H HG12 . VAL A 1 59 ? 3.618   5.459   3.487   1.00 0.00  ? 105 VAL A HG12 1 
ATOM 851  H HG13 . VAL A 1 59 ? 3.302   3.730   3.629   1.00 0.00  ? 105 VAL A HG13 1 
ATOM 852  H HG21 . VAL A 1 59 ? 4.773   2.628   5.521   1.00 0.00  ? 105 VAL A HG21 1 
ATOM 853  H HG22 . VAL A 1 59 ? 3.823   4.069   5.881   1.00 0.00  ? 105 VAL A HG22 1 
ATOM 854  H HG23 . VAL A 1 59 ? 5.504   3.970   6.402   1.00 0.00  ? 105 VAL A HG23 1 
ATOM 855  N N    . LEU A 1 60 ? 6.825   3.429   1.274   1.00 32.00 ? 106 LEU A N    1 
ATOM 856  C CA   . LEU A 1 60 ? 7.323   3.994   0.024   1.00 32.00 ? 106 LEU A CA   1 
ATOM 857  C C    . LEU A 1 60 ? 6.278   4.913   -0.601  1.00 32.00 ? 106 LEU A C    1 
ATOM 858  O O    . LEU A 1 60 ? 6.612   5.897   -1.262  1.00 32.00 ? 106 LEU A O    1 
ATOM 859  C CB   . LEU A 1 60 ? 7.663   2.880   -0.968  1.00 32.00 ? 106 LEU A CB   1 
ATOM 860  C CG   . LEU A 1 60 ? 8.438   1.696   -0.385  1.00 32.00 ? 106 LEU A CG   1 
ATOM 861  C CD1  . LEU A 1 60 ? 8.159   0.443   -1.216  1.00 32.00 ? 106 LEU A CD1  1 
ATOM 862  C CD2  . LEU A 1 60 ? 9.936   2.004   -0.417  1.00 32.00 ? 106 LEU A CD2  1 
ATOM 863  H H    . LEU A 1 60 ? 6.464   2.518   1.282   1.00 0.00  ? 106 LEU A H    1 
ATOM 864  H HA   . LEU A 1 60 ? 8.218   4.564   0.227   1.00 0.00  ? 106 LEU A HA   1 
ATOM 865  H HB2  . LEU A 1 60 ? 6.740   2.504   -1.383  1.00 0.00  ? 106 LEU A HB2  1 
ATOM 866  H HB3  . LEU A 1 60 ? 8.244   3.310   -1.772  1.00 0.00  ? 106 LEU A HB3  1 
ATOM 867  H HG   . LEU A 1 60 ? 8.124   1.529   0.635   1.00 0.00  ? 106 LEU A HG   1 
ATOM 868  H HD11 . LEU A 1 60 ? 8.399   0.636   -2.251  1.00 0.00  ? 106 LEU A HD11 1 
ATOM 869  H HD12 . LEU A 1 60 ? 7.114   0.180   -1.133  1.00 0.00  ? 106 LEU A HD12 1 
ATOM 870  H HD13 . LEU A 1 60 ? 8.765   -0.373  -0.852  1.00 0.00  ? 106 LEU A HD13 1 
ATOM 871  H HD21 . LEU A 1 60 ? 10.332  1.768   -1.394  1.00 0.00  ? 106 LEU A HD21 1 
ATOM 872  H HD22 . LEU A 1 60 ? 10.442  1.411   0.329   1.00 0.00  ? 106 LEU A HD22 1 
ATOM 873  H HD23 . LEU A 1 60 ? 10.092  3.053   -0.209  1.00 0.00  ? 106 LEU A HD23 1 
ATOM 874  N N    . VAL A 1 61 ? 5.008   4.581   -0.384  1.00 32.00 ? 107 VAL A N    1 
ATOM 875  C CA   . VAL A 1 61 ? 3.918   5.382   -0.931  1.00 32.00 ? 107 VAL A CA   1 
ATOM 876  C C    . VAL A 1 61 ? 3.649   6.597   -0.046  1.00 32.00 ? 107 VAL A C    1 
ATOM 877  O O    . VAL A 1 61 ? 3.712   6.516   1.181   1.00 32.00 ? 107 VAL A O    1 
ATOM 878  C CB   . VAL A 1 61 ? 2.639   4.547   -1.043  1.00 32.00 ? 107 VAL A CB   1 
ATOM 879  C CG1  . VAL A 1 61 ? 2.869   3.393   -2.019  1.00 32.00 ? 107 VAL A CG1  1 
ATOM 880  C CG2  . VAL A 1 61 ? 2.268   3.979   0.332   1.00 32.00 ? 107 VAL A CG2  1 
ATOM 881  H H    . VAL A 1 61 ? 4.803   3.786   0.149   1.00 0.00  ? 107 VAL A H    1 
ATOM 882  H HA   . VAL A 1 61 ? 4.197   5.725   -1.917  1.00 0.00  ? 107 VAL A HA   1 
ATOM 883  H HB   . VAL A 1 61 ? 1.835   5.169   -1.407  1.00 0.00  ? 107 VAL A HB   1 
ATOM 884  H HG11 . VAL A 1 61 ? 3.038   3.788   -3.010  1.00 0.00  ? 107 VAL A HG11 1 
ATOM 885  H HG12 . VAL A 1 61 ? 2.001   2.752   -2.030  1.00 0.00  ? 107 VAL A HG12 1 
ATOM 886  H HG13 . VAL A 1 61 ? 3.732   2.824   -1.706  1.00 0.00  ? 107 VAL A HG13 1 
ATOM 887  H HG21 . VAL A 1 61 ? 1.266   3.577   0.295   1.00 0.00  ? 107 VAL A HG21 1 
ATOM 888  H HG22 . VAL A 1 61 ? 2.312   4.766   1.070   1.00 0.00  ? 107 VAL A HG22 1 
ATOM 889  H HG23 . VAL A 1 61 ? 2.960   3.197   0.598   1.00 0.00  ? 107 VAL A HG23 1 
ATOM 890  N N    . LYS A 1 62 ? 3.346   7.723   -0.685  1.00 32.00 ? 108 LYS A N    1 
ATOM 891  C CA   . LYS A 1 62 ? 3.066   8.953   0.049   1.00 32.00 ? 108 LYS A CA   1 
ATOM 892  C C    . LYS A 1 62 ? 1.754   9.567   -0.430  1.00 32.00 ? 108 LYS A C    1 
ATOM 893  O O    . LYS A 1 62 ? 1.256   9.240   -1.507  1.00 32.00 ? 108 LYS A O    1 
ATOM 894  C CB   . LYS A 1 62 ? 4.193   9.967   -0.152  1.00 32.00 ? 108 LYS A CB   1 
ATOM 895  C CG   . LYS A 1 62 ? 5.273   9.748   0.909   1.00 32.00 ? 108 LYS A CG   1 
ATOM 896  C CD   . LYS A 1 62 ? 6.244   10.930  0.902   1.00 32.00 ? 108 LYS A CD   1 
ATOM 897  C CE   . LYS A 1 62 ? 7.114   10.885  2.160   1.00 32.00 ? 108 LYS A CE   1 
ATOM 898  N NZ   . LYS A 1 62 ? 7.887   12.148  2.333   1.00 32.00 ? 108 LYS A NZ   1 
ATOM 899  H H    . LYS A 1 62 ? 3.310   7.727   -1.665  1.00 0.00  ? 108 LYS A H    1 
ATOM 900  H HA   . LYS A 1 62 ? 2.984   8.724   1.101   1.00 0.00  ? 108 LYS A HA   1 
ATOM 901  H HB2  . LYS A 1 62 ? 4.622   9.839   -1.136  1.00 0.00  ? 108 LYS A HB2  1 
ATOM 902  H HB3  . LYS A 1 62 ? 3.799   10.968  -0.059  1.00 0.00  ? 108 LYS A HB3  1 
ATOM 903  H HG2  . LYS A 1 62 ? 4.811   9.666   1.882   1.00 0.00  ? 108 LYS A HG2  1 
ATOM 904  H HG3  . LYS A 1 62 ? 5.814   8.839   0.689   1.00 0.00  ? 108 LYS A HG3  1 
ATOM 905  H HD2  . LYS A 1 62 ? 6.873   10.875  0.026   1.00 0.00  ? 108 LYS A HD2  1 
ATOM 906  H HD3  . LYS A 1 62 ? 5.686   11.854  0.887   1.00 0.00  ? 108 LYS A HD3  1 
ATOM 907  H HE2  . LYS A 1 62 ? 6.481   10.740  3.022   1.00 0.00  ? 108 LYS A HE2  1 
ATOM 908  H HE3  . LYS A 1 62 ? 7.800   10.055  2.083   1.00 0.00  ? 108 LYS A HE3  1 
ATOM 909  H HZ1  . LYS A 1 62 ? 8.121   12.542  1.399   1.00 0.00  ? 108 LYS A HZ1  1 
ATOM 910  H HZ2  . LYS A 1 62 ? 8.765   11.947  2.855   1.00 0.00  ? 108 LYS A HZ2  1 
ATOM 911  H HZ3  . LYS A 1 62 ? 7.316   12.835  2.863   1.00 0.00  ? 108 LYS A HZ3  1 
ATOM 912  N N    . GLU A 1 63 ? 1.199   10.461  0.384   1.00 32.00 ? 109 GLU A N    1 
ATOM 913  C CA   . GLU A 1 63 ? -0.058  11.117  0.036   1.00 32.00 ? 109 GLU A CA   1 
ATOM 914  C C    . GLU A 1 63 ? 0.097   11.918  -1.254  1.00 32.00 ? 109 GLU A C    1 
ATOM 915  O O    . GLU A 1 63 ? 1.159   12.475  -1.531  1.00 32.00 ? 109 GLU A O    1 
ATOM 916  C CB   . GLU A 1 63 ? -0.500  12.059  1.158   1.00 32.00 ? 109 GLU A CB   1 
ATOM 917  C CG   . GLU A 1 63 ? -1.363  11.291  2.160   1.00 32.00 ? 109 GLU A CG   1 
ATOM 918  C CD   . GLU A 1 63 ? -1.597  12.152  3.396   1.00 32.00 ? 109 GLU A CD   1 
ATOM 919  O OE1  . GLU A 1 63 ? -2.565  12.894  3.402   1.00 32.00 ? 109 GLU A OE1  1 
ATOM 920  O OE2  . GLU A 1 63 ? -0.805  12.056  4.319   1.00 32.00 ? 109 GLU A OE2  1 
ATOM 921  H H    . GLU A 1 63 ? 1.640   10.682  1.231   1.00 0.00  ? 109 GLU A H    1 
ATOM 922  H HA   . GLU A 1 63 ? -0.820  10.365  -0.108  1.00 0.00  ? 109 GLU A HA   1 
ATOM 923  H HB2  . GLU A 1 63 ? 0.372   12.454  1.660   1.00 0.00  ? 109 GLU A HB2  1 
ATOM 924  H HB3  . GLU A 1 63 ? -1.075  12.872  0.740   1.00 0.00  ? 109 GLU A HB3  1 
ATOM 925  H HG2  . GLU A 1 63 ? -2.312  11.047  1.705   1.00 0.00  ? 109 GLU A HG2  1 
ATOM 926  H HG3  . GLU A 1 63 ? -0.857  10.381  2.448   1.00 0.00  ? 109 GLU A HG3  1 
ATOM 927  N N    . ARG A 1 64 ? -0.975  11.965  -2.040  1.00 32.00 ? 110 ARG A N    1 
ATOM 928  C CA   . ARG A 1 64 ? -0.956  12.698  -3.305  1.00 32.00 ? 110 ARG A CA   1 
ATOM 929  C C    . ARG A 1 64 ? 0.110   12.128  -4.238  1.00 32.00 ? 110 ARG A C    1 
ATOM 930  O O    . ARG A 1 64 ? 0.717   12.851  -5.026  1.00 32.00 ? 110 ARG A O    1 
ATOM 931  C CB   . ARG A 1 64 ? -0.666  14.181  -3.063  1.00 32.00 ? 110 ARG A CB   1 
ATOM 932  C CG   . ARG A 1 64 ? -1.959  14.894  -2.660  1.00 32.00 ? 110 ARG A CG   1 
ATOM 933  C CD   . ARG A 1 64 ? -2.676  15.399  -3.914  1.00 32.00 ? 110 ARG A CD   1 
ATOM 934  N NE   . ARG A 1 64 ? -3.452  16.600  -3.614  1.00 32.00 ? 110 ARG A NE   1 
ATOM 935  C CZ   . ARG A 1 64 ? -3.092  17.785  -4.097  1.00 32.00 ? 110 ARG A CZ   1 
ATOM 936  N NH1  . ARG A 1 64 ? -1.909  18.267  -3.832  1.00 32.00 ? 110 ARG A NH1  1 
ATOM 937  N NH2  . ARG A 1 64 ? -3.923  18.467  -4.838  1.00 32.00 ? 110 ARG A NH2  1 
ATOM 938  H H    . ARG A 1 64 ? -1.793  11.499  -1.767  1.00 0.00  ? 110 ARG A H    1 
ATOM 939  H HA   . ARG A 1 64 ? -1.922  12.604  -3.778  1.00 0.00  ? 110 ARG A HA   1 
ATOM 940  H HB2  . ARG A 1 64 ? 0.063   14.282  -2.273  1.00 0.00  ? 110 ARG A HB2  1 
ATOM 941  H HB3  . ARG A 1 64 ? -0.281  14.625  -3.969  1.00 0.00  ? 110 ARG A HB3  1 
ATOM 942  H HG2  . ARG A 1 64 ? -2.600  14.204  -2.131  1.00 0.00  ? 110 ARG A HG2  1 
ATOM 943  H HG3  . ARG A 1 64 ? -1.724  15.732  -2.021  1.00 0.00  ? 110 ARG A HG3  1 
ATOM 944  H HD2  . ARG A 1 64 ? -1.945  15.631  -4.673  1.00 0.00  ? 110 ARG A HD2  1 
ATOM 945  H HD3  . ARG A 1 64 ? -3.336  14.626  -4.281  1.00 0.00  ? 110 ARG A HD3  1 
ATOM 946  H HE   . ARG A 1 64 ? -4.249  16.530  -3.049  1.00 0.00  ? 110 ARG A HE   1 
ATOM 947  H HH11 . ARG A 1 64 ? -1.273  17.744  -3.264  1.00 0.00  ? 110 ARG A HH11 1 
ATOM 948  H HH12 . ARG A 1 64 ? -1.638  19.158  -4.195  1.00 0.00  ? 110 ARG A HH12 1 
ATOM 949  H HH21 . ARG A 1 64 ? -4.830  18.098  -5.041  1.00 0.00  ? 110 ARG A HH21 1 
ATOM 950  H HH22 . ARG A 1 64 ? -3.653  19.359  -5.200  1.00 0.00  ? 110 ARG A HH22 1 
ATOM 951  N N    . ASP A 1 65 ? 0.326   10.818  -4.137  1.00 32.00 ? 111 ASP A N    1 
ATOM 952  C CA   . ASP A 1 65 ? 1.319   10.154  -4.976  1.00 32.00 ? 111 ASP A CA   1 
ATOM 953  C C    . ASP A 1 65 ? 0.649   9.114   -5.869  1.00 32.00 ? 111 ASP A C    1 
ATOM 954  O O    . ASP A 1 65 ? -0.354  8.507   -5.494  1.00 32.00 ? 111 ASP A O    1 
ATOM 955  C CB   . ASP A 1 65 ? 2.375   9.461   -4.112  1.00 32.00 ? 111 ASP A CB   1 
ATOM 956  C CG   . ASP A 1 65 ? 3.688   9.376   -4.882  1.00 32.00 ? 111 ASP A CG   1 
ATOM 957  O OD1  . ASP A 1 65 ? 4.242   10.419  -5.187  1.00 32.00 ? 111 ASP A OD1  1 
ATOM 958  O OD2  . ASP A 1 65 ? 4.119   8.268   -5.157  1.00 32.00 ? 111 ASP A OD2  1 
ATOM 959  H H    . ASP A 1 65 ? -0.189  10.293  -3.491  1.00 0.00  ? 111 ASP A H    1 
ATOM 960  H HA   . ASP A 1 65 ? 1.804   10.891  -5.598  1.00 0.00  ? 111 ASP A HA   1 
ATOM 961  H HB2  . ASP A 1 65 ? 2.525   10.030  -3.205  1.00 0.00  ? 111 ASP A HB2  1 
ATOM 962  H HB3  . ASP A 1 65 ? 2.040   8.466   -3.862  1.00 0.00  ? 111 ASP A HB3  1 
ATOM 963  N N    . ALA A 1 66 ? 1.215   8.918   -7.056  1.00 32.00 ? 112 ALA A N    1 
ATOM 964  C CA   . ALA A 1 66 ? 0.664   7.948   -8.001  1.00 32.00 ? 112 ALA A CA   1 
ATOM 965  C C    . ALA A 1 66 ? 1.322   6.586   -7.812  1.00 32.00 ? 112 ALA A C    1 
ATOM 966  O O    . ALA A 1 66 ? 2.535   6.484   -7.634  1.00 32.00 ? 112 ALA A O    1 
ATOM 967  C CB   . ALA A 1 66 ? 0.890   8.415   -9.440  1.00 32.00 ? 112 ALA A CB   1 
ATOM 968  H H    . ALA A 1 66 ? 2.013   9.430   -7.302  1.00 0.00  ? 112 ALA A H    1 
ATOM 969  H HA   . ALA A 1 66 ? -0.397  7.854   -7.827  1.00 0.00  ? 112 ALA A HA   1 
ATOM 970  H HB1  . ALA A 1 66 ? 1.950   8.518   -9.623  1.00 0.00  ? 112 ALA A HB1  1 
ATOM 971  H HB2  . ALA A 1 66 ? 0.406   9.369   -9.589  1.00 0.00  ? 112 ALA A HB2  1 
ATOM 972  H HB3  . ALA A 1 66 ? 0.475   7.690   -10.123 1.00 0.00  ? 112 ALA A HB3  1 
ATOM 973  N N    . VAL A 1 67 ? 0.504   5.537   -7.857  1.00 32.00 ? 113 VAL A N    1 
ATOM 974  C CA   . VAL A 1 67 ? 1.014   4.178   -7.691  1.00 32.00 ? 113 VAL A CA   1 
ATOM 975  C C    . VAL A 1 67 ? 0.655   3.325   -8.905  1.00 32.00 ? 113 VAL A C    1 
ATOM 976  O O    . VAL A 1 67 ? 0.015   3.794   -9.845  1.00 32.00 ? 113 VAL A O    1 
ATOM 977  C CB   . VAL A 1 67 ? 0.425   3.533   -6.434  1.00 32.00 ? 113 VAL A CB   1 
ATOM 978  C CG1  . VAL A 1 67 ? 0.905   4.296   -5.198  1.00 32.00 ? 113 VAL A CG1  1 
ATOM 979  C CG2  . VAL A 1 67 ? -1.104  3.584   -6.500  1.00 32.00 ? 113 VAL A CG2  1 
ATOM 980  H H    . VAL A 1 67 ? -0.454  5.678   -8.002  1.00 0.00  ? 113 VAL A H    1 
ATOM 981  H HA   . VAL A 1 67 ? 2.088   4.216   -7.594  1.00 0.00  ? 113 VAL A HA   1 
ATOM 982  H HB   . VAL A 1 67 ? 0.751   2.506   -6.371  1.00 0.00  ? 113 VAL A HB   1 
ATOM 983  H HG11 . VAL A 1 67 ? 1.910   4.653   -5.362  1.00 0.00  ? 113 VAL A HG11 1 
ATOM 984  H HG12 . VAL A 1 67 ? 0.892   3.638   -4.342  1.00 0.00  ? 113 VAL A HG12 1 
ATOM 985  H HG13 . VAL A 1 67 ? 0.249   5.135   -5.016  1.00 0.00  ? 113 VAL A HG13 1 
ATOM 986  H HG21 . VAL A 1 67 ? -1.422  3.510   -7.530  1.00 0.00  ? 113 VAL A HG21 1 
ATOM 987  H HG22 . VAL A 1 67 ? -1.452  4.517   -6.082  1.00 0.00  ? 113 VAL A HG22 1 
ATOM 988  H HG23 . VAL A 1 67 ? -1.516  2.760   -5.937  1.00 0.00  ? 113 VAL A HG23 1 
ATOM 989  N N    . GLN A 1 68 ? 1.077   2.064   -8.871  1.00 32.00 ? 114 GLN A N    1 
ATOM 990  C CA   . GLN A 1 68 ? 0.794   1.148   -9.973  1.00 32.00 ? 114 GLN A CA   1 
ATOM 991  C C    . GLN A 1 68 ? 0.336   -0.203  -9.434  1.00 32.00 ? 114 GLN A C    1 
ATOM 992  O O    . GLN A 1 68 ? 0.815   -0.670  -8.401  1.00 32.00 ? 114 GLN A O    1 
ATOM 993  C CB   . GLN A 1 68 ? 2.042   0.945   -10.834 1.00 32.00 ? 114 GLN A CB   1 
ATOM 994  C CG   . GLN A 1 68 ? 2.200   2.128   -11.790 1.00 32.00 ? 114 GLN A CG   1 
ATOM 995  C CD   . GLN A 1 68 ? 3.361   1.862   -12.743 1.00 32.00 ? 114 GLN A CD   1 
ATOM 996  O OE1  . GLN A 1 68 ? 3.540   0.739   -13.213 1.00 32.00 ? 114 GLN A OE1  1 
ATOM 997  N NE2  . GLN A 1 68 ? 4.168   2.838   -13.057 1.00 32.00 ? 114 GLN A NE2  1 
ATOM 998  H H    . GLN A 1 68 ? 1.583   1.743   -8.095  1.00 0.00  ? 114 GLN A H    1 
ATOM 999  H HA   . GLN A 1 68 ? 0.011   1.566   -10.585 1.00 0.00  ? 114 GLN A HA   1 
ATOM 1000 H HB2  . GLN A 1 68 ? 2.912   0.877   -10.197 1.00 0.00  ? 114 GLN A HB2  1 
ATOM 1001 H HB3  . GLN A 1 68 ? 1.941   0.034   -11.405 1.00 0.00  ? 114 GLN A HB3  1 
ATOM 1002 H HG2  . GLN A 1 68 ? 1.290   2.256   -12.359 1.00 0.00  ? 114 GLN A HG2  1 
ATOM 1003 H HG3  . GLN A 1 68 ? 2.400   3.025   -11.224 1.00 0.00  ? 114 GLN A HG3  1 
ATOM 1004 H HE21 . GLN A 1 68 ? 4.025   3.732   -12.682 1.00 0.00  ? 114 GLN A HE21 1 
ATOM 1005 H HE22 . GLN A 1 68 ? 4.917   2.677   -13.668 1.00 0.00  ? 114 GLN A HE22 1 
ATOM 1006 N N    . GLY A 1 69 ? -0.600  -0.827  -10.147 1.00 32.00 ? 115 GLY A N    1 
ATOM 1007 C CA   . GLY A 1 69 ? -1.122  -2.128  -9.733  1.00 32.00 ? 115 GLY A CA   1 
ATOM 1008 C C    . GLY A 1 69 ? -0.002  -3.160  -9.646  1.00 32.00 ? 115 GLY A C    1 
ATOM 1009 O O    . GLY A 1 69 ? 0.640   -3.487  -10.645 1.00 32.00 ? 115 GLY A O    1 
ATOM 1010 H H    . GLY A 1 69 ? -0.944  -0.406  -10.963 1.00 0.00  ? 115 GLY A H    1 
ATOM 1011 H HA2  . GLY A 1 69 ? -1.592  -2.029  -8.765  1.00 0.00  ? 115 GLY A HA2  1 
ATOM 1012 H HA3  . GLY A 1 69 ? -1.855  -2.461  -10.453 1.00 0.00  ? 115 GLY A HA3  1 
ATOM 1013 N N    . GLY A 1 70 ? 0.225   -3.669  -8.439  1.00 32.00 ? 116 GLY A N    1 
ATOM 1014 C CA   . GLY A 1 70 ? 1.273   -4.663  -8.227  1.00 32.00 ? 116 GLY A CA   1 
ATOM 1015 C C    . GLY A 1 70 ? 2.501   -4.032  -7.577  1.00 32.00 ? 116 GLY A C    1 
ATOM 1016 O O    . GLY A 1 70 ? 3.246   -4.693  -6.856  1.00 32.00 ? 116 GLY A O    1 
ATOM 1017 H H    . GLY A 1 70 ? -0.317  -3.369  -7.680  1.00 0.00  ? 116 GLY A H    1 
ATOM 1018 H HA2  . GLY A 1 70 ? 0.894   -5.446  -7.587  1.00 0.00  ? 116 GLY A HA2  1 
ATOM 1019 H HA3  . GLY A 1 70 ? 1.558   -5.087  -9.179  1.00 0.00  ? 116 GLY A HA3  1 
ATOM 1020 N N    . GLN A 1 71 ? 2.704   -2.741  -7.841  1.00 32.00 ? 117 GLN A N    1 
ATOM 1021 C CA   . GLN A 1 71 ? 3.848   -2.023  -7.278  1.00 32.00 ? 117 GLN A CA   1 
ATOM 1022 C C    . GLN A 1 71 ? 3.822   -2.075  -5.752  1.00 32.00 ? 117 GLN A C    1 
ATOM 1023 O O    . GLN A 1 71 ? 2.760   -2.026  -5.132  1.00 32.00 ? 117 GLN A O    1 
ATOM 1024 C CB   . GLN A 1 71 ? 3.830   -0.560  -7.725  1.00 32.00 ? 117 GLN A CB   1 
ATOM 1025 C CG   . GLN A 1 71 ? 5.146   0.112   -7.329  1.00 32.00 ? 117 GLN A CG   1 
ATOM 1026 C CD   . GLN A 1 71 ? 5.083   1.597   -7.672  1.00 32.00 ? 117 GLN A CD   1 
ATOM 1027 O OE1  . GLN A 1 71 ? 5.430   1.999   -8.784  1.00 32.00 ? 117 GLN A OE1  1 
ATOM 1028 N NE2  . GLN A 1 71 ? 4.654   2.443   -6.777  1.00 32.00 ? 117 GLN A NE2  1 
ATOM 1029 H H    . GLN A 1 71 ? 2.079   -2.264  -8.424  1.00 0.00  ? 117 GLN A H    1 
ATOM 1030 H HA   . GLN A 1 71 ? 4.758   -2.483  -7.630  1.00 0.00  ? 117 GLN A HA   1 
ATOM 1031 H HB2  . GLN A 1 71 ? 3.710   -0.513  -8.798  1.00 0.00  ? 117 GLN A HB2  1 
ATOM 1032 H HB3  . GLN A 1 71 ? 3.009   -0.048  -7.248  1.00 0.00  ? 117 GLN A HB3  1 
ATOM 1033 H HG2  . GLN A 1 71 ? 5.305   -0.006  -6.267  1.00 0.00  ? 117 GLN A HG2  1 
ATOM 1034 H HG3  . GLN A 1 71 ? 5.961   -0.346  -7.869  1.00 0.00  ? 117 GLN A HG3  1 
ATOM 1035 H HE21 . GLN A 1 71 ? 4.377   2.124   -5.893  1.00 0.00  ? 117 GLN A HE21 1 
ATOM 1036 H HE22 . GLN A 1 71 ? 4.610   3.399   -6.989  1.00 0.00  ? 117 GLN A HE22 1 
ATOM 1037 N N    . GLY A 1 72 ? 5.007   -2.177  -5.157  1.00 32.00 ? 118 GLY A N    1 
ATOM 1038 C CA   . GLY A 1 72 ? 5.116   -2.237  -3.703  1.00 32.00 ? 118 GLY A CA   1 
ATOM 1039 C C    . GLY A 1 72 ? 4.560   -0.968  -3.065  1.00 32.00 ? 118 GLY A C    1 
ATOM 1040 O O    . GLY A 1 72 ? 5.055   0.133   -3.305  1.00 32.00 ? 118 GLY A O    1 
ATOM 1041 H H    . GLY A 1 72 ? 5.820   -2.213  -5.704  1.00 0.00  ? 118 GLY A H    1 
ATOM 1042 H HA2  . GLY A 1 72 ? 4.562   -3.089  -3.339  1.00 0.00  ? 118 GLY A HA2  1 
ATOM 1043 H HA3  . GLY A 1 72 ? 6.155   -2.344  -3.427  1.00 0.00  ? 118 GLY A HA3  1 
ATOM 1044 N N    . LEU A 1 73 ? 3.524   -1.137  -2.250  1.00 32.00 ? 119 LEU A N    1 
ATOM 1045 C CA   . LEU A 1 73 ? 2.902   0.000   -1.579  1.00 32.00 ? 119 LEU A CA   1 
ATOM 1046 C C    . LEU A 1 73 ? 3.592   0.272   -0.246  1.00 32.00 ? 119 LEU A C    1 
ATOM 1047 O O    . LEU A 1 73 ? 4.100   1.366   -0.005  1.00 32.00 ? 119 LEU A O    1 
ATOM 1048 C CB   . LEU A 1 73 ? 1.419   -0.270  -1.328  1.00 32.00 ? 119 LEU A CB   1 
ATOM 1049 C CG   . LEU A 1 73 ? 0.541   -0.329  -2.581  1.00 32.00 ? 119 LEU A CG   1 
ATOM 1050 C CD1  . LEU A 1 73 ? -0.893  -0.688  -2.184  1.00 32.00 ? 119 LEU A CD1  1 
ATOM 1051 C CD2  . LEU A 1 73 ? 0.551   1.037   -3.273  1.00 32.00 ? 119 LEU A CD2  1 
ATOM 1052 H H    . LEU A 1 73 ? 3.172   -2.039  -2.096  1.00 0.00  ? 119 LEU A H    1 
ATOM 1053 H HA   . LEU A 1 73 ? 2.996   0.873   -2.208  1.00 0.00  ? 119 LEU A HA   1 
ATOM 1054 H HB2  . LEU A 1 73 ? 1.329   -1.214  -0.813  1.00 0.00  ? 119 LEU A HB2  1 
ATOM 1055 H HB3  . LEU A 1 73 ? 1.039   0.505   -0.677  1.00 0.00  ? 119 LEU A HB3  1 
ATOM 1056 H HG   . LEU A 1 73 ? 0.926   -1.080  -3.255  1.00 0.00  ? 119 LEU A HG   1 
ATOM 1057 H HD11 . LEU A 1 73 ? -1.568  -0.390  -2.972  1.00 0.00  ? 119 LEU A HD11 1 
ATOM 1058 H HD12 . LEU A 1 73 ? -1.153  -0.172  -1.272  1.00 0.00  ? 119 LEU A HD12 1 
ATOM 1059 H HD13 . LEU A 1 73 ? -0.967  -1.754  -2.030  1.00 0.00  ? 119 LEU A HD13 1 
ATOM 1060 H HD21 . LEU A 1 73 ? -0.188  1.046   -4.060  1.00 0.00  ? 119 LEU A HD21 1 
ATOM 1061 H HD22 . LEU A 1 73 ? 1.528   1.219   -3.693  1.00 0.00  ? 119 LEU A HD22 1 
ATOM 1062 H HD23 . LEU A 1 73 ? 0.318   1.807   -2.552  1.00 0.00  ? 119 LEU A HD23 1 
ATOM 1063 N N    . ILE A 1 74 ? 3.606   -0.740  0.617   1.00 32.00 ? 120 ILE A N    1 
ATOM 1064 C CA   . ILE A 1 74 ? 4.236   -0.602  1.927   1.00 32.00 ? 120 ILE A CA   1 
ATOM 1065 C C    . ILE A 1 74 ? 4.974   -1.885  2.298   1.00 32.00 ? 120 ILE A C    1 
ATOM 1066 O O    . ILE A 1 74 ? 4.600   -2.979  1.876   1.00 32.00 ? 120 ILE A O    1 
ATOM 1067 C CB   . ILE A 1 74 ? 3.188   -0.301  3.001   1.00 32.00 ? 120 ILE A CB   1 
ATOM 1068 C CG1  . ILE A 1 74 ? 2.337   0.895   2.564   1.00 32.00 ? 120 ILE A CG1  1 
ATOM 1069 C CG2  . ILE A 1 74 ? 3.886   0.031   4.322   1.00 32.00 ? 120 ILE A CG2  1 
ATOM 1070 C CD1  . ILE A 1 74 ? 1.186   1.089   3.553   1.00 32.00 ? 120 ILE A CD1  1 
ATOM 1071 H H    . ILE A 1 74 ? 3.186   -1.591  0.370   1.00 0.00  ? 120 ILE A H    1 
ATOM 1072 H HA   . ILE A 1 74 ? 4.945   0.212   1.891   1.00 0.00  ? 120 ILE A HA   1 
ATOM 1073 H HB   . ILE A 1 74 ? 2.554   -1.166  3.137   1.00 0.00  ? 120 ILE A HB   1 
ATOM 1074 H HG12 . ILE A 1 74 ? 2.950   1.784   2.544   1.00 0.00  ? 120 ILE A HG12 1 
ATOM 1075 H HG13 . ILE A 1 74 ? 1.936   0.711   1.579   1.00 0.00  ? 120 ILE A HG13 1 
ATOM 1076 H HG21 . ILE A 1 74 ? 4.769   0.619   4.124   1.00 0.00  ? 120 ILE A HG21 1 
ATOM 1077 H HG22 . ILE A 1 74 ? 4.168   -0.886  4.820   1.00 0.00  ? 120 ILE A HG22 1 
ATOM 1078 H HG23 . ILE A 1 74 ? 3.213   0.592   4.954   1.00 0.00  ? 120 ILE A HG23 1 
ATOM 1079 H HD11 . ILE A 1 74 ? 0.311   0.567   3.195   1.00 0.00  ? 120 ILE A HD11 1 
ATOM 1080 H HD12 . ILE A 1 74 ? 0.964   2.143   3.643   1.00 0.00  ? 120 ILE A HD12 1 
ATOM 1081 H HD13 . ILE A 1 74 ? 1.469   0.697   4.518   1.00 0.00  ? 120 ILE A HD13 1 
ATOM 1082 N N    . LYS A 1 75 ? 6.027   -1.736  3.097   1.00 32.00 ? 121 LYS A N    1 
ATOM 1083 C CA   . LYS A 1 75 ? 6.814   -2.888  3.527   1.00 32.00 ? 121 LYS A CA   1 
ATOM 1084 C C    . LYS A 1 75 ? 6.351   -3.361  4.901   1.00 32.00 ? 121 LYS A C    1 
ATOM 1085 O O    . LYS A 1 75 ? 6.264   -2.578  5.847   1.00 32.00 ? 121 LYS A O    1 
ATOM 1086 C CB   . LYS A 1 75 ? 8.298   -2.524  3.599   1.00 32.00 ? 121 LYS A CB   1 
ATOM 1087 C CG   . LYS A 1 75 ? 9.143   -3.759  3.278   1.00 32.00 ? 121 LYS A CG   1 
ATOM 1088 C CD   . LYS A 1 75 ? 10.596  -3.338  3.051   1.00 32.00 ? 121 LYS A CD   1 
ATOM 1089 C CE   . LYS A 1 75 ? 11.252  -4.291  2.050   1.00 32.00 ? 121 LYS A CE   1 
ATOM 1090 N NZ   . LYS A 1 75 ? 12.702  -3.987  1.881   1.00 32.00 ? 121 LYS A NZ   1 
ATOM 1091 H H    . LYS A 1 75 ? 6.276   -0.840  3.403   1.00 0.00  ? 121 LYS A H    1 
ATOM 1092 H HA   . LYS A 1 75 ? 6.683   -3.689  2.816   1.00 0.00  ? 121 LYS A HA   1 
ATOM 1093 H HB2  . LYS A 1 75 ? 8.512   -1.745  2.881   1.00 0.00  ? 121 LYS A HB2  1 
ATOM 1094 H HB3  . LYS A 1 75 ? 8.536   -2.175  4.592   1.00 0.00  ? 121 LYS A HB3  1 
ATOM 1095 H HG2  . LYS A 1 75 ? 9.093   -4.453  4.106   1.00 0.00  ? 121 LYS A HG2  1 
ATOM 1096 H HG3  . LYS A 1 75 ? 8.763   -4.234  2.387   1.00 0.00  ? 121 LYS A HG3  1 
ATOM 1097 H HD2  . LYS A 1 75 ? 10.621  -2.331  2.660   1.00 0.00  ? 121 LYS A HD2  1 
ATOM 1098 H HD3  . LYS A 1 75 ? 11.132  -3.377  3.986   1.00 0.00  ? 121 LYS A HD3  1 
ATOM 1099 H HE2  . LYS A 1 75 ? 11.145  -5.305  2.405   1.00 0.00  ? 121 LYS A HE2  1 
ATOM 1100 H HE3  . LYS A 1 75 ? 10.756  -4.197  1.095   1.00 0.00  ? 121 LYS A HE3  1 
ATOM 1101 H HZ1  . LYS A 1 75 ? 13.086  -4.549  1.097   1.00 0.00  ? 121 LYS A HZ1  1 
ATOM 1102 H HZ2  . LYS A 1 75 ? 13.209  -4.223  2.760   1.00 0.00  ? 121 LYS A HZ2  1 
ATOM 1103 H HZ3  . LYS A 1 75 ? 12.822  -2.976  1.671   1.00 0.00  ? 121 LYS A HZ3  1 
ATOM 1104 N N    . ILE A 1 76 ? 6.055   -4.654  4.999   1.00 32.00 ? 122 ILE A N    1 
ATOM 1105 C CA   . ILE A 1 76 ? 5.598   -5.225  6.263   1.00 32.00 ? 122 ILE A CA   1 
ATOM 1106 C C    . ILE A 1 76 ? 6.695   -6.079  6.890   1.00 32.00 ? 122 ILE A C    1 
ATOM 1107 O O    . ILE A 1 76 ? 7.474   -6.727  6.190   1.00 32.00 ? 122 ILE A O    1 
ATOM 1108 C CB   . ILE A 1 76 ? 4.354   -6.094  6.043   1.00 32.00 ? 122 ILE A CB   1 
ATOM 1109 C CG1  . ILE A 1 76 ? 3.299   -5.307  5.246   1.00 32.00 ? 122 ILE A CG1  1 
ATOM 1110 C CG2  . ILE A 1 76 ? 3.773   -6.512  7.397   1.00 32.00 ? 122 ILE A CG2  1 
ATOM 1111 C CD1  . ILE A 1 76 ? 2.889   -4.039  6.006   1.00 32.00 ? 122 ILE A CD1  1 
ATOM 1112 H H    . ILE A 1 76 ? 6.141   -5.231  4.212   1.00 0.00  ? 122 ILE A H    1 
ATOM 1113 H HA   . ILE A 1 76 ? 5.347   -4.423  6.941   1.00 0.00  ? 122 ILE A HA   1 
ATOM 1114 H HB   . ILE A 1 76 ? 4.635   -6.979  5.490   1.00 0.00  ? 122 ILE A HB   1 
ATOM 1115 H HG12 . ILE A 1 76 ? 3.710   -5.031  4.286   1.00 0.00  ? 122 ILE A HG12 1 
ATOM 1116 H HG13 . ILE A 1 76 ? 2.429   -5.929  5.095   1.00 0.00  ? 122 ILE A HG13 1 
ATOM 1117 H HG21 . ILE A 1 76 ? 2.982   -7.231  7.243   1.00 0.00  ? 122 ILE A HG21 1 
ATOM 1118 H HG22 . ILE A 1 76 ? 3.378   -5.644  7.902   1.00 0.00  ? 122 ILE A HG22 1 
ATOM 1119 H HG23 . ILE A 1 76 ? 4.551   -6.958  8.000   1.00 0.00  ? 122 ILE A HG23 1 
ATOM 1120 H HD11 . ILE A 1 76 ? 3.734   -3.370  6.075   1.00 0.00  ? 122 ILE A HD11 1 
ATOM 1121 H HD12 . ILE A 1 76 ? 2.561   -4.306  7.001   1.00 0.00  ? 122 ILE A HD12 1 
ATOM 1122 H HD13 . ILE A 1 76 ? 2.084   -3.549  5.481   1.00 0.00  ? 122 ILE A HD13 1 
ATOM 1123 N N    . GLY A 1 77 ? 6.748   -6.071  8.220   1.00 32.00 ? 123 GLY A N    1 
ATOM 1124 C CA   . GLY A 1 77 ? 7.754   -6.849  8.937   1.00 32.00 ? 123 GLY A CA   1 
ATOM 1125 C C    . GLY A 1 77 ? 7.528   -6.765  10.443  1.00 32.00 ? 123 GLY A C    1 
ATOM 1126 O O    . GLY A 1 77 ? 6.765   -7.568  10.953  1.00 0.00  ? 123 GLY A O    1 
ATOM 1127 O OXT  . GLY A 1 77 ? 8.122   -5.899  11.064  1.00 0.00  ? 123 GLY A OXT  1 
ATOM 1128 H H    . GLY A 1 77 ? 6.101   -5.535  8.724   1.00 0.00  ? 123 GLY A H    1 
ATOM 1129 H HA2  . GLY A 1 77 ? 7.695   -7.881  8.624   1.00 0.00  ? 123 GLY A HA2  1 
ATOM 1130 H HA3  . GLY A 1 77 ? 8.734   -6.461  8.705   1.00 0.00  ? 123 GLY A HA3  1 
# 
